data_1C3G
# 
_entry.id   1C3G 
# 
_audit_conform.dict_name       mmcif_pdbx.dic 
_audit_conform.dict_version    5.385 
_audit_conform.dict_location   http://mmcif.pdb.org/dictionaries/ascii/mmcif_pdbx.dic 
# 
loop_
_database_2.database_id 
_database_2.database_code 
_database_2.pdbx_database_accession 
_database_2.pdbx_DOI 
PDB   1C3G         pdb_00001c3g 10.2210/pdb1c3g/pdb 
RCSB  RCSB009415   ?            ?                   
WWPDB D_1000009415 ?            ?                   
# 
loop_
_pdbx_audit_revision_history.ordinal 
_pdbx_audit_revision_history.data_content_type 
_pdbx_audit_revision_history.major_revision 
_pdbx_audit_revision_history.minor_revision 
_pdbx_audit_revision_history.revision_date 
1 'Structure model' 1 0 2000-08-03 
2 'Structure model' 1 1 2008-04-27 
3 'Structure model' 1 2 2011-07-13 
4 'Structure model' 1 3 2018-01-31 
5 'Structure model' 1 4 2024-02-07 
# 
_pdbx_audit_revision_details.ordinal             1 
_pdbx_audit_revision_details.revision_ordinal    1 
_pdbx_audit_revision_details.data_content_type   'Structure model' 
_pdbx_audit_revision_details.provider            repository 
_pdbx_audit_revision_details.type                'Initial release' 
_pdbx_audit_revision_details.description         ? 
_pdbx_audit_revision_details.details             ? 
# 
loop_
_pdbx_audit_revision_group.ordinal 
_pdbx_audit_revision_group.revision_ordinal 
_pdbx_audit_revision_group.data_content_type 
_pdbx_audit_revision_group.group 
1 2 'Structure model' 'Version format compliance' 
2 3 'Structure model' 'Version format compliance' 
3 4 'Structure model' 'Experimental preparation'  
4 5 'Structure model' 'Data collection'           
5 5 'Structure model' 'Database references'       
# 
loop_
_pdbx_audit_revision_category.ordinal 
_pdbx_audit_revision_category.revision_ordinal 
_pdbx_audit_revision_category.data_content_type 
_pdbx_audit_revision_category.category 
1 4 'Structure model' exptl_crystal_grow 
2 5 'Structure model' chem_comp_atom     
3 5 'Structure model' chem_comp_bond     
4 5 'Structure model' database_2         
# 
loop_
_pdbx_audit_revision_item.ordinal 
_pdbx_audit_revision_item.revision_ordinal 
_pdbx_audit_revision_item.data_content_type 
_pdbx_audit_revision_item.item 
1 4 'Structure model' '_exptl_crystal_grow.temp'            
2 5 'Structure model' '_database_2.pdbx_DOI'                
3 5 'Structure model' '_database_2.pdbx_database_accession' 
# 
_pdbx_database_status.status_code                     REL 
_pdbx_database_status.entry_id                        1C3G 
_pdbx_database_status.recvd_initial_deposition_date   1999-07-27 
_pdbx_database_status.deposit_site                    RCSB 
_pdbx_database_status.process_site                    RCSB 
_pdbx_database_status.status_code_sf                  REL 
_pdbx_database_status.SG_entry                        . 
_pdbx_database_status.pdb_format_compatible           Y 
_pdbx_database_status.status_code_mr                  ? 
_pdbx_database_status.status_code_cs                  ? 
_pdbx_database_status.methods_development_category    ? 
_pdbx_database_status.status_code_nmr_data            ? 
# 
loop_
_audit_author.name 
_audit_author.pdbx_ordinal 
'Sha, B.' 1 
'Lee, S.' 2 
'Cyr, D.' 3 
# 
_citation.id                        primary 
_citation.title                     'The crystal structure of the peptide-binding fragment from the yeast Hsp40 protein Sis1.' 
_citation.journal_abbrev            Structure 
_citation.journal_volume            8 
_citation.page_first                799 
_citation.page_last                 807 
_citation.year                      2000 
_citation.journal_id_ASTM           STRUE6 
_citation.country                   UK 
_citation.journal_id_ISSN           0969-2126 
_citation.journal_id_CSD            2005 
_citation.book_publisher            ? 
_citation.pdbx_database_id_PubMed   10997899 
_citation.pdbx_database_id_DOI      10.1107/S090744499900476X 
# 
loop_
_citation_author.citation_id 
_citation_author.name 
_citation_author.ordinal 
_citation_author.identifier_ORCID 
primary 'Sha, B.'   1 ? 
primary 'Lee, S.'   2 ? 
primary 'Cyr, D.M.' 3 ? 
# 
loop_
_entity.id 
_entity.type 
_entity.src_method 
_entity.pdbx_description 
_entity.formula_weight 
_entity.pdbx_number_of_molecules 
_entity.pdbx_ec 
_entity.pdbx_mutation 
_entity.pdbx_fragment 
_entity.details 
1 polymer man 'HEAT SHOCK PROTEIN 40' 19097.801 1  ? ? 'SIS1 C-TERMINAL PEPTIDE-BINDING DOMAIN' 'MOLECULAR CHAPERONE' 
2 water   nat water                   18.015    33 ? ? ?                                        ?                     
# 
_entity_poly.entity_id                      1 
_entity_poly.type                           'polypeptide(L)' 
_entity_poly.nstd_linkage                   no 
_entity_poly.nstd_monomer                   no 
_entity_poly.pdbx_seq_one_letter_code       
;ETVQVNLPVSLEDLFVGKKKSFKIGRKGPHGASEKTQIDIQLKPGWKAGTKITYKNQGDYNPQTGRRKTLQFVIQEKSHP
NFKRDGDDLIYTLPLSFKESLLGFSKTIQTIDGRTLPLSRVQPVQPSQTSTYPGQGMPTPKNPSQRGNLIVKYKVDYPIS
LNDAQKRAID
;
_entity_poly.pdbx_seq_one_letter_code_can   
;ETVQVNLPVSLEDLFVGKKKSFKIGRKGPHGASEKTQIDIQLKPGWKAGTKITYKNQGDYNPQTGRRKTLQFVIQEKSHP
NFKRDGDDLIYTLPLSFKESLLGFSKTIQTIDGRTLPLSRVQPVQPSQTSTYPGQGMPTPKNPSQRGNLIVKYKVDYPIS
LNDAQKRAID
;
_entity_poly.pdbx_strand_id                 A 
_entity_poly.pdbx_target_identifier         ? 
# 
_pdbx_entity_nonpoly.entity_id   2 
_pdbx_entity_nonpoly.name        water 
_pdbx_entity_nonpoly.comp_id     HOH 
# 
loop_
_entity_poly_seq.entity_id 
_entity_poly_seq.num 
_entity_poly_seq.mon_id 
_entity_poly_seq.hetero 
1 1   GLU n 
1 2   THR n 
1 3   VAL n 
1 4   GLN n 
1 5   VAL n 
1 6   ASN n 
1 7   LEU n 
1 8   PRO n 
1 9   VAL n 
1 10  SER n 
1 11  LEU n 
1 12  GLU n 
1 13  ASP n 
1 14  LEU n 
1 15  PHE n 
1 16  VAL n 
1 17  GLY n 
1 18  LYS n 
1 19  LYS n 
1 20  LYS n 
1 21  SER n 
1 22  PHE n 
1 23  LYS n 
1 24  ILE n 
1 25  GLY n 
1 26  ARG n 
1 27  LYS n 
1 28  GLY n 
1 29  PRO n 
1 30  HIS n 
1 31  GLY n 
1 32  ALA n 
1 33  SER n 
1 34  GLU n 
1 35  LYS n 
1 36  THR n 
1 37  GLN n 
1 38  ILE n 
1 39  ASP n 
1 40  ILE n 
1 41  GLN n 
1 42  LEU n 
1 43  LYS n 
1 44  PRO n 
1 45  GLY n 
1 46  TRP n 
1 47  LYS n 
1 48  ALA n 
1 49  GLY n 
1 50  THR n 
1 51  LYS n 
1 52  ILE n 
1 53  THR n 
1 54  TYR n 
1 55  LYS n 
1 56  ASN n 
1 57  GLN n 
1 58  GLY n 
1 59  ASP n 
1 60  TYR n 
1 61  ASN n 
1 62  PRO n 
1 63  GLN n 
1 64  THR n 
1 65  GLY n 
1 66  ARG n 
1 67  ARG n 
1 68  LYS n 
1 69  THR n 
1 70  LEU n 
1 71  GLN n 
1 72  PHE n 
1 73  VAL n 
1 74  ILE n 
1 75  GLN n 
1 76  GLU n 
1 77  LYS n 
1 78  SER n 
1 79  HIS n 
1 80  PRO n 
1 81  ASN n 
1 82  PHE n 
1 83  LYS n 
1 84  ARG n 
1 85  ASP n 
1 86  GLY n 
1 87  ASP n 
1 88  ASP n 
1 89  LEU n 
1 90  ILE n 
1 91  TYR n 
1 92  THR n 
1 93  LEU n 
1 94  PRO n 
1 95  LEU n 
1 96  SER n 
1 97  PHE n 
1 98  LYS n 
1 99  GLU n 
1 100 SER n 
1 101 LEU n 
1 102 LEU n 
1 103 GLY n 
1 104 PHE n 
1 105 SER n 
1 106 LYS n 
1 107 THR n 
1 108 ILE n 
1 109 GLN n 
1 110 THR n 
1 111 ILE n 
1 112 ASP n 
1 113 GLY n 
1 114 ARG n 
1 115 THR n 
1 116 LEU n 
1 117 PRO n 
1 118 LEU n 
1 119 SER n 
1 120 ARG n 
1 121 VAL n 
1 122 GLN n 
1 123 PRO n 
1 124 VAL n 
1 125 GLN n 
1 126 PRO n 
1 127 SER n 
1 128 GLN n 
1 129 THR n 
1 130 SER n 
1 131 THR n 
1 132 TYR n 
1 133 PRO n 
1 134 GLY n 
1 135 GLN n 
1 136 GLY n 
1 137 MET n 
1 138 PRO n 
1 139 THR n 
1 140 PRO n 
1 141 LYS n 
1 142 ASN n 
1 143 PRO n 
1 144 SER n 
1 145 GLN n 
1 146 ARG n 
1 147 GLY n 
1 148 ASN n 
1 149 LEU n 
1 150 ILE n 
1 151 VAL n 
1 152 LYS n 
1 153 TYR n 
1 154 LYS n 
1 155 VAL n 
1 156 ASP n 
1 157 TYR n 
1 158 PRO n 
1 159 ILE n 
1 160 SER n 
1 161 LEU n 
1 162 ASN n 
1 163 ASP n 
1 164 ALA n 
1 165 GLN n 
1 166 LYS n 
1 167 ARG n 
1 168 ALA n 
1 169 ILE n 
1 170 ASP n 
# 
_entity_src_gen.entity_id                          1 
_entity_src_gen.pdbx_src_id                        1 
_entity_src_gen.pdbx_alt_source_flag               sample 
_entity_src_gen.pdbx_seq_type                      ? 
_entity_src_gen.pdbx_beg_seq_num                   ? 
_entity_src_gen.pdbx_end_seq_num                   ? 
_entity_src_gen.gene_src_common_name               
;baker's yeast
;
_entity_src_gen.gene_src_genus                     Saccharomyces 
_entity_src_gen.pdbx_gene_src_gene                 ? 
_entity_src_gen.gene_src_species                   ? 
_entity_src_gen.gene_src_strain                    ? 
_entity_src_gen.gene_src_tissue                    ? 
_entity_src_gen.gene_src_tissue_fraction           ? 
_entity_src_gen.gene_src_details                   ? 
_entity_src_gen.pdbx_gene_src_fragment             ? 
_entity_src_gen.pdbx_gene_src_scientific_name      'Saccharomyces cerevisiae' 
_entity_src_gen.pdbx_gene_src_ncbi_taxonomy_id     4932 
_entity_src_gen.pdbx_gene_src_variant              ? 
_entity_src_gen.pdbx_gene_src_cell_line            ? 
_entity_src_gen.pdbx_gene_src_atcc                 ? 
_entity_src_gen.pdbx_gene_src_organ                ? 
_entity_src_gen.pdbx_gene_src_organelle            ? 
_entity_src_gen.pdbx_gene_src_cell                 ? 
_entity_src_gen.pdbx_gene_src_cellular_location    ? 
_entity_src_gen.host_org_common_name               ? 
_entity_src_gen.pdbx_host_org_scientific_name      'Escherichia coli' 
_entity_src_gen.pdbx_host_org_ncbi_taxonomy_id     562 
_entity_src_gen.host_org_genus                     Escherichia 
_entity_src_gen.pdbx_host_org_gene                 ? 
_entity_src_gen.pdbx_host_org_organ                ? 
_entity_src_gen.host_org_species                   ? 
_entity_src_gen.pdbx_host_org_tissue               ? 
_entity_src_gen.pdbx_host_org_tissue_fraction      ? 
_entity_src_gen.pdbx_host_org_strain               ? 
_entity_src_gen.pdbx_host_org_variant              ? 
_entity_src_gen.pdbx_host_org_cell_line            ? 
_entity_src_gen.pdbx_host_org_atcc                 ? 
_entity_src_gen.pdbx_host_org_culture_collection   ? 
_entity_src_gen.pdbx_host_org_cell                 ? 
_entity_src_gen.pdbx_host_org_organelle            ? 
_entity_src_gen.pdbx_host_org_cellular_location    ? 
_entity_src_gen.pdbx_host_org_vector_type          PLASMID 
_entity_src_gen.pdbx_host_org_vector               ? 
_entity_src_gen.host_org_details                   ? 
_entity_src_gen.expression_system_id               ? 
_entity_src_gen.plasmid_name                       PET9D 
_entity_src_gen.plasmid_details                    ? 
_entity_src_gen.pdbx_description                   ? 
# 
loop_
_chem_comp.id 
_chem_comp.type 
_chem_comp.mon_nstd_flag 
_chem_comp.name 
_chem_comp.pdbx_synonyms 
_chem_comp.formula 
_chem_comp.formula_weight 
ALA 'L-peptide linking' y ALANINE         ? 'C3 H7 N O2'     89.093  
ARG 'L-peptide linking' y ARGININE        ? 'C6 H15 N4 O2 1' 175.209 
ASN 'L-peptide linking' y ASPARAGINE      ? 'C4 H8 N2 O3'    132.118 
ASP 'L-peptide linking' y 'ASPARTIC ACID' ? 'C4 H7 N O4'     133.103 
GLN 'L-peptide linking' y GLUTAMINE       ? 'C5 H10 N2 O3'   146.144 
GLU 'L-peptide linking' y 'GLUTAMIC ACID' ? 'C5 H9 N O4'     147.129 
GLY 'peptide linking'   y GLYCINE         ? 'C2 H5 N O2'     75.067  
HIS 'L-peptide linking' y HISTIDINE       ? 'C6 H10 N3 O2 1' 156.162 
HOH non-polymer         . WATER           ? 'H2 O'           18.015  
ILE 'L-peptide linking' y ISOLEUCINE      ? 'C6 H13 N O2'    131.173 
LEU 'L-peptide linking' y LEUCINE         ? 'C6 H13 N O2'    131.173 
LYS 'L-peptide linking' y LYSINE          ? 'C6 H15 N2 O2 1' 147.195 
MET 'L-peptide linking' y METHIONINE      ? 'C5 H11 N O2 S'  149.211 
PHE 'L-peptide linking' y PHENYLALANINE   ? 'C9 H11 N O2'    165.189 
PRO 'L-peptide linking' y PROLINE         ? 'C5 H9 N O2'     115.130 
SER 'L-peptide linking' y SERINE          ? 'C3 H7 N O3'     105.093 
THR 'L-peptide linking' y THREONINE       ? 'C4 H9 N O3'     119.119 
TRP 'L-peptide linking' y TRYPTOPHAN      ? 'C11 H12 N2 O2'  204.225 
TYR 'L-peptide linking' y TYROSINE        ? 'C9 H11 N O3'    181.189 
VAL 'L-peptide linking' y VALINE          ? 'C5 H11 N O2'    117.146 
# 
loop_
_pdbx_poly_seq_scheme.asym_id 
_pdbx_poly_seq_scheme.entity_id 
_pdbx_poly_seq_scheme.seq_id 
_pdbx_poly_seq_scheme.mon_id 
_pdbx_poly_seq_scheme.ndb_seq_num 
_pdbx_poly_seq_scheme.pdb_seq_num 
_pdbx_poly_seq_scheme.auth_seq_num 
_pdbx_poly_seq_scheme.pdb_mon_id 
_pdbx_poly_seq_scheme.auth_mon_id 
_pdbx_poly_seq_scheme.pdb_strand_id 
_pdbx_poly_seq_scheme.pdb_ins_code 
_pdbx_poly_seq_scheme.hetero 
A 1 1   GLU 1   180 180 GLU GLU A . n 
A 1 2   THR 2   181 181 THR THR A . n 
A 1 3   VAL 3   182 182 VAL VAL A . n 
A 1 4   GLN 4   183 183 GLN GLN A . n 
A 1 5   VAL 5   184 184 VAL VAL A . n 
A 1 6   ASN 6   185 185 ASN ASN A . n 
A 1 7   LEU 7   186 186 LEU LEU A . n 
A 1 8   PRO 8   187 187 PRO PRO A . n 
A 1 9   VAL 9   188 188 VAL VAL A . n 
A 1 10  SER 10  189 189 SER SER A . n 
A 1 11  LEU 11  190 190 LEU LEU A . n 
A 1 12  GLU 12  191 191 GLU GLU A . n 
A 1 13  ASP 13  192 192 ASP ASP A . n 
A 1 14  LEU 14  193 193 LEU LEU A . n 
A 1 15  PHE 15  194 194 PHE PHE A . n 
A 1 16  VAL 16  195 195 VAL VAL A . n 
A 1 17  GLY 17  196 196 GLY GLY A . n 
A 1 18  LYS 18  197 197 LYS LYS A . n 
A 1 19  LYS 19  198 198 LYS LYS A . n 
A 1 20  LYS 20  199 199 LYS LYS A . n 
A 1 21  SER 21  200 200 SER SER A . n 
A 1 22  PHE 22  201 201 PHE PHE A . n 
A 1 23  LYS 23  202 202 LYS LYS A . n 
A 1 24  ILE 24  203 203 ILE ILE A . n 
A 1 25  GLY 25  204 204 GLY GLY A . n 
A 1 26  ARG 26  205 205 ARG ARG A . n 
A 1 27  LYS 27  206 206 LYS LYS A . n 
A 1 28  GLY 28  207 207 GLY GLY A . n 
A 1 29  PRO 29  208 208 PRO PRO A . n 
A 1 30  HIS 30  209 209 HIS HIS A . n 
A 1 31  GLY 31  210 210 GLY GLY A . n 
A 1 32  ALA 32  211 211 ALA ALA A . n 
A 1 33  SER 33  212 212 SER SER A . n 
A 1 34  GLU 34  213 213 GLU GLU A . n 
A 1 35  LYS 35  214 214 LYS LYS A . n 
A 1 36  THR 36  215 215 THR THR A . n 
A 1 37  GLN 37  216 216 GLN GLN A . n 
A 1 38  ILE 38  217 217 ILE ILE A . n 
A 1 39  ASP 39  218 218 ASP ASP A . n 
A 1 40  ILE 40  219 219 ILE ILE A . n 
A 1 41  GLN 41  220 220 GLN GLN A . n 
A 1 42  LEU 42  221 221 LEU LEU A . n 
A 1 43  LYS 43  222 222 LYS LYS A . n 
A 1 44  PRO 44  223 223 PRO PRO A . n 
A 1 45  GLY 45  224 224 GLY GLY A . n 
A 1 46  TRP 46  225 225 TRP TRP A . n 
A 1 47  LYS 47  226 226 LYS LYS A . n 
A 1 48  ALA 48  227 227 ALA ALA A . n 
A 1 49  GLY 49  228 228 GLY GLY A . n 
A 1 50  THR 50  229 229 THR THR A . n 
A 1 51  LYS 51  230 230 LYS LYS A . n 
A 1 52  ILE 52  231 231 ILE ILE A . n 
A 1 53  THR 53  232 232 THR THR A . n 
A 1 54  TYR 54  233 233 TYR TYR A . n 
A 1 55  LYS 55  234 234 LYS LYS A . n 
A 1 56  ASN 56  235 235 ASN ASN A . n 
A 1 57  GLN 57  236 236 GLN GLN A . n 
A 1 58  GLY 58  237 237 GLY GLY A . n 
A 1 59  ASP 59  238 238 ASP ASP A . n 
A 1 60  TYR 60  239 239 TYR TYR A . n 
A 1 61  ASN 61  240 240 ASN ASN A . n 
A 1 62  PRO 62  241 241 PRO PRO A . n 
A 1 63  GLN 63  242 242 GLN GLN A . n 
A 1 64  THR 64  243 243 THR THR A . n 
A 1 65  GLY 65  244 244 GLY GLY A . n 
A 1 66  ARG 66  245 245 ARG ARG A . n 
A 1 67  ARG 67  246 246 ARG ARG A . n 
A 1 68  LYS 68  247 247 LYS LYS A . n 
A 1 69  THR 69  248 248 THR THR A . n 
A 1 70  LEU 70  249 249 LEU LEU A . n 
A 1 71  GLN 71  250 250 GLN GLN A . n 
A 1 72  PHE 72  251 251 PHE PHE A . n 
A 1 73  VAL 73  252 252 VAL VAL A . n 
A 1 74  ILE 74  253 253 ILE ILE A . n 
A 1 75  GLN 75  254 254 GLN GLN A . n 
A 1 76  GLU 76  255 255 GLU GLU A . n 
A 1 77  LYS 77  256 256 LYS LYS A . n 
A 1 78  SER 78  257 257 SER SER A . n 
A 1 79  HIS 79  258 258 HIS HIS A . n 
A 1 80  PRO 80  259 259 PRO PRO A . n 
A 1 81  ASN 81  260 260 ASN ASN A . n 
A 1 82  PHE 82  261 261 PHE PHE A . n 
A 1 83  LYS 83  262 262 LYS LYS A . n 
A 1 84  ARG 84  263 263 ARG ARG A . n 
A 1 85  ASP 85  264 264 ASP ASP A . n 
A 1 86  GLY 86  265 265 GLY GLY A . n 
A 1 87  ASP 87  266 266 ASP ASP A . n 
A 1 88  ASP 88  267 267 ASP ASP A . n 
A 1 89  LEU 89  268 268 LEU LEU A . n 
A 1 90  ILE 90  269 269 ILE ILE A . n 
A 1 91  TYR 91  270 270 TYR TYR A . n 
A 1 92  THR 92  271 271 THR THR A . n 
A 1 93  LEU 93  272 272 LEU LEU A . n 
A 1 94  PRO 94  273 273 PRO PRO A . n 
A 1 95  LEU 95  274 274 LEU LEU A . n 
A 1 96  SER 96  275 275 SER SER A . n 
A 1 97  PHE 97  276 276 PHE PHE A . n 
A 1 98  LYS 98  277 277 LYS LYS A . n 
A 1 99  GLU 99  278 278 GLU GLU A . n 
A 1 100 SER 100 279 279 SER SER A . n 
A 1 101 LEU 101 280 280 LEU LEU A . n 
A 1 102 LEU 102 281 281 LEU LEU A . n 
A 1 103 GLY 103 282 282 GLY GLY A . n 
A 1 104 PHE 104 283 283 PHE PHE A . n 
A 1 105 SER 105 284 284 SER SER A . n 
A 1 106 LYS 106 285 285 LYS LYS A . n 
A 1 107 THR 107 286 286 THR THR A . n 
A 1 108 ILE 108 287 287 ILE ILE A . n 
A 1 109 GLN 109 288 288 GLN GLN A . n 
A 1 110 THR 110 289 289 THR THR A . n 
A 1 111 ILE 111 290 290 ILE ILE A . n 
A 1 112 ASP 112 291 291 ASP ASP A . n 
A 1 113 GLY 113 292 292 GLY GLY A . n 
A 1 114 ARG 114 293 293 ARG ARG A . n 
A 1 115 THR 115 294 294 THR THR A . n 
A 1 116 LEU 116 295 295 LEU LEU A . n 
A 1 117 PRO 117 296 296 PRO PRO A . n 
A 1 118 LEU 118 297 297 LEU LEU A . n 
A 1 119 SER 119 298 298 SER SER A . n 
A 1 120 ARG 120 299 299 ARG ARG A . n 
A 1 121 VAL 121 300 300 VAL VAL A . n 
A 1 122 GLN 122 301 301 GLN GLN A . n 
A 1 123 PRO 123 302 302 PRO PRO A . n 
A 1 124 VAL 124 303 303 VAL VAL A . n 
A 1 125 GLN 125 304 304 GLN GLN A . n 
A 1 126 PRO 126 305 305 PRO PRO A . n 
A 1 127 SER 127 306 306 SER SER A . n 
A 1 128 GLN 128 307 307 GLN GLN A . n 
A 1 129 THR 129 308 308 THR THR A . n 
A 1 130 SER 130 309 309 SER SER A . n 
A 1 131 THR 131 310 310 THR THR A . n 
A 1 132 TYR 132 311 311 TYR TYR A . n 
A 1 133 PRO 133 312 312 PRO PRO A . n 
A 1 134 GLY 134 313 313 GLY GLY A . n 
A 1 135 GLN 135 314 314 GLN GLN A . n 
A 1 136 GLY 136 315 315 GLY GLY A . n 
A 1 137 MET 137 316 316 MET MET A . n 
A 1 138 PRO 138 317 317 PRO PRO A . n 
A 1 139 THR 139 318 318 THR THR A . n 
A 1 140 PRO 140 319 319 PRO PRO A . n 
A 1 141 LYS 141 320 320 LYS LYS A . n 
A 1 142 ASN 142 321 321 ASN ASN A . n 
A 1 143 PRO 143 322 322 PRO PRO A . n 
A 1 144 SER 144 323 323 SER SER A . n 
A 1 145 GLN 145 324 324 GLN GLN A . n 
A 1 146 ARG 146 325 325 ARG ARG A . n 
A 1 147 GLY 147 326 326 GLY GLY A . n 
A 1 148 ASN 148 327 327 ASN ASN A . n 
A 1 149 LEU 149 328 328 LEU LEU A . n 
A 1 150 ILE 150 329 329 ILE ILE A . n 
A 1 151 VAL 151 330 330 VAL VAL A . n 
A 1 152 LYS 152 331 331 LYS LYS A . n 
A 1 153 TYR 153 332 332 TYR TYR A . n 
A 1 154 LYS 154 333 333 LYS LYS A . n 
A 1 155 VAL 155 334 334 VAL VAL A . n 
A 1 156 ASP 156 335 335 ASP ASP A . n 
A 1 157 TYR 157 336 336 TYR TYR A . n 
A 1 158 PRO 158 337 337 PRO PRO A . n 
A 1 159 ILE 159 338 338 ILE ILE A . n 
A 1 160 SER 160 339 339 SER SER A . n 
A 1 161 LEU 161 340 340 LEU LEU A . n 
A 1 162 ASN 162 341 341 ASN ASN A . n 
A 1 163 ASP 163 342 342 ASP ASP A . n 
A 1 164 ALA 164 343 343 ALA ALA A . n 
A 1 165 GLN 165 344 344 GLN GLN A . n 
A 1 166 LYS 166 345 345 LYS LYS A . n 
A 1 167 ARG 167 346 346 ARG ARG A . n 
A 1 168 ALA 168 347 347 ALA ALA A . n 
A 1 169 ILE 169 348 348 ILE ILE A . n 
A 1 170 ASP 170 349 349 ASP ASP A . n 
# 
loop_
_pdbx_nonpoly_scheme.asym_id 
_pdbx_nonpoly_scheme.entity_id 
_pdbx_nonpoly_scheme.mon_id 
_pdbx_nonpoly_scheme.ndb_seq_num 
_pdbx_nonpoly_scheme.pdb_seq_num 
_pdbx_nonpoly_scheme.auth_seq_num 
_pdbx_nonpoly_scheme.pdb_mon_id 
_pdbx_nonpoly_scheme.auth_mon_id 
_pdbx_nonpoly_scheme.pdb_strand_id 
_pdbx_nonpoly_scheme.pdb_ins_code 
B 2 HOH 1  1  1  HOH HOH A . 
B 2 HOH 2  2  2  HOH HOH A . 
B 2 HOH 3  3  3  HOH HOH A . 
B 2 HOH 4  4  4  HOH HOH A . 
B 2 HOH 5  5  5  HOH HOH A . 
B 2 HOH 6  6  6  HOH HOH A . 
B 2 HOH 7  7  7  HOH HOH A . 
B 2 HOH 8  8  8  HOH HOH A . 
B 2 HOH 9  9  9  HOH HOH A . 
B 2 HOH 10 10 10 HOH HOH A . 
B 2 HOH 11 11 11 HOH HOH A . 
B 2 HOH 12 12 12 HOH HOH A . 
B 2 HOH 13 13 13 HOH HOH A . 
B 2 HOH 14 14 14 HOH HOH A . 
B 2 HOH 15 15 15 HOH HOH A . 
B 2 HOH 16 16 16 HOH HOH A . 
B 2 HOH 17 17 17 HOH HOH A . 
B 2 HOH 18 18 18 HOH HOH A . 
B 2 HOH 19 19 19 HOH HOH A . 
B 2 HOH 20 20 20 HOH HOH A . 
B 2 HOH 21 21 21 HOH HOH A . 
B 2 HOH 22 22 22 HOH HOH A . 
B 2 HOH 23 23 23 HOH HOH A . 
B 2 HOH 24 24 24 HOH HOH A . 
B 2 HOH 25 25 25 HOH HOH A . 
B 2 HOH 26 26 26 HOH HOH A . 
B 2 HOH 27 27 27 HOH HOH A . 
B 2 HOH 28 28 28 HOH HOH A . 
B 2 HOH 29 29 29 HOH HOH A . 
B 2 HOH 30 30 30 HOH HOH A . 
B 2 HOH 31 31 31 HOH HOH A . 
B 2 HOH 32 32 32 HOH HOH A . 
B 2 HOH 33 33 33 HOH HOH A . 
# 
loop_
_software.name 
_software.classification 
_software.version 
_software.citation_id 
_software.pdbx_ordinal 
MADSYS    phasing          . ? 1 
CNS       refinement       . ? 2 
DENZO     'data reduction' . ? 3 
SCALEPACK 'data scaling'   . ? 4 
# 
_cell.entry_id           1C3G 
_cell.length_a           73.420 
_cell.length_b           73.420 
_cell.length_c           80.090 
_cell.angle_alpha        90.00 
_cell.angle_beta         90.00 
_cell.angle_gamma        90.00 
_cell.Z_PDB              8 
_cell.pdbx_unique_axis   ? 
# 
_symmetry.entry_id                         1C3G 
_symmetry.space_group_name_H-M             'P 41 21 2' 
_symmetry.pdbx_full_space_group_name_H-M   ? 
_symmetry.cell_setting                     ? 
_symmetry.Int_Tables_number                92 
# 
_exptl.entry_id          1C3G 
_exptl.method            'X-RAY DIFFRACTION' 
_exptl.crystals_number   1 
# 
_exptl_crystal.id                    1 
_exptl_crystal.density_meas          ? 
_exptl_crystal.density_Matthews      2.82 
_exptl_crystal.density_percent_sol   56.44 
_exptl_crystal.description           ? 
# 
_exptl_crystal_grow.crystal_id      1 
_exptl_crystal_grow.method          'VAPOR DIFFUSION, HANGING DROP' 
_exptl_crystal_grow.temp            298.0 
_exptl_crystal_grow.temp_details    ? 
_exptl_crystal_grow.pH              7.2 
_exptl_crystal_grow.pdbx_details    'PEG 3350 20%, pH 7.2, VAPOR DIFFUSION, HANGING DROP, temperature 25K' 
_exptl_crystal_grow.pdbx_pH_range   . 
# 
_diffrn.id                     1 
_diffrn.ambient_temp           100 
_diffrn.ambient_temp_details   ? 
_diffrn.crystal_id             1 
# 
_diffrn_detector.diffrn_id              1 
_diffrn_detector.detector               'IMAGE PLATE' 
_diffrn_detector.type                   MARRESEARCH 
_diffrn_detector.pdbx_collection_date   1998-01-01 
_diffrn_detector.details                ? 
# 
_diffrn_radiation.diffrn_id                        1 
_diffrn_radiation.wavelength_id                    1 
_diffrn_radiation.pdbx_monochromatic_or_laue_m_l   M 
_diffrn_radiation.monochromator                    ? 
_diffrn_radiation.pdbx_diffrn_protocol             'SINGLE WAVELENGTH' 
_diffrn_radiation.pdbx_scattering_type             x-ray 
# 
_diffrn_radiation_wavelength.id           1 
_diffrn_radiation_wavelength.wavelength   1.08 
_diffrn_radiation_wavelength.wt           1.0 
# 
_diffrn_source.diffrn_id                   1 
_diffrn_source.source                      SYNCHROTRON 
_diffrn_source.type                        'SSRL BEAMLINE BL7-1' 
_diffrn_source.pdbx_synchrotron_site       SSRL 
_diffrn_source.pdbx_synchrotron_beamline   BL7-1 
_diffrn_source.pdbx_wavelength             1.08 
_diffrn_source.pdbx_wavelength_list        ? 
# 
_reflns.entry_id                     1C3G 
_reflns.observed_criterion_sigma_I   2. 
_reflns.observed_criterion_sigma_F   2. 
_reflns.d_resolution_low             30 
_reflns.d_resolution_high            2.7 
_reflns.number_obs                   6347 
_reflns.number_all                   6400 
_reflns.percent_possible_obs         97 
_reflns.pdbx_Rmerge_I_obs            0.0450000 
_reflns.pdbx_Rsym_value              ? 
_reflns.pdbx_netI_over_sigmaI        20.5 
_reflns.B_iso_Wilson_estimate        70 
_reflns.pdbx_redundancy              5.5 
_reflns.R_free_details               ? 
_reflns.limit_h_max                  ? 
_reflns.limit_h_min                  ? 
_reflns.limit_k_max                  ? 
_reflns.limit_k_min                  ? 
_reflns.limit_l_max                  ? 
_reflns.limit_l_min                  ? 
_reflns.observed_criterion_F_max     ? 
_reflns.observed_criterion_F_min     ? 
_reflns.pdbx_diffrn_id               1 
_reflns.pdbx_ordinal                 1 
# 
_reflns_shell.d_res_high             2.7 
_reflns_shell.d_res_low              2.9 
_reflns_shell.percent_possible_all   98 
_reflns_shell.Rmerge_I_obs           0.3500000 
_reflns_shell.pdbx_Rsym_value        ? 
_reflns_shell.meanI_over_sigI_obs    ? 
_reflns_shell.pdbx_redundancy        3.0 
_reflns_shell.percent_possible_obs   ? 
_reflns_shell.number_unique_all      6347 
_reflns_shell.pdbx_diffrn_id         ? 
_reflns_shell.pdbx_ordinal           1 
# 
_refine.entry_id                                 1C3G 
_refine.ls_number_reflns_obs                     6347 
_refine.ls_number_reflns_all                     6347 
_refine.pdbx_ls_sigma_I                          0 
_refine.pdbx_ls_sigma_F                          0 
_refine.pdbx_data_cutoff_high_absF               ? 
_refine.pdbx_data_cutoff_low_absF                ? 
_refine.ls_d_res_low                             30 
_refine.ls_d_res_high                            2.7 
_refine.ls_percent_reflns_obs                    97 
_refine.ls_R_factor_obs                          0.2650000 
_refine.ls_R_factor_all                          0.2650000 
_refine.ls_R_factor_R_work                       0.2650000 
_refine.ls_R_factor_R_free                       0.3110000 
_refine.ls_R_factor_R_free_error                 ? 
_refine.ls_R_factor_R_free_error_details         ? 
_refine.ls_percent_reflns_R_free                 ? 
_refine.ls_number_reflns_R_free                  502 
_refine.ls_number_parameters                     ? 
_refine.ls_number_restraints                     ? 
_refine.occupancy_min                            ? 
_refine.occupancy_max                            ? 
_refine.B_iso_mean                               ? 
_refine.aniso_B[1][1]                            ? 
_refine.aniso_B[2][2]                            ? 
_refine.aniso_B[3][3]                            ? 
_refine.aniso_B[1][2]                            ? 
_refine.aniso_B[1][3]                            ? 
_refine.aniso_B[2][3]                            ? 
_refine.solvent_model_details                    ? 
_refine.solvent_model_param_ksol                 ? 
_refine.solvent_model_param_bsol                 ? 
_refine.pdbx_ls_cross_valid_method               ? 
_refine.details                                  'Simulated annealing' 
_refine.pdbx_starting_model                      ? 
_refine.pdbx_method_to_determine_struct          ? 
_refine.pdbx_isotropic_thermal_model             ? 
_refine.pdbx_stereochemistry_target_values       'Engh & Huber' 
_refine.pdbx_stereochem_target_val_spec_case     ? 
_refine.pdbx_R_Free_selection_details            random 
_refine.pdbx_overall_ESU_R_Free                  ? 
_refine.overall_SU_B                             ? 
_refine.ls_redundancy_reflns_obs                 ? 
_refine.overall_SU_ML                            ? 
_refine.pdbx_overall_ESU_R                       ? 
_refine.pdbx_data_cutoff_high_rms_absF           ? 
_refine.B_iso_min                                ? 
_refine.B_iso_max                                ? 
_refine.pdbx_refine_id                           'X-RAY DIFFRACTION' 
_refine.pdbx_diffrn_id                           1 
_refine.pdbx_TLS_residual_ADP_flag               ? 
_refine.correlation_coeff_Fo_to_Fc               ? 
_refine.correlation_coeff_Fo_to_Fc_free          ? 
_refine.pdbx_solvent_vdw_probe_radii             ? 
_refine.pdbx_solvent_ion_probe_radii             ? 
_refine.pdbx_solvent_shrinkage_radii             ? 
_refine.pdbx_overall_phase_error                 ? 
_refine.overall_SU_R_Cruickshank_DPI             ? 
_refine.pdbx_overall_SU_R_free_Cruickshank_DPI   ? 
_refine.pdbx_overall_SU_R_Blow_DPI               ? 
_refine.pdbx_overall_SU_R_free_Blow_DPI          ? 
# 
_refine_hist.pdbx_refine_id                   'X-RAY DIFFRACTION' 
_refine_hist.cycle_id                         LAST 
_refine_hist.pdbx_number_atoms_protein        1346 
_refine_hist.pdbx_number_atoms_nucleic_acid   0 
_refine_hist.pdbx_number_atoms_ligand         0 
_refine_hist.number_atoms_solvent             33 
_refine_hist.number_atoms_total               1379 
_refine_hist.d_res_high                       2.7 
_refine_hist.d_res_low                        30 
# 
loop_
_refine_ls_restr.type 
_refine_ls_restr.dev_ideal 
_refine_ls_restr.dev_ideal_target 
_refine_ls_restr.weight 
_refine_ls_restr.number 
_refine_ls_restr.pdbx_refine_id 
_refine_ls_restr.pdbx_restraint_function 
c_bond_d    0.008 ? ? ? 'X-RAY DIFFRACTION' ? 
1.367       ?     ? ? ? 'X-RAY DIFFRACTION' ? 
c_angle_deg ?     ? ? ? 'X-RAY DIFFRACTION' ? 
# 
_struct.entry_id                  1C3G 
_struct.title                     'S. CEREVISIAE HEAT SHOCK PROTEIN 40 SIS1' 
_struct.pdbx_model_details        ? 
_struct.pdbx_CASP_flag            ? 
_struct.pdbx_model_type_details   ? 
# 
_struct_keywords.entry_id        1C3G 
_struct_keywords.pdbx_keywords   CHAPERONE 
_struct_keywords.text            'BETA SHEETS, SHORT HELICES, CHAPERONE' 
# 
loop_
_struct_asym.id 
_struct_asym.pdbx_blank_PDB_chainid_flag 
_struct_asym.pdbx_modified 
_struct_asym.entity_id 
_struct_asym.details 
A N N 1 ? 
B N N 2 ? 
# 
_struct_ref.id                         1 
_struct_ref.db_name                    UNP 
_struct_ref.db_code                    SIS1_YEAST 
_struct_ref.entity_id                  1 
_struct_ref.pdbx_db_accession          P25294 
_struct_ref.pdbx_align_begin           ? 
_struct_ref.pdbx_seq_one_letter_code   ? 
_struct_ref.pdbx_db_isoform            ? 
# 
_struct_ref_seq.align_id                      A 
_struct_ref_seq.ref_id                        1 
_struct_ref_seq.pdbx_PDB_id_code              1C3G 
_struct_ref_seq.pdbx_strand_id                A 
_struct_ref_seq.seq_align_beg                 1 
_struct_ref_seq.pdbx_seq_align_beg_ins_code   ? 
_struct_ref_seq.seq_align_end                 170 
_struct_ref_seq.pdbx_seq_align_end_ins_code   ? 
_struct_ref_seq.pdbx_db_accession             P25294 
_struct_ref_seq.db_align_beg                  180 
_struct_ref_seq.pdbx_db_align_beg_ins_code    ? 
_struct_ref_seq.db_align_end                  349 
_struct_ref_seq.pdbx_db_align_end_ins_code    ? 
_struct_ref_seq.pdbx_auth_seq_align_beg       180 
_struct_ref_seq.pdbx_auth_seq_align_end       349 
# 
_pdbx_struct_assembly.id                   1 
_pdbx_struct_assembly.details              author_defined_assembly 
_pdbx_struct_assembly.method_details       ? 
_pdbx_struct_assembly.oligomeric_details   dimeric 
_pdbx_struct_assembly.oligomeric_count     2 
# 
_pdbx_struct_assembly_gen.assembly_id       1 
_pdbx_struct_assembly_gen.oper_expression   1,2 
_pdbx_struct_assembly_gen.asym_id_list      A,B 
# 
loop_
_pdbx_struct_oper_list.id 
_pdbx_struct_oper_list.type 
_pdbx_struct_oper_list.name 
_pdbx_struct_oper_list.symmetry_operation 
_pdbx_struct_oper_list.matrix[1][1] 
_pdbx_struct_oper_list.matrix[1][2] 
_pdbx_struct_oper_list.matrix[1][3] 
_pdbx_struct_oper_list.vector[1] 
_pdbx_struct_oper_list.matrix[2][1] 
_pdbx_struct_oper_list.matrix[2][2] 
_pdbx_struct_oper_list.matrix[2][3] 
_pdbx_struct_oper_list.vector[2] 
_pdbx_struct_oper_list.matrix[3][1] 
_pdbx_struct_oper_list.matrix[3][2] 
_pdbx_struct_oper_list.matrix[3][3] 
_pdbx_struct_oper_list.vector[3] 
1 'identity operation'         1_555 x,y,z              1.0000000000 0.0000000000 0.0000000000  0.0000000000 0.0000000000  1.0000000000 0.0000000000 0.0000000000   0.0000000000 0.0000000000  1.0000000000 0.0000000000  
2 'crystal symmetry operation' 3_455 -y-1/2,x+1/2,z+1/4 0.2707168279 0.9174768790 -0.2914593892 1.1255106578 -0.2878730700 0.3660660472 0.8849433567 -26.3236592501 0.9186084556 -0.1556657492 0.3632171249 -7.7677051646 
# 
_struct_biol.id                    1 
_struct_biol.details               
;the biological assembly is a homodimer constructed by 
a crystallographic 2-fold.
;
_struct_biol.pdbx_parent_biol_id   ? 
# 
loop_
_struct_conf.conf_type_id 
_struct_conf.id 
_struct_conf.pdbx_PDB_helix_id 
_struct_conf.beg_label_comp_id 
_struct_conf.beg_label_asym_id 
_struct_conf.beg_label_seq_id 
_struct_conf.pdbx_beg_PDB_ins_code 
_struct_conf.end_label_comp_id 
_struct_conf.end_label_asym_id 
_struct_conf.end_label_seq_id 
_struct_conf.pdbx_end_PDB_ins_code 
_struct_conf.beg_auth_comp_id 
_struct_conf.beg_auth_asym_id 
_struct_conf.beg_auth_seq_id 
_struct_conf.end_auth_comp_id 
_struct_conf.end_auth_asym_id 
_struct_conf.end_auth_seq_id 
_struct_conf.pdbx_PDB_helix_class 
_struct_conf.details 
_struct_conf.pdbx_PDB_helix_length 
HELX_P HELX_P1 1 SER A 10  ? GLY A 17  ? SER A 189 GLY A 196 1 ? 8 
HELX_P HELX_P2 2 SER A 96  ? GLY A 103 ? SER A 275 GLY A 282 1 ? 8 
HELX_P HELX_P3 3 ALA A 164 ? ILE A 169 ? ALA A 343 ILE A 348 1 ? 6 
# 
_struct_conf_type.id          HELX_P 
_struct_conf_type.criteria    ? 
_struct_conf_type.reference   ? 
# 
loop_
_struct_sheet.id 
_struct_sheet.type 
_struct_sheet.number_strands 
_struct_sheet.details 
A ? 3 ? 
B ? 2 ? 
C ? 4 ? 
D ? 2 ? 
# 
loop_
_struct_sheet_order.sheet_id 
_struct_sheet_order.range_id_1 
_struct_sheet_order.range_id_2 
_struct_sheet_order.offset 
_struct_sheet_order.sense 
A 1 2 ? parallel      
A 2 3 ? anti-parallel 
B 1 2 ? anti-parallel 
C 1 2 ? anti-parallel 
C 2 3 ? parallel      
C 3 4 ? anti-parallel 
D 1 2 ? anti-parallel 
# 
loop_
_struct_sheet_range.sheet_id 
_struct_sheet_range.id 
_struct_sheet_range.beg_label_comp_id 
_struct_sheet_range.beg_label_asym_id 
_struct_sheet_range.beg_label_seq_id 
_struct_sheet_range.pdbx_beg_PDB_ins_code 
_struct_sheet_range.end_label_comp_id 
_struct_sheet_range.end_label_asym_id 
_struct_sheet_range.end_label_seq_id 
_struct_sheet_range.pdbx_end_PDB_ins_code 
_struct_sheet_range.beg_auth_comp_id 
_struct_sheet_range.beg_auth_asym_id 
_struct_sheet_range.beg_auth_seq_id 
_struct_sheet_range.end_auth_comp_id 
_struct_sheet_range.end_auth_asym_id 
_struct_sheet_range.end_auth_seq_id 
A 1 THR A 2   ? VAL A 9   ? THR A 181 VAL A 188 
A 2 THR A 69  ? GLU A 76  ? THR A 248 GLU A 255 
A 3 LYS A 51  ? TYR A 54  ? LYS A 230 TYR A 233 
B 1 LYS A 19  ? GLY A 28  ? LYS A 198 GLY A 207 
B 2 ALA A 32  ? GLN A 41  ? ALA A 211 GLN A 220 
C 1 PHE A 82  ? ASP A 85  ? PHE A 261 ASP A 264 
C 2 ASP A 88  ? LEU A 93  ? ASP A 267 LEU A 272 
C 3 LEU A 149 ? TYR A 153 ? LEU A 328 TYR A 332 
C 4 THR A 129 ? THR A 131 ? THR A 308 THR A 310 
D 1 PHE A 104 ? GLN A 109 ? PHE A 283 GLN A 288 
D 2 THR A 115 ? ARG A 120 ? THR A 294 ARG A 299 
# 
loop_
_pdbx_struct_sheet_hbond.sheet_id 
_pdbx_struct_sheet_hbond.range_id_1 
_pdbx_struct_sheet_hbond.range_id_2 
_pdbx_struct_sheet_hbond.range_1_label_atom_id 
_pdbx_struct_sheet_hbond.range_1_label_comp_id 
_pdbx_struct_sheet_hbond.range_1_label_asym_id 
_pdbx_struct_sheet_hbond.range_1_label_seq_id 
_pdbx_struct_sheet_hbond.range_1_PDB_ins_code 
_pdbx_struct_sheet_hbond.range_1_auth_atom_id 
_pdbx_struct_sheet_hbond.range_1_auth_comp_id 
_pdbx_struct_sheet_hbond.range_1_auth_asym_id 
_pdbx_struct_sheet_hbond.range_1_auth_seq_id 
_pdbx_struct_sheet_hbond.range_2_label_atom_id 
_pdbx_struct_sheet_hbond.range_2_label_comp_id 
_pdbx_struct_sheet_hbond.range_2_label_asym_id 
_pdbx_struct_sheet_hbond.range_2_label_seq_id 
_pdbx_struct_sheet_hbond.range_2_PDB_ins_code 
_pdbx_struct_sheet_hbond.range_2_auth_atom_id 
_pdbx_struct_sheet_hbond.range_2_auth_comp_id 
_pdbx_struct_sheet_hbond.range_2_auth_asym_id 
_pdbx_struct_sheet_hbond.range_2_auth_seq_id 
A 1 2 N VAL A 3   ? N VAL A 182 O THR A 69  ? O THR A 248 
A 2 3 N PHE A 72  ? N PHE A 251 O ILE A 52  ? O ILE A 231 
B 1 2 N GLY A 28  ? N GLY A 207 O ALA A 32  ? O ALA A 211 
C 1 2 N ASP A 85  ? N ASP A 264 O ASP A 88  ? O ASP A 267 
C 2 3 N TYR A 91  ? N TYR A 270 O ILE A 150 ? O ILE A 329 
C 3 4 N VAL A 151 ? N VAL A 330 O SER A 130 ? O SER A 309 
D 1 2 N ILE A 108 ? N ILE A 287 O LEU A 116 ? O LEU A 295 
# 
_pdbx_validate_close_contact.id               1 
_pdbx_validate_close_contact.PDB_model_num    1 
_pdbx_validate_close_contact.auth_atom_id_1   O 
_pdbx_validate_close_contact.auth_asym_id_1   A 
_pdbx_validate_close_contact.auth_comp_id_1   ASN 
_pdbx_validate_close_contact.auth_seq_id_1    240 
_pdbx_validate_close_contact.PDB_ins_code_1   ? 
_pdbx_validate_close_contact.label_alt_id_1   ? 
_pdbx_validate_close_contact.auth_atom_id_2   N 
_pdbx_validate_close_contact.auth_asym_id_2   A 
_pdbx_validate_close_contact.auth_comp_id_2   GLN 
_pdbx_validate_close_contact.auth_seq_id_2    242 
_pdbx_validate_close_contact.PDB_ins_code_2   ? 
_pdbx_validate_close_contact.label_alt_id_2   ? 
_pdbx_validate_close_contact.dist             2.15 
# 
loop_
_pdbx_validate_rmsd_angle.id 
_pdbx_validate_rmsd_angle.PDB_model_num 
_pdbx_validate_rmsd_angle.auth_atom_id_1 
_pdbx_validate_rmsd_angle.auth_asym_id_1 
_pdbx_validate_rmsd_angle.auth_comp_id_1 
_pdbx_validate_rmsd_angle.auth_seq_id_1 
_pdbx_validate_rmsd_angle.PDB_ins_code_1 
_pdbx_validate_rmsd_angle.label_alt_id_1 
_pdbx_validate_rmsd_angle.auth_atom_id_2 
_pdbx_validate_rmsd_angle.auth_asym_id_2 
_pdbx_validate_rmsd_angle.auth_comp_id_2 
_pdbx_validate_rmsd_angle.auth_seq_id_2 
_pdbx_validate_rmsd_angle.PDB_ins_code_2 
_pdbx_validate_rmsd_angle.label_alt_id_2 
_pdbx_validate_rmsd_angle.auth_atom_id_3 
_pdbx_validate_rmsd_angle.auth_asym_id_3 
_pdbx_validate_rmsd_angle.auth_comp_id_3 
_pdbx_validate_rmsd_angle.auth_seq_id_3 
_pdbx_validate_rmsd_angle.PDB_ins_code_3 
_pdbx_validate_rmsd_angle.label_alt_id_3 
_pdbx_validate_rmsd_angle.angle_value 
_pdbx_validate_rmsd_angle.angle_target_value 
_pdbx_validate_rmsd_angle.angle_deviation 
_pdbx_validate_rmsd_angle.angle_standard_deviation 
_pdbx_validate_rmsd_angle.linker_flag 
1 1 N A ASN 240 ? ? CA A ASN 240 ? ? C  A ASN 240 ? ? 134.09 111.00 23.09  2.70 N 
2 1 C A ASN 240 ? ? N  A PRO 241 ? ? CA A PRO 241 ? ? 106.24 119.30 -13.06 1.50 Y 
# 
loop_
_pdbx_validate_torsion.id 
_pdbx_validate_torsion.PDB_model_num 
_pdbx_validate_torsion.auth_comp_id 
_pdbx_validate_torsion.auth_asym_id 
_pdbx_validate_torsion.auth_seq_id 
_pdbx_validate_torsion.PDB_ins_code 
_pdbx_validate_torsion.label_alt_id 
_pdbx_validate_torsion.phi 
_pdbx_validate_torsion.psi 
1  1 ILE A 231 ? ? -151.06 89.44   
2  1 ASN A 235 ? ? 37.48   94.33   
3  1 GLN A 236 ? ? -162.50 5.18    
4  1 ASP A 238 ? ? -52.15  -174.27 
5  1 ASN A 240 ? ? 147.61  43.93   
6  1 GLN A 242 ? ? 39.72   28.27   
7  1 THR A 243 ? ? -168.49 117.29  
8  1 THR A 289 ? ? -67.10  -173.53 
9  1 LYS A 333 ? ? -115.69 76.89   
10 1 ASN A 341 ? ? -60.66  -160.45 
11 1 ASP A 342 ? ? -59.69  -75.83  
12 1 LYS A 345 ? ? -61.68  9.43    
13 1 ARG A 346 ? ? -111.04 -70.21  
# 
loop_
_chem_comp_atom.comp_id 
_chem_comp_atom.atom_id 
_chem_comp_atom.type_symbol 
_chem_comp_atom.pdbx_aromatic_flag 
_chem_comp_atom.pdbx_stereo_config 
_chem_comp_atom.pdbx_ordinal 
ALA N    N N N 1   
ALA CA   C N S 2   
ALA C    C N N 3   
ALA O    O N N 4   
ALA CB   C N N 5   
ALA OXT  O N N 6   
ALA H    H N N 7   
ALA H2   H N N 8   
ALA HA   H N N 9   
ALA HB1  H N N 10  
ALA HB2  H N N 11  
ALA HB3  H N N 12  
ALA HXT  H N N 13  
ARG N    N N N 14  
ARG CA   C N S 15  
ARG C    C N N 16  
ARG O    O N N 17  
ARG CB   C N N 18  
ARG CG   C N N 19  
ARG CD   C N N 20  
ARG NE   N N N 21  
ARG CZ   C N N 22  
ARG NH1  N N N 23  
ARG NH2  N N N 24  
ARG OXT  O N N 25  
ARG H    H N N 26  
ARG H2   H N N 27  
ARG HA   H N N 28  
ARG HB2  H N N 29  
ARG HB3  H N N 30  
ARG HG2  H N N 31  
ARG HG3  H N N 32  
ARG HD2  H N N 33  
ARG HD3  H N N 34  
ARG HE   H N N 35  
ARG HH11 H N N 36  
ARG HH12 H N N 37  
ARG HH21 H N N 38  
ARG HH22 H N N 39  
ARG HXT  H N N 40  
ASN N    N N N 41  
ASN CA   C N S 42  
ASN C    C N N 43  
ASN O    O N N 44  
ASN CB   C N N 45  
ASN CG   C N N 46  
ASN OD1  O N N 47  
ASN ND2  N N N 48  
ASN OXT  O N N 49  
ASN H    H N N 50  
ASN H2   H N N 51  
ASN HA   H N N 52  
ASN HB2  H N N 53  
ASN HB3  H N N 54  
ASN HD21 H N N 55  
ASN HD22 H N N 56  
ASN HXT  H N N 57  
ASP N    N N N 58  
ASP CA   C N S 59  
ASP C    C N N 60  
ASP O    O N N 61  
ASP CB   C N N 62  
ASP CG   C N N 63  
ASP OD1  O N N 64  
ASP OD2  O N N 65  
ASP OXT  O N N 66  
ASP H    H N N 67  
ASP H2   H N N 68  
ASP HA   H N N 69  
ASP HB2  H N N 70  
ASP HB3  H N N 71  
ASP HD2  H N N 72  
ASP HXT  H N N 73  
GLN N    N N N 74  
GLN CA   C N S 75  
GLN C    C N N 76  
GLN O    O N N 77  
GLN CB   C N N 78  
GLN CG   C N N 79  
GLN CD   C N N 80  
GLN OE1  O N N 81  
GLN NE2  N N N 82  
GLN OXT  O N N 83  
GLN H    H N N 84  
GLN H2   H N N 85  
GLN HA   H N N 86  
GLN HB2  H N N 87  
GLN HB3  H N N 88  
GLN HG2  H N N 89  
GLN HG3  H N N 90  
GLN HE21 H N N 91  
GLN HE22 H N N 92  
GLN HXT  H N N 93  
GLU N    N N N 94  
GLU CA   C N S 95  
GLU C    C N N 96  
GLU O    O N N 97  
GLU CB   C N N 98  
GLU CG   C N N 99  
GLU CD   C N N 100 
GLU OE1  O N N 101 
GLU OE2  O N N 102 
GLU OXT  O N N 103 
GLU H    H N N 104 
GLU H2   H N N 105 
GLU HA   H N N 106 
GLU HB2  H N N 107 
GLU HB3  H N N 108 
GLU HG2  H N N 109 
GLU HG3  H N N 110 
GLU HE2  H N N 111 
GLU HXT  H N N 112 
GLY N    N N N 113 
GLY CA   C N N 114 
GLY C    C N N 115 
GLY O    O N N 116 
GLY OXT  O N N 117 
GLY H    H N N 118 
GLY H2   H N N 119 
GLY HA2  H N N 120 
GLY HA3  H N N 121 
GLY HXT  H N N 122 
HIS N    N N N 123 
HIS CA   C N S 124 
HIS C    C N N 125 
HIS O    O N N 126 
HIS CB   C N N 127 
HIS CG   C Y N 128 
HIS ND1  N Y N 129 
HIS CD2  C Y N 130 
HIS CE1  C Y N 131 
HIS NE2  N Y N 132 
HIS OXT  O N N 133 
HIS H    H N N 134 
HIS H2   H N N 135 
HIS HA   H N N 136 
HIS HB2  H N N 137 
HIS HB3  H N N 138 
HIS HD1  H N N 139 
HIS HD2  H N N 140 
HIS HE1  H N N 141 
HIS HE2  H N N 142 
HIS HXT  H N N 143 
HOH O    O N N 144 
HOH H1   H N N 145 
HOH H2   H N N 146 
ILE N    N N N 147 
ILE CA   C N S 148 
ILE C    C N N 149 
ILE O    O N N 150 
ILE CB   C N S 151 
ILE CG1  C N N 152 
ILE CG2  C N N 153 
ILE CD1  C N N 154 
ILE OXT  O N N 155 
ILE H    H N N 156 
ILE H2   H N N 157 
ILE HA   H N N 158 
ILE HB   H N N 159 
ILE HG12 H N N 160 
ILE HG13 H N N 161 
ILE HG21 H N N 162 
ILE HG22 H N N 163 
ILE HG23 H N N 164 
ILE HD11 H N N 165 
ILE HD12 H N N 166 
ILE HD13 H N N 167 
ILE HXT  H N N 168 
LEU N    N N N 169 
LEU CA   C N S 170 
LEU C    C N N 171 
LEU O    O N N 172 
LEU CB   C N N 173 
LEU CG   C N N 174 
LEU CD1  C N N 175 
LEU CD2  C N N 176 
LEU OXT  O N N 177 
LEU H    H N N 178 
LEU H2   H N N 179 
LEU HA   H N N 180 
LEU HB2  H N N 181 
LEU HB3  H N N 182 
LEU HG   H N N 183 
LEU HD11 H N N 184 
LEU HD12 H N N 185 
LEU HD13 H N N 186 
LEU HD21 H N N 187 
LEU HD22 H N N 188 
LEU HD23 H N N 189 
LEU HXT  H N N 190 
LYS N    N N N 191 
LYS CA   C N S 192 
LYS C    C N N 193 
LYS O    O N N 194 
LYS CB   C N N 195 
LYS CG   C N N 196 
LYS CD   C N N 197 
LYS CE   C N N 198 
LYS NZ   N N N 199 
LYS OXT  O N N 200 
LYS H    H N N 201 
LYS H2   H N N 202 
LYS HA   H N N 203 
LYS HB2  H N N 204 
LYS HB3  H N N 205 
LYS HG2  H N N 206 
LYS HG3  H N N 207 
LYS HD2  H N N 208 
LYS HD3  H N N 209 
LYS HE2  H N N 210 
LYS HE3  H N N 211 
LYS HZ1  H N N 212 
LYS HZ2  H N N 213 
LYS HZ3  H N N 214 
LYS HXT  H N N 215 
MET N    N N N 216 
MET CA   C N S 217 
MET C    C N N 218 
MET O    O N N 219 
MET CB   C N N 220 
MET CG   C N N 221 
MET SD   S N N 222 
MET CE   C N N 223 
MET OXT  O N N 224 
MET H    H N N 225 
MET H2   H N N 226 
MET HA   H N N 227 
MET HB2  H N N 228 
MET HB3  H N N 229 
MET HG2  H N N 230 
MET HG3  H N N 231 
MET HE1  H N N 232 
MET HE2  H N N 233 
MET HE3  H N N 234 
MET HXT  H N N 235 
PHE N    N N N 236 
PHE CA   C N S 237 
PHE C    C N N 238 
PHE O    O N N 239 
PHE CB   C N N 240 
PHE CG   C Y N 241 
PHE CD1  C Y N 242 
PHE CD2  C Y N 243 
PHE CE1  C Y N 244 
PHE CE2  C Y N 245 
PHE CZ   C Y N 246 
PHE OXT  O N N 247 
PHE H    H N N 248 
PHE H2   H N N 249 
PHE HA   H N N 250 
PHE HB2  H N N 251 
PHE HB3  H N N 252 
PHE HD1  H N N 253 
PHE HD2  H N N 254 
PHE HE1  H N N 255 
PHE HE2  H N N 256 
PHE HZ   H N N 257 
PHE HXT  H N N 258 
PRO N    N N N 259 
PRO CA   C N S 260 
PRO C    C N N 261 
PRO O    O N N 262 
PRO CB   C N N 263 
PRO CG   C N N 264 
PRO CD   C N N 265 
PRO OXT  O N N 266 
PRO H    H N N 267 
PRO HA   H N N 268 
PRO HB2  H N N 269 
PRO HB3  H N N 270 
PRO HG2  H N N 271 
PRO HG3  H N N 272 
PRO HD2  H N N 273 
PRO HD3  H N N 274 
PRO HXT  H N N 275 
SER N    N N N 276 
SER CA   C N S 277 
SER C    C N N 278 
SER O    O N N 279 
SER CB   C N N 280 
SER OG   O N N 281 
SER OXT  O N N 282 
SER H    H N N 283 
SER H2   H N N 284 
SER HA   H N N 285 
SER HB2  H N N 286 
SER HB3  H N N 287 
SER HG   H N N 288 
SER HXT  H N N 289 
THR N    N N N 290 
THR CA   C N S 291 
THR C    C N N 292 
THR O    O N N 293 
THR CB   C N R 294 
THR OG1  O N N 295 
THR CG2  C N N 296 
THR OXT  O N N 297 
THR H    H N N 298 
THR H2   H N N 299 
THR HA   H N N 300 
THR HB   H N N 301 
THR HG1  H N N 302 
THR HG21 H N N 303 
THR HG22 H N N 304 
THR HG23 H N N 305 
THR HXT  H N N 306 
TRP N    N N N 307 
TRP CA   C N S 308 
TRP C    C N N 309 
TRP O    O N N 310 
TRP CB   C N N 311 
TRP CG   C Y N 312 
TRP CD1  C Y N 313 
TRP CD2  C Y N 314 
TRP NE1  N Y N 315 
TRP CE2  C Y N 316 
TRP CE3  C Y N 317 
TRP CZ2  C Y N 318 
TRP CZ3  C Y N 319 
TRP CH2  C Y N 320 
TRP OXT  O N N 321 
TRP H    H N N 322 
TRP H2   H N N 323 
TRP HA   H N N 324 
TRP HB2  H N N 325 
TRP HB3  H N N 326 
TRP HD1  H N N 327 
TRP HE1  H N N 328 
TRP HE3  H N N 329 
TRP HZ2  H N N 330 
TRP HZ3  H N N 331 
TRP HH2  H N N 332 
TRP HXT  H N N 333 
TYR N    N N N 334 
TYR CA   C N S 335 
TYR C    C N N 336 
TYR O    O N N 337 
TYR CB   C N N 338 
TYR CG   C Y N 339 
TYR CD1  C Y N 340 
TYR CD2  C Y N 341 
TYR CE1  C Y N 342 
TYR CE2  C Y N 343 
TYR CZ   C Y N 344 
TYR OH   O N N 345 
TYR OXT  O N N 346 
TYR H    H N N 347 
TYR H2   H N N 348 
TYR HA   H N N 349 
TYR HB2  H N N 350 
TYR HB3  H N N 351 
TYR HD1  H N N 352 
TYR HD2  H N N 353 
TYR HE1  H N N 354 
TYR HE2  H N N 355 
TYR HH   H N N 356 
TYR HXT  H N N 357 
VAL N    N N N 358 
VAL CA   C N S 359 
VAL C    C N N 360 
VAL O    O N N 361 
VAL CB   C N N 362 
VAL CG1  C N N 363 
VAL CG2  C N N 364 
VAL OXT  O N N 365 
VAL H    H N N 366 
VAL H2   H N N 367 
VAL HA   H N N 368 
VAL HB   H N N 369 
VAL HG11 H N N 370 
VAL HG12 H N N 371 
VAL HG13 H N N 372 
VAL HG21 H N N 373 
VAL HG22 H N N 374 
VAL HG23 H N N 375 
VAL HXT  H N N 376 
# 
loop_
_chem_comp_bond.comp_id 
_chem_comp_bond.atom_id_1 
_chem_comp_bond.atom_id_2 
_chem_comp_bond.value_order 
_chem_comp_bond.pdbx_aromatic_flag 
_chem_comp_bond.pdbx_stereo_config 
_chem_comp_bond.pdbx_ordinal 
ALA N   CA   sing N N 1   
ALA N   H    sing N N 2   
ALA N   H2   sing N N 3   
ALA CA  C    sing N N 4   
ALA CA  CB   sing N N 5   
ALA CA  HA   sing N N 6   
ALA C   O    doub N N 7   
ALA C   OXT  sing N N 8   
ALA CB  HB1  sing N N 9   
ALA CB  HB2  sing N N 10  
ALA CB  HB3  sing N N 11  
ALA OXT HXT  sing N N 12  
ARG N   CA   sing N N 13  
ARG N   H    sing N N 14  
ARG N   H2   sing N N 15  
ARG CA  C    sing N N 16  
ARG CA  CB   sing N N 17  
ARG CA  HA   sing N N 18  
ARG C   O    doub N N 19  
ARG C   OXT  sing N N 20  
ARG CB  CG   sing N N 21  
ARG CB  HB2  sing N N 22  
ARG CB  HB3  sing N N 23  
ARG CG  CD   sing N N 24  
ARG CG  HG2  sing N N 25  
ARG CG  HG3  sing N N 26  
ARG CD  NE   sing N N 27  
ARG CD  HD2  sing N N 28  
ARG CD  HD3  sing N N 29  
ARG NE  CZ   sing N N 30  
ARG NE  HE   sing N N 31  
ARG CZ  NH1  sing N N 32  
ARG CZ  NH2  doub N N 33  
ARG NH1 HH11 sing N N 34  
ARG NH1 HH12 sing N N 35  
ARG NH2 HH21 sing N N 36  
ARG NH2 HH22 sing N N 37  
ARG OXT HXT  sing N N 38  
ASN N   CA   sing N N 39  
ASN N   H    sing N N 40  
ASN N   H2   sing N N 41  
ASN CA  C    sing N N 42  
ASN CA  CB   sing N N 43  
ASN CA  HA   sing N N 44  
ASN C   O    doub N N 45  
ASN C   OXT  sing N N 46  
ASN CB  CG   sing N N 47  
ASN CB  HB2  sing N N 48  
ASN CB  HB3  sing N N 49  
ASN CG  OD1  doub N N 50  
ASN CG  ND2  sing N N 51  
ASN ND2 HD21 sing N N 52  
ASN ND2 HD22 sing N N 53  
ASN OXT HXT  sing N N 54  
ASP N   CA   sing N N 55  
ASP N   H    sing N N 56  
ASP N   H2   sing N N 57  
ASP CA  C    sing N N 58  
ASP CA  CB   sing N N 59  
ASP CA  HA   sing N N 60  
ASP C   O    doub N N 61  
ASP C   OXT  sing N N 62  
ASP CB  CG   sing N N 63  
ASP CB  HB2  sing N N 64  
ASP CB  HB3  sing N N 65  
ASP CG  OD1  doub N N 66  
ASP CG  OD2  sing N N 67  
ASP OD2 HD2  sing N N 68  
ASP OXT HXT  sing N N 69  
GLN N   CA   sing N N 70  
GLN N   H    sing N N 71  
GLN N   H2   sing N N 72  
GLN CA  C    sing N N 73  
GLN CA  CB   sing N N 74  
GLN CA  HA   sing N N 75  
GLN C   O    doub N N 76  
GLN C   OXT  sing N N 77  
GLN CB  CG   sing N N 78  
GLN CB  HB2  sing N N 79  
GLN CB  HB3  sing N N 80  
GLN CG  CD   sing N N 81  
GLN CG  HG2  sing N N 82  
GLN CG  HG3  sing N N 83  
GLN CD  OE1  doub N N 84  
GLN CD  NE2  sing N N 85  
GLN NE2 HE21 sing N N 86  
GLN NE2 HE22 sing N N 87  
GLN OXT HXT  sing N N 88  
GLU N   CA   sing N N 89  
GLU N   H    sing N N 90  
GLU N   H2   sing N N 91  
GLU CA  C    sing N N 92  
GLU CA  CB   sing N N 93  
GLU CA  HA   sing N N 94  
GLU C   O    doub N N 95  
GLU C   OXT  sing N N 96  
GLU CB  CG   sing N N 97  
GLU CB  HB2  sing N N 98  
GLU CB  HB3  sing N N 99  
GLU CG  CD   sing N N 100 
GLU CG  HG2  sing N N 101 
GLU CG  HG3  sing N N 102 
GLU CD  OE1  doub N N 103 
GLU CD  OE2  sing N N 104 
GLU OE2 HE2  sing N N 105 
GLU OXT HXT  sing N N 106 
GLY N   CA   sing N N 107 
GLY N   H    sing N N 108 
GLY N   H2   sing N N 109 
GLY CA  C    sing N N 110 
GLY CA  HA2  sing N N 111 
GLY CA  HA3  sing N N 112 
GLY C   O    doub N N 113 
GLY C   OXT  sing N N 114 
GLY OXT HXT  sing N N 115 
HIS N   CA   sing N N 116 
HIS N   H    sing N N 117 
HIS N   H2   sing N N 118 
HIS CA  C    sing N N 119 
HIS CA  CB   sing N N 120 
HIS CA  HA   sing N N 121 
HIS C   O    doub N N 122 
HIS C   OXT  sing N N 123 
HIS CB  CG   sing N N 124 
HIS CB  HB2  sing N N 125 
HIS CB  HB3  sing N N 126 
HIS CG  ND1  sing Y N 127 
HIS CG  CD2  doub Y N 128 
HIS ND1 CE1  doub Y N 129 
HIS ND1 HD1  sing N N 130 
HIS CD2 NE2  sing Y N 131 
HIS CD2 HD2  sing N N 132 
HIS CE1 NE2  sing Y N 133 
HIS CE1 HE1  sing N N 134 
HIS NE2 HE2  sing N N 135 
HIS OXT HXT  sing N N 136 
HOH O   H1   sing N N 137 
HOH O   H2   sing N N 138 
ILE N   CA   sing N N 139 
ILE N   H    sing N N 140 
ILE N   H2   sing N N 141 
ILE CA  C    sing N N 142 
ILE CA  CB   sing N N 143 
ILE CA  HA   sing N N 144 
ILE C   O    doub N N 145 
ILE C   OXT  sing N N 146 
ILE CB  CG1  sing N N 147 
ILE CB  CG2  sing N N 148 
ILE CB  HB   sing N N 149 
ILE CG1 CD1  sing N N 150 
ILE CG1 HG12 sing N N 151 
ILE CG1 HG13 sing N N 152 
ILE CG2 HG21 sing N N 153 
ILE CG2 HG22 sing N N 154 
ILE CG2 HG23 sing N N 155 
ILE CD1 HD11 sing N N 156 
ILE CD1 HD12 sing N N 157 
ILE CD1 HD13 sing N N 158 
ILE OXT HXT  sing N N 159 
LEU N   CA   sing N N 160 
LEU N   H    sing N N 161 
LEU N   H2   sing N N 162 
LEU CA  C    sing N N 163 
LEU CA  CB   sing N N 164 
LEU CA  HA   sing N N 165 
LEU C   O    doub N N 166 
LEU C   OXT  sing N N 167 
LEU CB  CG   sing N N 168 
LEU CB  HB2  sing N N 169 
LEU CB  HB3  sing N N 170 
LEU CG  CD1  sing N N 171 
LEU CG  CD2  sing N N 172 
LEU CG  HG   sing N N 173 
LEU CD1 HD11 sing N N 174 
LEU CD1 HD12 sing N N 175 
LEU CD1 HD13 sing N N 176 
LEU CD2 HD21 sing N N 177 
LEU CD2 HD22 sing N N 178 
LEU CD2 HD23 sing N N 179 
LEU OXT HXT  sing N N 180 
LYS N   CA   sing N N 181 
LYS N   H    sing N N 182 
LYS N   H2   sing N N 183 
LYS CA  C    sing N N 184 
LYS CA  CB   sing N N 185 
LYS CA  HA   sing N N 186 
LYS C   O    doub N N 187 
LYS C   OXT  sing N N 188 
LYS CB  CG   sing N N 189 
LYS CB  HB2  sing N N 190 
LYS CB  HB3  sing N N 191 
LYS CG  CD   sing N N 192 
LYS CG  HG2  sing N N 193 
LYS CG  HG3  sing N N 194 
LYS CD  CE   sing N N 195 
LYS CD  HD2  sing N N 196 
LYS CD  HD3  sing N N 197 
LYS CE  NZ   sing N N 198 
LYS CE  HE2  sing N N 199 
LYS CE  HE3  sing N N 200 
LYS NZ  HZ1  sing N N 201 
LYS NZ  HZ2  sing N N 202 
LYS NZ  HZ3  sing N N 203 
LYS OXT HXT  sing N N 204 
MET N   CA   sing N N 205 
MET N   H    sing N N 206 
MET N   H2   sing N N 207 
MET CA  C    sing N N 208 
MET CA  CB   sing N N 209 
MET CA  HA   sing N N 210 
MET C   O    doub N N 211 
MET C   OXT  sing N N 212 
MET CB  CG   sing N N 213 
MET CB  HB2  sing N N 214 
MET CB  HB3  sing N N 215 
MET CG  SD   sing N N 216 
MET CG  HG2  sing N N 217 
MET CG  HG3  sing N N 218 
MET SD  CE   sing N N 219 
MET CE  HE1  sing N N 220 
MET CE  HE2  sing N N 221 
MET CE  HE3  sing N N 222 
MET OXT HXT  sing N N 223 
PHE N   CA   sing N N 224 
PHE N   H    sing N N 225 
PHE N   H2   sing N N 226 
PHE CA  C    sing N N 227 
PHE CA  CB   sing N N 228 
PHE CA  HA   sing N N 229 
PHE C   O    doub N N 230 
PHE C   OXT  sing N N 231 
PHE CB  CG   sing N N 232 
PHE CB  HB2  sing N N 233 
PHE CB  HB3  sing N N 234 
PHE CG  CD1  doub Y N 235 
PHE CG  CD2  sing Y N 236 
PHE CD1 CE1  sing Y N 237 
PHE CD1 HD1  sing N N 238 
PHE CD2 CE2  doub Y N 239 
PHE CD2 HD2  sing N N 240 
PHE CE1 CZ   doub Y N 241 
PHE CE1 HE1  sing N N 242 
PHE CE2 CZ   sing Y N 243 
PHE CE2 HE2  sing N N 244 
PHE CZ  HZ   sing N N 245 
PHE OXT HXT  sing N N 246 
PRO N   CA   sing N N 247 
PRO N   CD   sing N N 248 
PRO N   H    sing N N 249 
PRO CA  C    sing N N 250 
PRO CA  CB   sing N N 251 
PRO CA  HA   sing N N 252 
PRO C   O    doub N N 253 
PRO C   OXT  sing N N 254 
PRO CB  CG   sing N N 255 
PRO CB  HB2  sing N N 256 
PRO CB  HB3  sing N N 257 
PRO CG  CD   sing N N 258 
PRO CG  HG2  sing N N 259 
PRO CG  HG3  sing N N 260 
PRO CD  HD2  sing N N 261 
PRO CD  HD3  sing N N 262 
PRO OXT HXT  sing N N 263 
SER N   CA   sing N N 264 
SER N   H    sing N N 265 
SER N   H2   sing N N 266 
SER CA  C    sing N N 267 
SER CA  CB   sing N N 268 
SER CA  HA   sing N N 269 
SER C   O    doub N N 270 
SER C   OXT  sing N N 271 
SER CB  OG   sing N N 272 
SER CB  HB2  sing N N 273 
SER CB  HB3  sing N N 274 
SER OG  HG   sing N N 275 
SER OXT HXT  sing N N 276 
THR N   CA   sing N N 277 
THR N   H    sing N N 278 
THR N   H2   sing N N 279 
THR CA  C    sing N N 280 
THR CA  CB   sing N N 281 
THR CA  HA   sing N N 282 
THR C   O    doub N N 283 
THR C   OXT  sing N N 284 
THR CB  OG1  sing N N 285 
THR CB  CG2  sing N N 286 
THR CB  HB   sing N N 287 
THR OG1 HG1  sing N N 288 
THR CG2 HG21 sing N N 289 
THR CG2 HG22 sing N N 290 
THR CG2 HG23 sing N N 291 
THR OXT HXT  sing N N 292 
TRP N   CA   sing N N 293 
TRP N   H    sing N N 294 
TRP N   H2   sing N N 295 
TRP CA  C    sing N N 296 
TRP CA  CB   sing N N 297 
TRP CA  HA   sing N N 298 
TRP C   O    doub N N 299 
TRP C   OXT  sing N N 300 
TRP CB  CG   sing N N 301 
TRP CB  HB2  sing N N 302 
TRP CB  HB3  sing N N 303 
TRP CG  CD1  doub Y N 304 
TRP CG  CD2  sing Y N 305 
TRP CD1 NE1  sing Y N 306 
TRP CD1 HD1  sing N N 307 
TRP CD2 CE2  doub Y N 308 
TRP CD2 CE3  sing Y N 309 
TRP NE1 CE2  sing Y N 310 
TRP NE1 HE1  sing N N 311 
TRP CE2 CZ2  sing Y N 312 
TRP CE3 CZ3  doub Y N 313 
TRP CE3 HE3  sing N N 314 
TRP CZ2 CH2  doub Y N 315 
TRP CZ2 HZ2  sing N N 316 
TRP CZ3 CH2  sing Y N 317 
TRP CZ3 HZ3  sing N N 318 
TRP CH2 HH2  sing N N 319 
TRP OXT HXT  sing N N 320 
TYR N   CA   sing N N 321 
TYR N   H    sing N N 322 
TYR N   H2   sing N N 323 
TYR CA  C    sing N N 324 
TYR CA  CB   sing N N 325 
TYR CA  HA   sing N N 326 
TYR C   O    doub N N 327 
TYR C   OXT  sing N N 328 
TYR CB  CG   sing N N 329 
TYR CB  HB2  sing N N 330 
TYR CB  HB3  sing N N 331 
TYR CG  CD1  doub Y N 332 
TYR CG  CD2  sing Y N 333 
TYR CD1 CE1  sing Y N 334 
TYR CD1 HD1  sing N N 335 
TYR CD2 CE2  doub Y N 336 
TYR CD2 HD2  sing N N 337 
TYR CE1 CZ   doub Y N 338 
TYR CE1 HE1  sing N N 339 
TYR CE2 CZ   sing Y N 340 
TYR CE2 HE2  sing N N 341 
TYR CZ  OH   sing N N 342 
TYR OH  HH   sing N N 343 
TYR OXT HXT  sing N N 344 
VAL N   CA   sing N N 345 
VAL N   H    sing N N 346 
VAL N   H2   sing N N 347 
VAL CA  C    sing N N 348 
VAL CA  CB   sing N N 349 
VAL CA  HA   sing N N 350 
VAL C   O    doub N N 351 
VAL C   OXT  sing N N 352 
VAL CB  CG1  sing N N 353 
VAL CB  CG2  sing N N 354 
VAL CB  HB   sing N N 355 
VAL CG1 HG11 sing N N 356 
VAL CG1 HG12 sing N N 357 
VAL CG1 HG13 sing N N 358 
VAL CG2 HG21 sing N N 359 
VAL CG2 HG22 sing N N 360 
VAL CG2 HG23 sing N N 361 
VAL OXT HXT  sing N N 362 
# 
_atom_sites.entry_id                    1C3G 
_atom_sites.fract_transf_matrix[1][1]   0.00215742 
_atom_sites.fract_transf_matrix[1][2]   0.00851390 
_atom_sites.fract_transf_matrix[1][3]   -0.01040978 
_atom_sites.fract_transf_matrix[2][1]   0.01142938 
_atom_sites.fract_transf_matrix[2][2]   -0.00671648 
_atom_sites.fract_transf_matrix[2][3]   -0.00312451 
_atom_sites.fract_transf_matrix[3][1]   -0.00649652 
_atom_sites.fract_transf_matrix[3][2]   -0.00755445 
_atom_sites.fract_transf_matrix[3][3]   -0.00752500 
_atom_sites.fract_transf_vector[1]      -0.322608 
_atom_sites.fract_transf_vector[2]      -0.036554 
_atom_sites.fract_transf_vector[3]      -0.584326 
# 
loop_
_atom_type.symbol 
C 
N 
O 
S 
# 
loop_
_atom_site.group_PDB 
_atom_site.id 
_atom_site.type_symbol 
_atom_site.label_atom_id 
_atom_site.label_alt_id 
_atom_site.label_comp_id 
_atom_site.label_asym_id 
_atom_site.label_entity_id 
_atom_site.label_seq_id 
_atom_site.pdbx_PDB_ins_code 
_atom_site.Cartn_x 
_atom_site.Cartn_y 
_atom_site.Cartn_z 
_atom_site.occupancy 
_atom_site.B_iso_or_equiv 
_atom_site.pdbx_formal_charge 
_atom_site.auth_seq_id 
_atom_site.auth_comp_id 
_atom_site.auth_asym_id 
_atom_site.auth_atom_id 
_atom_site.pdbx_PDB_model_num 
ATOM   1    N N   . GLU A 1 1   ? 19.299  -1.529  -24.751 1.00 91.75  ? 180 GLU A N   1 
ATOM   2    C CA  . GLU A 1 1   ? 17.914  -1.898  -24.344 1.00 93.91  ? 180 GLU A CA  1 
ATOM   3    C C   . GLU A 1 1   ? 17.780  -2.089  -22.836 1.00 93.49  ? 180 GLU A C   1 
ATOM   4    O O   . GLU A 1 1   ? 18.654  -2.675  -22.189 1.00 94.42  ? 180 GLU A O   1 
ATOM   5    C CB  . GLU A 1 1   ? 17.482  -3.188  -25.049 1.00 95.77  ? 180 GLU A CB  1 
ATOM   6    C CG  . GLU A 1 1   ? 16.147  -3.744  -24.563 1.00 99.57  ? 180 GLU A CG  1 
ATOM   7    C CD  . GLU A 1 1   ? 15.750  -5.014  -25.284 1.00 102.43 ? 180 GLU A CD  1 
ATOM   8    O OE1 . GLU A 1 1   ? 16.566  -5.956  -25.300 1.00 103.06 ? 180 GLU A OE1 1 
ATOM   9    O OE2 . GLU A 1 1   ? 14.628  -5.075  -25.832 1.00 103.26 ? 180 GLU A OE2 1 
ATOM   10   N N   . THR A 1 2   ? 16.678  -1.588  -22.285 1.00 88.46  ? 181 THR A N   1 
ATOM   11   C CA  . THR A 1 2   ? 16.408  -1.723  -20.861 1.00 84.10  ? 181 THR A CA  1 
ATOM   12   C C   . THR A 1 2   ? 15.250  -2.698  -20.701 1.00 81.30  ? 181 THR A C   1 
ATOM   13   O O   . THR A 1 2   ? 14.386  -2.794  -21.573 1.00 80.50  ? 181 THR A O   1 
ATOM   14   C CB  . THR A 1 2   ? 16.001  -0.377  -20.220 1.00 84.57  ? 181 THR A CB  1 
ATOM   15   O OG1 . THR A 1 2   ? 14.708  0.017   -20.696 1.00 87.52  ? 181 THR A OG1 1 
ATOM   16   C CG2 . THR A 1 2   ? 17.004  0.701   -20.575 1.00 87.49  ? 181 THR A CG2 1 
ATOM   17   N N   . VAL A 1 3   ? 15.245  -3.436  -19.597 1.00 76.37  ? 182 VAL A N   1 
ATOM   18   C CA  . VAL A 1 3   ? 14.173  -4.381  -19.335 1.00 73.43  ? 182 VAL A CA  1 
ATOM   19   C C   . VAL A 1 3   ? 13.448  -3.937  -18.078 1.00 70.54  ? 182 VAL A C   1 
ATOM   20   O O   . VAL A 1 3   ? 14.048  -3.863  -17.006 1.00 69.77  ? 182 VAL A O   1 
ATOM   21   C CB  . VAL A 1 3   ? 14.712  -5.796  -19.118 1.00 74.57  ? 182 VAL A CB  1 
ATOM   22   C CG1 . VAL A 1 3   ? 13.559  -6.736  -18.789 1.00 73.45  ? 182 VAL A CG1 1 
ATOM   23   C CG2 . VAL A 1 3   ? 15.460  -6.261  -20.363 1.00 75.43  ? 182 VAL A CG2 1 
ATOM   24   N N   . GLN A 1 4   ? 12.162  -3.629  -18.207 1.00 65.56  ? 183 GLN A N   1 
ATOM   25   C CA  . GLN A 1 4   ? 11.398  -3.176  -17.058 1.00 57.50  ? 183 GLN A CA  1 
ATOM   26   C C   . GLN A 1 4   ? 10.671  -4.310  -16.375 1.00 54.50  ? 183 GLN A C   1 
ATOM   27   O O   . GLN A 1 4   ? 9.814   -4.960  -16.970 1.00 54.54  ? 183 GLN A O   1 
ATOM   28   C CB  . GLN A 1 4   ? 10.386  -2.121  -17.472 1.00 58.68  ? 183 GLN A CB  1 
ATOM   29   C CG  . GLN A 1 4   ? 10.985  -0.967  -18.217 1.00 58.68  ? 183 GLN A CG  1 
ATOM   30   C CD  . GLN A 1 4   ? 10.101  0.254   -18.154 1.00 62.25  ? 183 GLN A CD  1 
ATOM   31   O OE1 . GLN A 1 4   ? 10.295  1.127   -17.304 1.00 58.75  ? 183 GLN A OE1 1 
ATOM   32   N NE2 . GLN A 1 4   ? 9.108   0.319   -19.045 1.00 56.04  ? 183 GLN A NE2 1 
ATOM   33   N N   . VAL A 1 5   ? 11.022  -4.535  -15.117 1.00 47.90  ? 184 VAL A N   1 
ATOM   34   C CA  . VAL A 1 5   ? 10.409  -5.584  -14.323 1.00 42.69  ? 184 VAL A CA  1 
ATOM   35   C C   . VAL A 1 5   ? 9.636   -4.943  -13.180 1.00 40.87  ? 184 VAL A C   1 
ATOM   36   O O   . VAL A 1 5   ? 10.169  -4.107  -12.449 1.00 36.04  ? 184 VAL A O   1 
ATOM   37   C CB  . VAL A 1 5   ? 11.463  -6.511  -13.713 1.00 44.45  ? 184 VAL A CB  1 
ATOM   38   C CG1 . VAL A 1 5   ? 10.783  -7.661  -12.980 1.00 34.23  ? 184 VAL A CG1 1 
ATOM   39   C CG2 . VAL A 1 5   ? 12.400  -7.013  -14.799 1.00 47.94  ? 184 VAL A CG2 1 
ATOM   40   N N   . ASN A 1 6   ? 8.375   -5.337  -13.042 1.00 37.61  ? 185 ASN A N   1 
ATOM   41   C CA  . ASN A 1 6   ? 7.518   -4.822  -11.989 1.00 35.05  ? 185 ASN A CA  1 
ATOM   42   C C   . ASN A 1 6   ? 7.942   -5.412  -10.666 1.00 37.42  ? 185 ASN A C   1 
ATOM   43   O O   . ASN A 1 6   ? 8.046   -6.632  -10.537 1.00 38.69  ? 185 ASN A O   1 
ATOM   44   C CB  . ASN A 1 6   ? 6.061   -5.174  -12.276 1.00 37.49  ? 185 ASN A CB  1 
ATOM   45   C CG  . ASN A 1 6   ? 5.418   -4.199  -13.219 1.00 41.99  ? 185 ASN A CG  1 
ATOM   46   O OD1 . ASN A 1 6   ? 5.383   -3.005  -12.943 1.00 47.12  ? 185 ASN A OD1 1 
ATOM   47   N ND2 . ASN A 1 6   ? 4.908   -4.694  -14.344 1.00 45.38  ? 185 ASN A ND2 1 
ATOM   48   N N   . LEU A 1 7   ? 8.210   -4.554  -9.685  1.00 37.88  ? 186 LEU A N   1 
ATOM   49   C CA  . LEU A 1 7   ? 8.631   -5.051  -8.383  1.00 37.99  ? 186 LEU A CA  1 
ATOM   50   C C   . LEU A 1 7   ? 7.536   -4.867  -7.340  1.00 37.78  ? 186 LEU A C   1 
ATOM   51   O O   . LEU A 1 7   ? 7.343   -3.779  -6.807  1.00 33.78  ? 186 LEU A O   1 
ATOM   52   C CB  . LEU A 1 7   ? 9.942   -4.385  -7.933  1.00 33.11  ? 186 LEU A CB  1 
ATOM   53   C CG  . LEU A 1 7   ? 10.524  -4.892  -6.604  1.00 37.64  ? 186 LEU A CG  1 
ATOM   54   C CD1 . LEU A 1 7   ? 10.400  -6.408  -6.547  1.00 40.52  ? 186 LEU A CD1 1 
ATOM   55   C CD2 . LEU A 1 7   ? 11.990  -4.477  -6.452  1.00 33.82  ? 186 LEU A CD2 1 
ATOM   56   N N   . PRO A 1 8   ? 6.787   -5.946  -7.056  1.00 39.02  ? 187 PRO A N   1 
ATOM   57   C CA  . PRO A 1 8   ? 5.699   -5.916  -6.072  1.00 34.40  ? 187 PRO A CA  1 
ATOM   58   C C   . PRO A 1 8   ? 6.216   -5.840  -4.638  1.00 36.29  ? 187 PRO A C   1 
ATOM   59   O O   . PRO A 1 8   ? 6.960   -6.719  -4.175  1.00 34.09  ? 187 PRO A O   1 
ATOM   60   C CB  . PRO A 1 8   ? 4.958   -7.228  -6.334  1.00 34.19  ? 187 PRO A CB  1 
ATOM   61   C CG  . PRO A 1 8   ? 5.336   -7.578  -7.767  1.00 36.69  ? 187 PRO A CG  1 
ATOM   62   C CD  . PRO A 1 8   ? 6.784   -7.222  -7.792  1.00 33.15  ? 187 PRO A CD  1 
ATOM   63   N N   . VAL A 1 9   ? 5.851   -4.768  -3.947  1.00 35.39  ? 188 VAL A N   1 
ATOM   64   C CA  . VAL A 1 9   ? 6.245   -4.612  -2.553  1.00 36.91  ? 188 VAL A CA  1 
ATOM   65   C C   . VAL A 1 9   ? 5.026   -4.222  -1.750  1.00 36.19  ? 188 VAL A C   1 
ATOM   66   O O   . VAL A 1 9   ? 3.981   -3.897  -2.315  1.00 36.57  ? 188 VAL A O   1 
ATOM   67   C CB  . VAL A 1 9   ? 7.384   -3.570  -2.352  1.00 33.40  ? 188 VAL A CB  1 
ATOM   68   C CG1 . VAL A 1 9   ? 8.710   -4.203  -2.712  1.00 33.58  ? 188 VAL A CG1 1 
ATOM   69   C CG2 . VAL A 1 9   ? 7.145   -2.344  -3.200  1.00 38.41  ? 188 VAL A CG2 1 
ATOM   70   N N   . SER A 1 10  ? 5.150   -4.287  -0.433  1.00 36.97  ? 189 SER A N   1 
ATOM   71   C CA  . SER A 1 10  ? 4.040   -3.957  0.442   1.00 37.20  ? 189 SER A CA  1 
ATOM   72   C C   . SER A 1 10  ? 4.167   -2.543  0.987   1.00 37.43  ? 189 SER A C   1 
ATOM   73   O O   . SER A 1 10  ? 5.250   -1.956  0.966   1.00 39.60  ? 189 SER A O   1 
ATOM   74   C CB  . SER A 1 10  ? 3.997   -4.950  1.597   1.00 40.30  ? 189 SER A CB  1 
ATOM   75   O OG  . SER A 1 10  ? 5.166   -4.827  2.395   1.00 48.73  ? 189 SER A OG  1 
ATOM   76   N N   . LEU A 1 11  ? 3.060   -1.994  1.472   1.00 37.86  ? 190 LEU A N   1 
ATOM   77   C CA  . LEU A 1 11  ? 3.094   -0.659  2.046   1.00 33.98  ? 190 LEU A CA  1 
ATOM   78   C C   . LEU A 1 11  ? 4.001   -0.728  3.252   1.00 34.90  ? 190 LEU A C   1 
ATOM   79   O O   . LEU A 1 11  ? 4.667   0.246   3.585   1.00 41.00  ? 190 LEU A O   1 
ATOM   80   C CB  . LEU A 1 11  ? 1.692   -0.199  2.456   1.00 31.12  ? 190 LEU A CB  1 
ATOM   81   C CG  . LEU A 1 11  ? 0.701   -0.111  1.288   1.00 29.18  ? 190 LEU A CG  1 
ATOM   82   C CD1 . LEU A 1 11  ? -0.685  0.319   1.758   1.00 22.25  ? 190 LEU A CD1 1 
ATOM   83   C CD2 . LEU A 1 11  ? 1.252   0.860   0.255   1.00 27.80  ? 190 LEU A CD2 1 
ATOM   84   N N   . GLU A 1 12  ? 4.033   -1.892  3.900   1.00 41.57  ? 191 GLU A N   1 
ATOM   85   C CA  . GLU A 1 12  ? 4.884   -2.106  5.075   1.00 45.08  ? 191 GLU A CA  1 
ATOM   86   C C   . GLU A 1 12  ? 6.355   -2.022  4.699   1.00 46.00  ? 191 GLU A C   1 
ATOM   87   O O   . GLU A 1 12  ? 7.161   -1.475  5.440   1.00 47.00  ? 191 GLU A O   1 
ATOM   88   C CB  . GLU A 1 12  ? 4.623   -3.477  5.711   1.00 45.17  ? 191 GLU A CB  1 
ATOM   89   C CG  . GLU A 1 12  ? 3.525   -3.503  6.769   1.00 44.01  ? 191 GLU A CG  1 
ATOM   90   C CD  . GLU A 1 12  ? 2.145   -3.705  6.184   1.00 47.77  ? 191 GLU A CD  1 
ATOM   91   O OE1 . GLU A 1 12  ? 1.156   -3.476  6.915   1.00 52.06  ? 191 GLU A OE1 1 
ATOM   92   O OE2 . GLU A 1 12  ? 2.046   -4.100  5.003   1.00 46.94  ? 191 GLU A OE2 1 
ATOM   93   N N   . ASP A 1 13  ? 6.702   -2.568  3.541   1.00 47.57  ? 192 ASP A N   1 
ATOM   94   C CA  . ASP A 1 13  ? 8.081   -2.540  3.096   1.00 47.54  ? 192 ASP A CA  1 
ATOM   95   C C   . ASP A 1 13  ? 8.569   -1.117  2.867   1.00 48.25  ? 192 ASP A C   1 
ATOM   96   O O   . ASP A 1 13  ? 9.530   -0.682  3.492   1.00 50.56  ? 192 ASP A O   1 
ATOM   97   C CB  . ASP A 1 13  ? 8.253   -3.363  1.810   1.00 51.46  ? 192 ASP A CB  1 
ATOM   98   C CG  . ASP A 1 13  ? 8.155   -4.868  2.054   1.00 52.54  ? 192 ASP A CG  1 
ATOM   99   O OD1 . ASP A 1 13  ? 8.329   -5.648  1.097   1.00 50.18  ? 192 ASP A OD1 1 
ATOM   100  O OD2 . ASP A 1 13  ? 7.904   -5.278  3.202   1.00 57.56  ? 192 ASP A OD2 1 
ATOM   101  N N   . LEU A 1 14  ? 7.905   -0.368  1.998   1.00 46.09  ? 193 LEU A N   1 
ATOM   102  C CA  . LEU A 1 14  ? 8.387   0.979   1.734   1.00 44.97  ? 193 LEU A CA  1 
ATOM   103  C C   . LEU A 1 14  ? 8.010   2.019   2.788   1.00 44.90  ? 193 LEU A C   1 
ATOM   104  O O   . LEU A 1 14  ? 8.299   3.210   2.639   1.00 43.57  ? 193 LEU A O   1 
ATOM   105  C CB  . LEU A 1 14  ? 8.003   1.430   0.308   1.00 38.78  ? 193 LEU A CB  1 
ATOM   106  C CG  . LEU A 1 14  ? 6.561   1.565   -0.170  1.00 34.57  ? 193 LEU A CG  1 
ATOM   107  C CD1 . LEU A 1 14  ? 6.350   0.729   -1.423  1.00 23.57  ? 193 LEU A CD1 1 
ATOM   108  C CD2 . LEU A 1 14  ? 5.626   1.145   0.922   1.00 32.93  ? 193 LEU A CD2 1 
ATOM   109  N N   . PHE A 1 15  ? 7.375   1.570   3.864   1.00 45.59  ? 194 PHE A N   1 
ATOM   110  C CA  . PHE A 1 15  ? 7.047   2.481   4.943   1.00 45.61  ? 194 PHE A CA  1 
ATOM   111  C C   . PHE A 1 15  ? 8.283   2.525   5.821   1.00 49.64  ? 194 PHE A C   1 
ATOM   112  O O   . PHE A 1 15  ? 8.638   3.565   6.355   1.00 53.73  ? 194 PHE A O   1 
ATOM   113  C CB  . PHE A 1 15  ? 5.886   1.986   5.801   1.00 47.72  ? 194 PHE A CB  1 
ATOM   114  C CG  . PHE A 1 15  ? 5.690   2.802   7.059   1.00 49.99  ? 194 PHE A CG  1 
ATOM   115  C CD1 . PHE A 1 15  ? 4.930   3.970   7.043   1.00 48.19  ? 194 PHE A CD1 1 
ATOM   116  C CD2 . PHE A 1 15  ? 6.363   2.469   8.235   1.00 49.50  ? 194 PHE A CD2 1 
ATOM   117  C CE1 . PHE A 1 15  ? 4.837   4.788   8.178   1.00 42.44  ? 194 PHE A CE1 1 
ATOM   118  C CE2 . PHE A 1 15  ? 6.273   3.284   9.370   1.00 47.04  ? 194 PHE A CE2 1 
ATOM   119  C CZ  . PHE A 1 15  ? 5.514   4.448   9.334   1.00 38.58  ? 194 PHE A CZ  1 
ATOM   120  N N   . VAL A 1 16  ? 8.929   1.370   5.967   1.00 54.15  ? 195 VAL A N   1 
ATOM   121  C CA  . VAL A 1 16  ? 10.133  1.230   6.780   1.00 55.77  ? 195 VAL A CA  1 
ATOM   122  C C   . VAL A 1 16  ? 11.407  1.293   5.938   1.00 58.32  ? 195 VAL A C   1 
ATOM   123  O O   . VAL A 1 16  ? 12.508  1.419   6.474   1.00 60.37  ? 195 VAL A O   1 
ATOM   124  C CB  . VAL A 1 16  ? 10.133  -0.115  7.546   1.00 55.12  ? 195 VAL A CB  1 
ATOM   125  C CG1 . VAL A 1 16  ? 10.173  -1.265  6.572   1.00 54.45  ? 195 VAL A CG1 1 
ATOM   126  C CG2 . VAL A 1 16  ? 11.333  -0.191  8.472   1.00 60.12  ? 195 VAL A CG2 1 
ATOM   127  N N   . GLY A 1 17  ? 11.260  1.210   4.622   1.00 60.83  ? 196 GLY A N   1 
ATOM   128  C CA  . GLY A 1 17  ? 12.426  1.241   3.762   1.00 65.90  ? 196 GLY A CA  1 
ATOM   129  C C   . GLY A 1 17  ? 13.079  -0.128  3.753   1.00 67.49  ? 196 GLY A C   1 
ATOM   130  O O   . GLY A 1 17  ? 14.302  -0.256  3.762   1.00 68.63  ? 196 GLY A O   1 
ATOM   131  N N   . LYS A 1 18  ? 12.233  -1.152  3.733   1.00 70.62  ? 197 LYS A N   1 
ATOM   132  C CA  . LYS A 1 18  ? 12.631  -2.559  3.731   1.00 72.05  ? 197 LYS A CA  1 
ATOM   133  C C   . LYS A 1 18  ? 13.590  -2.915  2.597   1.00 71.10  ? 197 LYS A C   1 
ATOM   134  O O   . LYS A 1 18  ? 13.662  -2.220  1.583   1.00 70.29  ? 197 LYS A O   1 
ATOM   135  C CB  . LYS A 1 18  ? 11.375  -3.430  3.623   1.00 76.18  ? 197 LYS A CB  1 
ATOM   136  C CG  . LYS A 1 18  ? 11.304  -4.614  4.575   1.00 78.48  ? 197 LYS A CG  1 
ATOM   137  C CD  . LYS A 1 18  ? 12.219  -5.747  4.151   1.00 80.28  ? 197 LYS A CD  1 
ATOM   138  C CE  . LYS A 1 18  ? 11.888  -7.026  4.910   1.00 83.73  ? 197 LYS A CE  1 
ATOM   139  N NZ  . LYS A 1 18  ? 10.498  -7.511  4.634   1.00 83.84  ? 197 LYS A NZ  1 
ATOM   140  N N   . LYS A 1 19  ? 14.313  -4.015  2.780   1.00 69.37  ? 198 LYS A N   1 
ATOM   141  C CA  . LYS A 1 19  ? 15.276  -4.499  1.795   1.00 68.87  ? 198 LYS A CA  1 
ATOM   142  C C   . LYS A 1 19  ? 14.747  -5.727  1.056   1.00 66.40  ? 198 LYS A C   1 
ATOM   143  O O   . LYS A 1 19  ? 14.394  -6.731  1.670   1.00 63.44  ? 198 LYS A O   1 
ATOM   144  C CB  . LYS A 1 19  ? 16.595  -4.852  2.487   1.00 69.96  ? 198 LYS A CB  1 
ATOM   145  C CG  . LYS A 1 19  ? 17.609  -5.509  1.577   1.00 71.20  ? 198 LYS A CG  1 
ATOM   146  C CD  . LYS A 1 19  ? 18.756  -6.092  2.377   1.00 70.58  ? 198 LYS A CD  1 
ATOM   147  C CE  . LYS A 1 19  ? 19.679  -6.905  1.493   1.00 71.95  ? 198 LYS A CE  1 
ATOM   148  N NZ  . LYS A 1 19  ? 20.811  -7.482  2.273   1.00 76.71  ? 198 LYS A NZ  1 
ATOM   149  N N   . LYS A 1 20  ? 14.702  -5.633  -0.268  1.00 65.87  ? 199 LYS A N   1 
ATOM   150  C CA  . LYS A 1 20  ? 14.222  -6.719  -1.113  1.00 65.90  ? 199 LYS A CA  1 
ATOM   151  C C   . LYS A 1 20  ? 15.391  -7.500  -1.719  1.00 65.29  ? 199 LYS A C   1 
ATOM   152  O O   . LYS A 1 20  ? 16.363  -6.913  -2.196  1.00 66.14  ? 199 LYS A O   1 
ATOM   153  C CB  . LYS A 1 20  ? 13.348  -6.158  -2.243  1.00 66.30  ? 199 LYS A CB  1 
ATOM   154  C CG  . LYS A 1 20  ? 11.856  -6.452  -2.132  1.00 64.80  ? 199 LYS A CG  1 
ATOM   155  C CD  . LYS A 1 20  ? 11.226  -5.846  -0.892  1.00 64.11  ? 199 LYS A CD  1 
ATOM   156  C CE  . LYS A 1 20  ? 10.887  -6.909  0.151   1.00 66.12  ? 199 LYS A CE  1 
ATOM   157  N NZ  . LYS A 1 20  ? 12.094  -7.537  0.744   1.00 68.62  ? 199 LYS A NZ  1 
ATOM   158  N N   . SER A 1 21  ? 15.295  -8.824  -1.697  1.00 62.32  ? 200 SER A N   1 
ATOM   159  C CA  . SER A 1 21  ? 16.339  -9.670  -2.260  1.00 59.82  ? 200 SER A CA  1 
ATOM   160  C C   . SER A 1 21  ? 15.694  -10.840 -2.980  1.00 58.02  ? 200 SER A C   1 
ATOM   161  O O   . SER A 1 21  ? 14.880  -11.562 -2.403  1.00 59.23  ? 200 SER A O   1 
ATOM   162  C CB  . SER A 1 21  ? 17.264  -10.188 -1.160  1.00 64.44  ? 200 SER A CB  1 
ATOM   163  O OG  . SER A 1 21  ? 18.396  -10.849 -1.714  1.00 70.17  ? 200 SER A OG  1 
ATOM   164  N N   . PHE A 1 22  ? 16.061  -11.032 -4.242  1.00 54.85  ? 201 PHE A N   1 
ATOM   165  C CA  . PHE A 1 22  ? 15.495  -12.109 -5.043  1.00 51.89  ? 201 PHE A CA  1 
ATOM   166  C C   . PHE A 1 22  ? 16.381  -12.386 -6.241  1.00 52.25  ? 201 PHE A C   1 
ATOM   167  O O   . PHE A 1 22  ? 17.326  -11.655 -6.507  1.00 56.19  ? 201 PHE A O   1 
ATOM   168  C CB  . PHE A 1 22  ? 14.122  -11.701 -5.551  1.00 47.34  ? 201 PHE A CB  1 
ATOM   169  C CG  . PHE A 1 22  ? 14.140  -10.422 -6.335  1.00 45.24  ? 201 PHE A CG  1 
ATOM   170  C CD1 . PHE A 1 22  ? 13.943  -9.203  -5.696  1.00 37.26  ? 201 PHE A CD1 1 
ATOM   171  C CD2 . PHE A 1 22  ? 14.452  -10.430 -7.698  1.00 42.91  ? 201 PHE A CD2 1 
ATOM   172  C CE1 . PHE A 1 22  ? 14.054  -8.017  -6.392  1.00 36.15  ? 201 PHE A CE1 1 
ATOM   173  C CE2 . PHE A 1 22  ? 14.568  -9.242  -8.409  1.00 40.40  ? 201 PHE A CE2 1 
ATOM   174  C CZ  . PHE A 1 22  ? 14.371  -8.031  -7.750  1.00 41.92  ? 201 PHE A CZ  1 
ATOM   175  N N   . LYS A 1 23  ? 16.047  -13.430 -6.985  1.00 53.88  ? 202 LYS A N   1 
ATOM   176  C CA  . LYS A 1 23  ? 16.810  -13.793 -8.165  1.00 54.87  ? 202 LYS A CA  1 
ATOM   177  C C   . LYS A 1 23  ? 15.950  -13.678 -9.415  1.00 51.52  ? 202 LYS A C   1 
ATOM   178  O O   . LYS A 1 23  ? 14.744  -13.894 -9.372  1.00 50.87  ? 202 LYS A O   1 
ATOM   179  C CB  . LYS A 1 23  ? 17.366  -15.218 -8.015  1.00 59.56  ? 202 LYS A CB  1 
ATOM   180  C CG  . LYS A 1 23  ? 16.360  -16.261 -7.498  1.00 69.18  ? 202 LYS A CG  1 
ATOM   181  C CD  . LYS A 1 23  ? 15.291  -16.621 -8.541  1.00 74.61  ? 202 LYS A CD  1 
ATOM   182  C CE  . LYS A 1 23  ? 14.389  -17.773 -8.077  1.00 72.20  ? 202 LYS A CE  1 
ATOM   183  N NZ  . LYS A 1 23  ? 13.521  -18.299 -9.184  1.00 67.57  ? 202 LYS A NZ  1 
ATOM   184  N N   . ILE A 1 24  ? 16.581  -13.314 -10.524 1.00 48.90  ? 203 ILE A N   1 
ATOM   185  C CA  . ILE A 1 24  ? 15.884  -13.173 -11.787 1.00 48.79  ? 203 ILE A CA  1 
ATOM   186  C C   . ILE A 1 24  ? 16.628  -14.001 -12.824 1.00 50.55  ? 203 ILE A C   1 
ATOM   187  O O   . ILE A 1 24  ? 17.849  -14.121 -12.774 1.00 48.04  ? 203 ILE A O   1 
ATOM   188  C CB  . ILE A 1 24  ? 15.884  -11.715 -12.270 1.00 49.56  ? 203 ILE A CB  1 
ATOM   189  C CG1 . ILE A 1 24  ? 15.951  -10.784 -11.084 1.00 57.28  ? 203 ILE A CG1 1 
ATOM   190  C CG2 . ILE A 1 24  ? 14.618  -11.410 -13.048 1.00 44.91  ? 203 ILE A CG2 1 
ATOM   191  C CD1 . ILE A 1 24  ? 16.107  -9.368  -11.490 1.00 71.12  ? 203 ILE A CD1 1 
ATOM   192  N N   . GLY A 1 25  ? 15.888  -14.558 -13.774 1.00 53.65  ? 204 GLY A N   1 
ATOM   193  C CA  . GLY A 1 25  ? 16.513  -15.348 -14.813 1.00 54.31  ? 204 GLY A CA  1 
ATOM   194  C C   . GLY A 1 25  ? 17.087  -14.445 -15.883 1.00 55.79  ? 204 GLY A C   1 
ATOM   195  O O   . GLY A 1 25  ? 16.561  -13.366 -16.138 1.00 58.34  ? 204 GLY A O   1 
ATOM   196  N N   . ARG A 1 26  ? 18.179  -14.889 -16.497 1.00 59.08  ? 205 ARG A N   1 
ATOM   197  C CA  . ARG A 1 26  ? 18.854  -14.151 -17.564 1.00 59.98  ? 205 ARG A CA  1 
ATOM   198  C C   . ARG A 1 26  ? 19.616  -15.146 -18.436 1.00 60.74  ? 205 ARG A C   1 
ATOM   199  O O   . ARG A 1 26  ? 20.217  -16.102 -17.936 1.00 59.52  ? 205 ARG A O   1 
ATOM   200  C CB  . ARG A 1 26  ? 19.848  -13.143 -16.985 1.00 54.17  ? 205 ARG A CB  1 
ATOM   201  C CG  . ARG A 1 26  ? 20.884  -13.790 -16.087 1.00 57.24  ? 205 ARG A CG  1 
ATOM   202  C CD  . ARG A 1 26  ? 22.281  -13.260 -16.343 1.00 56.28  ? 205 ARG A CD  1 
ATOM   203  N NE  . ARG A 1 26  ? 22.818  -12.558 -15.187 1.00 52.75  ? 205 ARG A NE  1 
ATOM   204  C CZ  . ARG A 1 26  ? 24.083  -12.635 -14.798 1.00 55.81  ? 205 ARG A CZ  1 
ATOM   205  N NH1 . ARG A 1 26  ? 24.932  -13.384 -15.479 1.00 60.04  ? 205 ARG A NH1 1 
ATOM   206  N NH2 . ARG A 1 26  ? 24.499  -11.969 -13.730 1.00 60.58  ? 205 ARG A NH2 1 
ATOM   207  N N   . LYS A 1 27  ? 19.585  -14.914 -19.744 1.00 62.68  ? 206 LYS A N   1 
ATOM   208  C CA  . LYS A 1 27  ? 20.278  -15.767 -20.697 1.00 60.89  ? 206 LYS A CA  1 
ATOM   209  C C   . LYS A 1 27  ? 21.780  -15.492 -20.629 1.00 60.62  ? 206 LYS A C   1 
ATOM   210  O O   . LYS A 1 27  ? 22.224  -14.392 -20.935 1.00 63.19  ? 206 LYS A O   1 
ATOM   211  C CB  . LYS A 1 27  ? 19.756  -15.487 -22.109 1.00 56.01  ? 206 LYS A CB  1 
ATOM   212  C CG  . LYS A 1 27  ? 18.244  -15.552 -22.203 1.00 56.09  ? 206 LYS A CG  1 
ATOM   213  C CD  . LYS A 1 27  ? 17.734  -15.245 -23.599 1.00 58.47  ? 206 LYS A CD  1 
ATOM   214  C CE  . LYS A 1 27  ? 16.216  -15.366 -23.643 1.00 62.42  ? 206 LYS A CE  1 
ATOM   215  N NZ  . LYS A 1 27  ? 15.648  -14.986 -24.966 1.00 64.25  ? 206 LYS A NZ  1 
ATOM   216  N N   . GLY A 1 28  ? 22.553  -16.491 -20.213 1.00 62.10  ? 207 GLY A N   1 
ATOM   217  C CA  . GLY A 1 28  ? 23.992  -16.329 -20.132 1.00 65.06  ? 207 GLY A CA  1 
ATOM   218  C C   . GLY A 1 28  ? 24.705  -16.645 -21.444 1.00 68.34  ? 207 GLY A C   1 
ATOM   219  O O   . GLY A 1 28  ? 24.063  -16.855 -22.481 1.00 65.29  ? 207 GLY A O   1 
ATOM   220  N N   . PRO A 1 29  ? 26.045  -16.664 -21.439 1.00 70.63  ? 208 PRO A N   1 
ATOM   221  C CA  . PRO A 1 29  ? 26.795  -16.962 -22.663 1.00 74.52  ? 208 PRO A CA  1 
ATOM   222  C C   . PRO A 1 29  ? 26.791  -18.460 -22.970 1.00 76.82  ? 208 PRO A C   1 
ATOM   223  O O   . PRO A 1 29  ? 26.600  -19.287 -22.078 1.00 78.96  ? 208 PRO A O   1 
ATOM   224  C CB  . PRO A 1 29  ? 28.201  -16.453 -22.344 1.00 74.09  ? 208 PRO A CB  1 
ATOM   225  C CG  . PRO A 1 29  ? 27.973  -15.414 -21.290 1.00 71.16  ? 208 PRO A CG  1 
ATOM   226  C CD  . PRO A 1 29  ? 26.935  -16.072 -20.428 1.00 70.52  ? 208 PRO A CD  1 
ATOM   227  N N   . HIS A 1 30  ? 27.017  -18.800 -24.234 1.00 77.48  ? 209 HIS A N   1 
ATOM   228  C CA  . HIS A 1 30  ? 27.051  -20.189 -24.662 1.00 76.57  ? 209 HIS A CA  1 
ATOM   229  C C   . HIS A 1 30  ? 25.719  -20.856 -24.317 1.00 77.48  ? 209 HIS A C   1 
ATOM   230  O O   . HIS A 1 30  ? 25.667  -21.796 -23.520 1.00 77.74  ? 209 HIS A O   1 
ATOM   231  C CB  . HIS A 1 30  ? 28.204  -20.934 -23.972 1.00 74.54  ? 209 HIS A CB  1 
ATOM   232  C CG  . HIS A 1 30  ? 29.503  -20.187 -23.964 1.00 72.92  ? 209 HIS A CG  1 
ATOM   233  N ND1 . HIS A 1 30  ? 29.674  -18.992 -23.289 1.00 73.01  ? 209 HIS A ND1 1 
ATOM   234  C CD2 . HIS A 1 30  ? 30.709  -20.480 -24.509 1.00 68.51  ? 209 HIS A CD2 1 
ATOM   235  C CE1 . HIS A 1 30  ? 30.929  -18.592 -23.419 1.00 70.68  ? 209 HIS A CE1 1 
ATOM   236  N NE2 . HIS A 1 30  ? 31.575  -19.475 -24.151 1.00 65.28  ? 209 HIS A NE2 1 
ATOM   237  N N   . GLY A 1 31  ? 24.647  -20.350 -24.924 1.00 75.87  ? 210 GLY A N   1 
ATOM   238  C CA  . GLY A 1 31  ? 23.316  -20.890 -24.695 1.00 73.41  ? 210 GLY A CA  1 
ATOM   239  C C   . GLY A 1 31  ? 23.061  -21.371 -23.279 1.00 70.79  ? 210 GLY A C   1 
ATOM   240  O O   . GLY A 1 31  ? 22.805  -22.557 -23.066 1.00 71.84  ? 210 GLY A O   1 
ATOM   241  N N   . ALA A 1 32  ? 23.112  -20.449 -22.318 1.00 67.74  ? 211 ALA A N   1 
ATOM   242  C CA  . ALA A 1 32  ? 22.903  -20.790 -20.911 1.00 64.85  ? 211 ALA A CA  1 
ATOM   243  C C   . ALA A 1 32  ? 21.733  -20.070 -20.231 1.00 65.23  ? 211 ALA A C   1 
ATOM   244  O O   . ALA A 1 32  ? 21.306  -18.985 -20.645 1.00 61.79  ? 211 ALA A O   1 
ATOM   245  C CB  . ALA A 1 32  ? 24.183  -20.529 -20.125 1.00 57.61  ? 211 ALA A CB  1 
ATOM   246  N N   . SER A 1 33  ? 21.226  -20.703 -19.175 1.00 63.73  ? 212 SER A N   1 
ATOM   247  C CA  . SER A 1 33  ? 20.128  -20.164 -18.386 1.00 60.50  ? 212 SER A CA  1 
ATOM   248  C C   . SER A 1 33  ? 20.649  -19.888 -16.986 1.00 60.22  ? 212 SER A C   1 
ATOM   249  O O   . SER A 1 33  ? 20.825  -20.803 -16.184 1.00 59.10  ? 212 SER A O   1 
ATOM   250  C CB  . SER A 1 33  ? 18.973  -21.158 -18.316 1.00 59.68  ? 212 SER A CB  1 
ATOM   251  O OG  . SER A 1 33  ? 18.420  -21.370 -19.599 1.00 63.82  ? 212 SER A OG  1 
ATOM   252  N N   . GLU A 1 34  ? 20.899  -18.615 -16.702 1.00 60.19  ? 213 GLU A N   1 
ATOM   253  C CA  . GLU A 1 34  ? 21.408  -18.214 -15.402 1.00 57.37  ? 213 GLU A CA  1 
ATOM   254  C C   . GLU A 1 34  ? 20.325  -17.522 -14.573 1.00 56.58  ? 213 GLU A C   1 
ATOM   255  O O   . GLU A 1 34  ? 19.222  -17.248 -15.057 1.00 53.39  ? 213 GLU A O   1 
ATOM   256  C CB  . GLU A 1 34  ? 22.601  -17.275 -15.593 1.00 57.27  ? 213 GLU A CB  1 
ATOM   257  C CG  . GLU A 1 34  ? 23.725  -17.898 -16.390 1.00 63.32  ? 213 GLU A CG  1 
ATOM   258  C CD  . GLU A 1 34  ? 24.771  -16.892 -16.819 1.00 65.72  ? 213 GLU A CD  1 
ATOM   259  O OE1 . GLU A 1 34  ? 25.629  -17.253 -17.648 1.00 66.74  ? 213 GLU A OE1 1 
ATOM   260  O OE2 . GLU A 1 34  ? 24.739  -15.748 -16.333 1.00 67.79  ? 213 GLU A OE2 1 
ATOM   261  N N   . LYS A 1 35  ? 20.654  -17.264 -13.311 1.00 52.47  ? 214 LYS A N   1 
ATOM   262  C CA  . LYS A 1 35  ? 19.757  -16.586 -12.391 1.00 50.00  ? 214 LYS A CA  1 
ATOM   263  C C   . LYS A 1 35  ? 20.584  -15.656 -11.512 1.00 50.96  ? 214 LYS A C   1 
ATOM   264  O O   . LYS A 1 35  ? 21.369  -16.104 -10.675 1.00 53.10  ? 214 LYS A O   1 
ATOM   265  C CB  . LYS A 1 35  ? 18.966  -17.605 -11.557 1.00 50.64  ? 214 LYS A CB  1 
ATOM   266  C CG  . LYS A 1 35  ? 17.803  -18.233 -12.352 1.00 54.54  ? 214 LYS A CG  1 
ATOM   267  C CD  . LYS A 1 35  ? 16.859  -19.081 -11.503 1.00 58.48  ? 214 LYS A CD  1 
ATOM   268  C CE  . LYS A 1 35  ? 17.475  -20.410 -11.107 1.00 60.18  ? 214 LYS A CE  1 
ATOM   269  N NZ  . LYS A 1 35  ? 16.610  -21.190 -10.181 1.00 59.92  ? 214 LYS A NZ  1 
ATOM   270  N N   . THR A 1 36  ? 20.412  -14.353 -11.722 1.00 47.75  ? 215 THR A N   1 
ATOM   271  C CA  . THR A 1 36  ? 21.164  -13.353 -10.985 1.00 46.74  ? 215 THR A CA  1 
ATOM   272  C C   . THR A 1 36  ? 20.448  -12.828 -9.760  1.00 47.00  ? 215 THR A C   1 
ATOM   273  O O   . THR A 1 36  ? 19.252  -12.557 -9.786  1.00 50.12  ? 215 THR A O   1 
ATOM   274  C CB  . THR A 1 36  ? 21.540  -12.175 -11.901 1.00 47.28  ? 215 THR A CB  1 
ATOM   275  O OG1 . THR A 1 36  ? 22.146  -11.131 -11.128 1.00 52.44  ? 215 THR A OG1 1 
ATOM   276  C CG2 . THR A 1 36  ? 20.318  -11.649 -12.611 1.00 46.52  ? 215 THR A CG2 1 
ATOM   277  N N   . GLN A 1 37  ? 21.202  -12.694 -8.677  1.00 49.40  ? 216 GLN A N   1 
ATOM   278  C CA  . GLN A 1 37  ? 20.670  -12.209 -7.414  1.00 52.93  ? 216 GLN A CA  1 
ATOM   279  C C   . GLN A 1 37  ? 20.593  -10.689 -7.419  1.00 51.98  ? 216 GLN A C   1 
ATOM   280  O O   . GLN A 1 37  ? 21.502  -10.008 -7.880  1.00 51.95  ? 216 GLN A O   1 
ATOM   281  C CB  . GLN A 1 37  ? 21.555  -12.691 -6.261  1.00 56.34  ? 216 GLN A CB  1 
ATOM   282  C CG  . GLN A 1 37  ? 20.813  -13.491 -5.207  1.00 59.67  ? 216 GLN A CG  1 
ATOM   283  C CD  . GLN A 1 37  ? 20.405  -12.652 -4.021  1.00 60.74  ? 216 GLN A CD  1 
ATOM   284  O OE1 . GLN A 1 37  ? 19.649  -13.098 -3.163  1.00 63.53  ? 216 GLN A OE1 1 
ATOM   285  N NE2 . GLN A 1 37  ? 20.914  -11.432 -3.960  1.00 62.81  ? 216 GLN A NE2 1 
ATOM   286  N N   . ILE A 1 38  ? 19.492  -10.163 -6.909  1.00 53.21  ? 217 ILE A N   1 
ATOM   287  C CA  . ILE A 1 38  ? 19.299  -8.727  -6.861  1.00 53.75  ? 217 ILE A CA  1 
ATOM   288  C C   . ILE A 1 38  ? 18.846  -8.328  -5.481  1.00 54.15  ? 217 ILE A C   1 
ATOM   289  O O   . ILE A 1 38  ? 17.975  -8.969  -4.902  1.00 59.40  ? 217 ILE A O   1 
ATOM   290  C CB  . ILE A 1 38  ? 18.211  -8.258  -7.848  1.00 53.51  ? 217 ILE A CB  1 
ATOM   291  C CG1 . ILE A 1 38  ? 18.602  -8.628  -9.274  1.00 52.30  ? 217 ILE A CG1 1 
ATOM   292  C CG2 . ILE A 1 38  ? 17.998  -6.753  -7.708  1.00 50.25  ? 217 ILE A CG2 1 
ATOM   293  C CD1 . ILE A 1 38  ? 19.913  -8.052  -9.701  1.00 56.92  ? 217 ILE A CD1 1 
ATOM   294  N N   . ASP A 1 39  ? 19.439  -7.271  -4.955  1.00 52.17  ? 218 ASP A N   1 
ATOM   295  C CA  . ASP A 1 39  ? 19.059  -6.772  -3.648  1.00 55.33  ? 218 ASP A CA  1 
ATOM   296  C C   . ASP A 1 39  ? 18.753  -5.289  -3.797  1.00 57.62  ? 218 ASP A C   1 
ATOM   297  O O   . ASP A 1 39  ? 19.606  -4.502  -4.222  1.00 58.25  ? 218 ASP A O   1 
ATOM   298  C CB  . ASP A 1 39  ? 20.178  -6.981  -2.621  1.00 56.62  ? 218 ASP A CB  1 
ATOM   299  C CG  . ASP A 1 39  ? 20.329  -8.433  -2.204  1.00 59.63  ? 218 ASP A CG  1 
ATOM   300  O OD1 . ASP A 1 39  ? 21.055  -9.182  -2.890  1.00 61.15  ? 218 ASP A OD1 1 
ATOM   301  O OD2 . ASP A 1 39  ? 19.714  -8.825  -1.188  1.00 58.80  ? 218 ASP A OD2 1 
ATOM   302  N N   . ILE A 1 40  ? 17.525  -4.913  -3.460  1.00 55.58  ? 219 ILE A N   1 
ATOM   303  C CA  . ILE A 1 40  ? 17.105  -3.528  -3.558  1.00 49.61  ? 219 ILE A CA  1 
ATOM   304  C C   . ILE A 1 40  ? 16.772  -2.979  -2.191  1.00 52.93  ? 219 ILE A C   1 
ATOM   305  O O   . ILE A 1 40  ? 15.958  -3.544  -1.467  1.00 55.81  ? 219 ILE A O   1 
ATOM   306  C CB  . ILE A 1 40  ? 15.876  -3.391  -4.466  1.00 48.67  ? 219 ILE A CB  1 
ATOM   307  C CG1 . ILE A 1 40  ? 16.289  -3.627  -5.922  1.00 46.56  ? 219 ILE A CG1 1 
ATOM   308  C CG2 . ILE A 1 40  ? 15.230  -2.028  -4.270  1.00 35.25  ? 219 ILE A CG2 1 
ATOM   309  C CD1 . ILE A 1 40  ? 15.139  -3.717  -6.896  1.00 41.65  ? 219 ILE A CD1 1 
ATOM   310  N N   . GLN A 1 41  ? 17.413  -1.872  -1.841  1.00 54.78  ? 220 GLN A N   1 
ATOM   311  C CA  . GLN A 1 41  ? 17.173  -1.236  -0.559  1.00 58.18  ? 220 GLN A CA  1 
ATOM   312  C C   . GLN A 1 41  ? 16.118  -0.152  -0.720  1.00 57.37  ? 220 GLN A C   1 
ATOM   313  O O   . GLN A 1 41  ? 16.419  0.972   -1.120  1.00 56.52  ? 220 GLN A O   1 
ATOM   314  C CB  . GLN A 1 41  ? 18.452  -0.609  -0.005  1.00 56.69  ? 220 GLN A CB  1 
ATOM   315  C CG  . GLN A 1 41  ? 18.349  -0.279  1.466   1.00 58.89  ? 220 GLN A CG  1 
ATOM   316  C CD  . GLN A 1 41  ? 18.342  -1.527  2.333   1.00 63.25  ? 220 GLN A CD  1 
ATOM   317  O OE1 . GLN A 1 41  ? 19.308  -2.289  2.340   1.00 67.21  ? 220 GLN A OE1 1 
ATOM   318  N NE2 . GLN A 1 41  ? 17.253  -1.742  3.069   1.00 61.25  ? 220 GLN A NE2 1 
ATOM   319  N N   . LEU A 1 42  ? 14.878  -0.506  -0.414  1.00 55.90  ? 221 LEU A N   1 
ATOM   320  C CA  . LEU A 1 42  ? 13.769  0.428   -0.505  1.00 54.11  ? 221 LEU A CA  1 
ATOM   321  C C   . LEU A 1 42  ? 13.935  1.518   0.542   1.00 55.45  ? 221 LEU A C   1 
ATOM   322  O O   . LEU A 1 42  ? 14.265  1.240   1.692   1.00 53.61  ? 221 LEU A O   1 
ATOM   323  C CB  . LEU A 1 42  ? 12.451  -0.301  -0.249  1.00 51.45  ? 221 LEU A CB  1 
ATOM   324  C CG  . LEU A 1 42  ? 11.784  -1.200  -1.291  1.00 40.06  ? 221 LEU A CG  1 
ATOM   325  C CD1 . LEU A 1 42  ? 12.800  -1.927  -2.112  1.00 48.71  ? 221 LEU A CD1 1 
ATOM   326  C CD2 . LEU A 1 42  ? 10.878  -2.173  -0.553  1.00 38.12  ? 221 LEU A CD2 1 
ATOM   327  N N   . LYS A 1 43  ? 13.708  2.762   0.142   1.00 58.94  ? 222 LYS A N   1 
ATOM   328  C CA  . LYS A 1 43  ? 13.811  3.874   1.077   1.00 63.79  ? 222 LYS A CA  1 
ATOM   329  C C   . LYS A 1 43  ? 12.418  4.172   1.628   1.00 63.42  ? 222 LYS A C   1 
ATOM   330  O O   . LYS A 1 43  ? 11.441  4.199   0.876   1.00 66.09  ? 222 LYS A O   1 
ATOM   331  C CB  . LYS A 1 43  ? 14.361  5.119   0.374   1.00 62.90  ? 222 LYS A CB  1 
ATOM   332  C CG  . LYS A 1 43  ? 15.819  5.020   -0.044  1.00 69.06  ? 222 LYS A CG  1 
ATOM   333  C CD  . LYS A 1 43  ? 16.249  6.302   -0.754  1.00 78.65  ? 222 LYS A CD  1 
ATOM   334  C CE  . LYS A 1 43  ? 17.740  6.325   -1.071  1.00 81.19  ? 222 LYS A CE  1 
ATOM   335  N NZ  . LYS A 1 43  ? 18.144  5.269   -2.038  1.00 83.48  ? 222 LYS A NZ  1 
ATOM   336  N N   . PRO A 1 44  ? 12.306  4.392   2.947   1.00 59.36  ? 223 PRO A N   1 
ATOM   337  C CA  . PRO A 1 44  ? 10.997  4.688   3.541   1.00 57.37  ? 223 PRO A CA  1 
ATOM   338  C C   . PRO A 1 44  ? 10.258  5.765   2.748   1.00 54.30  ? 223 PRO A C   1 
ATOM   339  O O   . PRO A 1 44  ? 10.835  6.794   2.389   1.00 49.09  ? 223 PRO A O   1 
ATOM   340  C CB  . PRO A 1 44  ? 11.358  5.150   4.947   1.00 56.83  ? 223 PRO A CB  1 
ATOM   341  C CG  . PRO A 1 44  ? 12.569  4.324   5.253   1.00 55.76  ? 223 PRO A CG  1 
ATOM   342  C CD  . PRO A 1 44  ? 13.364  4.419   3.968   1.00 55.35  ? 223 PRO A CD  1 
ATOM   343  N N   . GLY A 1 45  ? 8.987   5.508   2.457   1.00 52.46  ? 224 GLY A N   1 
ATOM   344  C CA  . GLY A 1 45  ? 8.200   6.470   1.703   1.00 48.23  ? 224 GLY A CA  1 
ATOM   345  C C   . GLY A 1 45  ? 8.276   6.333   0.191   1.00 44.51  ? 224 GLY A C   1 
ATOM   346  O O   . GLY A 1 45  ? 7.671   7.116   -0.543  1.00 34.45  ? 224 GLY A O   1 
ATOM   347  N N   . TRP A 1 46  ? 9.028   5.347   -0.285  1.00 45.81  ? 225 TRP A N   1 
ATOM   348  C CA  . TRP A 1 46  ? 9.144   5.127   -1.720  1.00 45.82  ? 225 TRP A CA  1 
ATOM   349  C C   . TRP A 1 46  ? 7.767   4.866   -2.308  1.00 42.11  ? 225 TRP A C   1 
ATOM   350  O O   . TRP A 1 46  ? 6.909   4.267   -1.667  1.00 40.09  ? 225 TRP A O   1 
ATOM   351  C CB  . TRP A 1 46  ? 10.100  3.970   -1.996  1.00 50.47  ? 225 TRP A CB  1 
ATOM   352  C CG  . TRP A 1 46  ? 11.452  4.439   -2.412  1.00 59.07  ? 225 TRP A CG  1 
ATOM   353  C CD1 . TRP A 1 46  ? 12.018  5.654   -2.144  1.00 61.97  ? 225 TRP A CD1 1 
ATOM   354  C CD2 . TRP A 1 46  ? 12.417  3.712   -3.173  1.00 64.71  ? 225 TRP A CD2 1 
ATOM   355  N NE1 . TRP A 1 46  ? 13.272  5.729   -2.693  1.00 62.88  ? 225 TRP A NE1 1 
ATOM   356  C CE2 . TRP A 1 46  ? 13.546  4.538   -3.334  1.00 64.77  ? 225 TRP A CE2 1 
ATOM   357  C CE3 . TRP A 1 46  ? 12.443  2.426   -3.738  1.00 65.81  ? 225 TRP A CE3 1 
ATOM   358  C CZ2 . TRP A 1 46  ? 14.686  4.139   -4.033  1.00 63.50  ? 225 TRP A CZ2 1 
ATOM   359  C CZ3 . TRP A 1 46  ? 13.573  2.026   -4.433  1.00 62.09  ? 225 TRP A CZ3 1 
ATOM   360  C CH2 . TRP A 1 46  ? 14.679  2.879   -4.573  1.00 61.75  ? 225 TRP A CH2 1 
ATOM   361  N N   . LYS A 1 47  ? 7.554   5.326   -3.532  1.00 45.13  ? 226 LYS A N   1 
ATOM   362  C CA  . LYS A 1 47  ? 6.251   5.188   -4.175  1.00 47.45  ? 226 LYS A CA  1 
ATOM   363  C C   . LYS A 1 47  ? 6.165   4.148   -5.288  1.00 45.51  ? 226 LYS A C   1 
ATOM   364  O O   . LYS A 1 47  ? 7.114   3.442   -5.572  1.00 49.38  ? 226 LYS A O   1 
ATOM   365  C CB  . LYS A 1 47  ? 5.818   6.561   -4.713  1.00 45.12  ? 226 LYS A CB  1 
ATOM   366  C CG  . LYS A 1 47  ? 5.772   7.639   -3.635  1.00 48.88  ? 226 LYS A CG  1 
ATOM   367  C CD  . LYS A 1 47  ? 4.882   8.801   -4.035  1.00 50.45  ? 226 LYS A CD  1 
ATOM   368  C CE  . LYS A 1 47  ? 4.756   9.819   -2.920  1.00 48.59  ? 226 LYS A CE  1 
ATOM   369  N NZ  . LYS A 1 47  ? 3.729   10.861  -3.234  1.00 53.64  ? 226 LYS A NZ  1 
ATOM   370  N N   . ALA A 1 48  ? 4.994   4.034   -5.894  1.00 45.95  ? 227 ALA A N   1 
ATOM   371  C CA  . ALA A 1 48  ? 4.822   3.113   -6.999  1.00 41.04  ? 227 ALA A CA  1 
ATOM   372  C C   . ALA A 1 48  ? 5.486   3.832   -8.163  1.00 41.92  ? 227 ALA A C   1 
ATOM   373  O O   . ALA A 1 48  ? 5.596   5.058   -8.146  1.00 41.31  ? 227 ALA A O   1 
ATOM   374  C CB  . ALA A 1 48  ? 3.351   2.901   -7.283  1.00 31.23  ? 227 ALA A CB  1 
ATOM   375  N N   . GLY A 1 49  ? 5.953   3.076   -9.151  1.00 41.69  ? 228 GLY A N   1 
ATOM   376  C CA  . GLY A 1 49  ? 6.577   3.682   -10.310 1.00 33.46  ? 228 GLY A CA  1 
ATOM   377  C C   . GLY A 1 49  ? 8.026   4.099   -10.153 1.00 38.90  ? 228 GLY A C   1 
ATOM   378  O O   . GLY A 1 49  ? 8.674   4.413   -11.148 1.00 46.51  ? 228 GLY A O   1 
ATOM   379  N N   . THR A 1 50  ? 8.565   4.115   -8.941  1.00 34.85  ? 229 THR A N   1 
ATOM   380  C CA  . THR A 1 50  ? 9.954   4.518   -8.818  1.00 37.25  ? 229 THR A CA  1 
ATOM   381  C C   . THR A 1 50  ? 10.858  3.405   -9.338  1.00 42.13  ? 229 THR A C   1 
ATOM   382  O O   . THR A 1 50  ? 10.630  2.228   -9.072  1.00 48.99  ? 229 THR A O   1 
ATOM   383  C CB  . THR A 1 50  ? 10.303  4.935   -7.357  1.00 35.09  ? 229 THR A CB  1 
ATOM   384  O OG1 . THR A 1 50  ? 11.454  4.224   -6.888  1.00 39.28  ? 229 THR A OG1 1 
ATOM   385  C CG2 . THR A 1 50  ? 9.141   4.697   -6.461  1.00 32.24  ? 229 THR A CG2 1 
ATOM   386  N N   . LYS A 1 51  ? 11.885  3.790   -10.089 1.00 45.71  ? 230 LYS A N   1 
ATOM   387  C CA  . LYS A 1 51  ? 12.798  2.833   -10.707 1.00 44.57  ? 230 LYS A CA  1 
ATOM   388  C C   . LYS A 1 51  ? 14.152  2.623   -10.051 1.00 45.53  ? 230 LYS A C   1 
ATOM   389  O O   . LYS A 1 51  ? 14.606  3.430   -9.251  1.00 45.96  ? 230 LYS A O   1 
ATOM   390  C CB  . LYS A 1 51  ? 12.989  3.229   -12.168 1.00 39.84  ? 230 LYS A CB  1 
ATOM   391  C CG  . LYS A 1 51  ? 11.655  3.402   -12.893 1.00 39.58  ? 230 LYS A CG  1 
ATOM   392  C CD  . LYS A 1 51  ? 11.785  4.175   -14.176 1.00 34.17  ? 230 LYS A CD  1 
ATOM   393  C CE  . LYS A 1 51  ? 10.433  4.292   -14.854 1.00 40.96  ? 230 LYS A CE  1 
ATOM   394  N NZ  . LYS A 1 51  ? 10.499  4.846   -16.243 1.00 41.79  ? 230 LYS A NZ  1 
ATOM   395  N N   . ILE A 1 52  ? 14.777  1.502   -10.392 1.00 49.88  ? 231 ILE A N   1 
ATOM   396  C CA  . ILE A 1 52  ? 16.095  1.139   -9.876  1.00 49.56  ? 231 ILE A CA  1 
ATOM   397  C C   . ILE A 1 52  ? 16.760  0.294   -10.935 1.00 52.59  ? 231 ILE A C   1 
ATOM   398  O O   . ILE A 1 52  ? 16.631  -0.926  -10.939 1.00 52.61  ? 231 ILE A O   1 
ATOM   399  C CB  . ILE A 1 52  ? 16.015  0.274   -8.634  1.00 46.58  ? 231 ILE A CB  1 
ATOM   400  C CG1 . ILE A 1 52  ? 15.182  0.957   -7.576  1.00 41.34  ? 231 ILE A CG1 1 
ATOM   401  C CG2 . ILE A 1 52  ? 17.410  0.014   -8.104  1.00 43.55  ? 231 ILE A CG2 1 
ATOM   402  C CD1 . ILE A 1 52  ? 14.913  0.054   -6.434  1.00 50.59  ? 231 ILE A CD1 1 
ATOM   403  N N   . THR A 1 53  ? 17.468  0.940   -11.842 1.00 55.99  ? 232 THR A N   1 
ATOM   404  C CA  . THR A 1 53  ? 18.122  0.206   -12.899 1.00 58.40  ? 232 THR A CA  1 
ATOM   405  C C   . THR A 1 53  ? 19.441  -0.395  -12.445 1.00 59.17  ? 232 THR A C   1 
ATOM   406  O O   . THR A 1 53  ? 20.202  0.228   -11.714 1.00 57.67  ? 232 THR A O   1 
ATOM   407  C CB  . THR A 1 53  ? 18.404  1.108   -14.089 1.00 56.72  ? 232 THR A CB  1 
ATOM   408  O OG1 . THR A 1 53  ? 19.444  2.027   -13.732 1.00 55.27  ? 232 THR A OG1 1 
ATOM   409  C CG2 . THR A 1 53  ? 17.137  1.869   -14.491 1.00 48.71  ? 232 THR A CG2 1 
ATOM   410  N N   . TYR A 1 54  ? 19.686  -1.625  -12.879 1.00 62.95  ? 233 TYR A N   1 
ATOM   411  C CA  . TYR A 1 54  ? 20.922  -2.328  -12.585 1.00 63.36  ? 233 TYR A CA  1 
ATOM   412  C C   . TYR A 1 54  ? 21.550  -2.490  -13.950 1.00 67.95  ? 233 TYR A C   1 
ATOM   413  O O   . TYR A 1 54  ? 21.108  -3.320  -14.744 1.00 69.62  ? 233 TYR A O   1 
ATOM   414  C CB  . TYR A 1 54  ? 20.645  -3.697  -11.963 1.00 59.57  ? 233 TYR A CB  1 
ATOM   415  C CG  . TYR A 1 54  ? 20.245  -3.627  -10.509 1.00 56.35  ? 233 TYR A CG  1 
ATOM   416  C CD1 . TYR A 1 54  ? 19.110  -2.924  -10.112 1.00 53.49  ? 233 TYR A CD1 1 
ATOM   417  C CD2 . TYR A 1 54  ? 21.021  -4.241  -9.521  1.00 55.40  ? 233 TYR A CD2 1 
ATOM   418  C CE1 . TYR A 1 54  ? 18.761  -2.829  -8.773  1.00 54.77  ? 233 TYR A CE1 1 
ATOM   419  C CE2 . TYR A 1 54  ? 20.679  -4.150  -8.175  1.00 50.26  ? 233 TYR A CE2 1 
ATOM   420  C CZ  . TYR A 1 54  ? 19.549  -3.441  -7.811  1.00 52.01  ? 233 TYR A CZ  1 
ATOM   421  O OH  . TYR A 1 54  ? 19.213  -3.327  -6.484  1.00 52.13  ? 233 TYR A OH  1 
ATOM   422  N N   . LYS A 1 55  ? 22.556  -1.667  -14.225 1.00 72.82  ? 234 LYS A N   1 
ATOM   423  C CA  . LYS A 1 55  ? 23.255  -1.681  -15.509 1.00 75.68  ? 234 LYS A CA  1 
ATOM   424  C C   . LYS A 1 55  ? 23.811  -3.046  -15.899 1.00 74.86  ? 234 LYS A C   1 
ATOM   425  O O   . LYS A 1 55  ? 24.440  -3.728  -15.093 1.00 71.89  ? 234 LYS A O   1 
ATOM   426  C CB  . LYS A 1 55  ? 24.389  -0.647  -15.496 1.00 79.54  ? 234 LYS A CB  1 
ATOM   427  C CG  . LYS A 1 55  ? 24.025  0.694   -16.122 1.00 81.16  ? 234 LYS A CG  1 
ATOM   428  C CD  . LYS A 1 55  ? 23.881  0.541   -17.623 1.00 86.65  ? 234 LYS A CD  1 
ATOM   429  C CE  . LYS A 1 55  ? 23.501  1.843   -18.299 1.00 88.46  ? 234 LYS A CE  1 
ATOM   430  N NZ  . LYS A 1 55  ? 23.527  1.697   -19.786 1.00 91.30  ? 234 LYS A NZ  1 
ATOM   431  N N   . ASN A 1 56  ? 23.568  -3.431  -17.147 1.00 78.20  ? 235 ASN A N   1 
ATOM   432  C CA  . ASN A 1 56  ? 24.043  -4.704  -17.677 1.00 81.77  ? 235 ASN A CA  1 
ATOM   433  C C   . ASN A 1 56  ? 23.992  -5.844  -16.667 1.00 79.29  ? 235 ASN A C   1 
ATOM   434  O O   . ASN A 1 56  ? 24.919  -6.038  -15.878 1.00 81.37  ? 235 ASN A O   1 
ATOM   435  C CB  . ASN A 1 56  ? 25.471  -4.546  -18.205 1.00 88.51  ? 235 ASN A CB  1 
ATOM   436  C CG  . ASN A 1 56  ? 25.512  -3.920  -19.584 1.00 95.45  ? 235 ASN A CG  1 
ATOM   437  O OD1 . ASN A 1 56  ? 25.396  -4.619  -20.592 1.00 99.89  ? 235 ASN A OD1 1 
ATOM   438  N ND2 . ASN A 1 56  ? 25.663  -2.596  -19.638 1.00 97.03  ? 235 ASN A ND2 1 
ATOM   439  N N   . GLN A 1 57  ? 22.904  -6.600  -16.696 1.00 73.22  ? 236 GLN A N   1 
ATOM   440  C CA  . GLN A 1 57  ? 22.761  -7.721  -15.787 1.00 66.60  ? 236 GLN A CA  1 
ATOM   441  C C   . GLN A 1 57  ? 21.671  -8.672  -16.284 1.00 63.82  ? 236 GLN A C   1 
ATOM   442  O O   . GLN A 1 57  ? 21.352  -9.653  -15.620 1.00 65.68  ? 236 GLN A O   1 
ATOM   443  C CB  . GLN A 1 57  ? 22.445  -7.201  -14.381 1.00 61.29  ? 236 GLN A CB  1 
ATOM   444  C CG  . GLN A 1 57  ? 22.608  -8.218  -13.270 1.00 58.44  ? 236 GLN A CG  1 
ATOM   445  C CD  . GLN A 1 57  ? 23.101  -7.587  -11.979 1.00 60.96  ? 236 GLN A CD  1 
ATOM   446  O OE1 . GLN A 1 57  ? 23.162  -8.240  -10.933 1.00 62.95  ? 236 GLN A OE1 1 
ATOM   447  N NE2 . GLN A 1 57  ? 23.467  -6.311  -12.048 1.00 61.07  ? 236 GLN A NE2 1 
ATOM   448  N N   . GLY A 1 58  ? 21.136  -8.388  -17.470 1.00 60.19  ? 237 GLY A N   1 
ATOM   449  C CA  . GLY A 1 58  ? 20.085  -9.207  -18.042 1.00 61.86  ? 237 GLY A CA  1 
ATOM   450  C C   . GLY A 1 58  ? 20.556  -10.151 -19.135 1.00 66.09  ? 237 GLY A C   1 
ATOM   451  O O   . GLY A 1 58  ? 21.649  -10.710 -19.037 1.00 67.75  ? 237 GLY A O   1 
ATOM   452  N N   . ASP A 1 59  ? 19.742  -10.333 -20.177 1.00 68.68  ? 238 ASP A N   1 
ATOM   453  C CA  . ASP A 1 59  ? 20.088  -11.225 -21.288 1.00 72.35  ? 238 ASP A CA  1 
ATOM   454  C C   . ASP A 1 59  ? 21.480  -10.913 -21.875 1.00 77.10  ? 238 ASP A C   1 
ATOM   455  O O   . ASP A 1 59  ? 22.189  -10.056 -21.351 1.00 78.07  ? 238 ASP A O   1 
ATOM   456  C CB  . ASP A 1 59  ? 18.977  -11.188 -22.339 1.00 69.00  ? 238 ASP A CB  1 
ATOM   457  C CG  . ASP A 1 59  ? 17.707  -11.888 -21.849 1.00 64.10  ? 238 ASP A CG  1 
ATOM   458  O OD1 . ASP A 1 59  ? 16.666  -11.861 -22.542 1.00 61.70  ? 238 ASP A OD1 1 
ATOM   459  O OD2 . ASP A 1 59  ? 17.764  -12.479 -20.750 1.00 61.82  ? 238 ASP A OD2 1 
ATOM   460  N N   . TYR A 1 60  ? 21.889  -11.559 -22.960 1.00 81.63  ? 239 TYR A N   1 
ATOM   461  C CA  . TYR A 1 60  ? 23.271  -11.358 -23.451 1.00 86.48  ? 239 TYR A CA  1 
ATOM   462  C C   . TYR A 1 60  ? 23.486  -10.982 -24.920 1.00 90.56  ? 239 TYR A C   1 
ATOM   463  O O   . TYR A 1 60  ? 23.182  -11.815 -25.744 1.00 91.34  ? 239 TYR A O   1 
ATOM   464  C CB  . TYR A 1 60  ? 23.992  -12.710 -23.265 1.00 85.87  ? 239 TYR A CB  1 
ATOM   465  C CG  . TYR A 1 60  ? 25.469  -12.731 -23.576 1.00 85.66  ? 239 TYR A CG  1 
ATOM   466  C CD1 . TYR A 1 60  ? 26.394  -12.384 -22.602 1.00 85.27  ? 239 TYR A CD1 1 
ATOM   467  C CD2 . TYR A 1 60  ? 25.944  -13.106 -24.837 1.00 84.45  ? 239 TYR A CD2 1 
ATOM   468  C CE1 . TYR A 1 60  ? 27.764  -12.405 -22.868 1.00 86.89  ? 239 TYR A CE1 1 
ATOM   469  C CE2 . TYR A 1 60  ? 27.317  -13.127 -25.120 1.00 84.77  ? 239 TYR A CE2 1 
ATOM   470  C CZ  . TYR A 1 60  ? 28.218  -12.777 -24.131 1.00 85.61  ? 239 TYR A CZ  1 
ATOM   471  O OH  . TYR A 1 60  ? 29.574  -12.769 -24.415 1.00 79.76  ? 239 TYR A OH  1 
ATOM   472  N N   . ASN A 1 61  ? 24.013  -9.787  -25.266 1.00 95.26  ? 240 ASN A N   1 
ATOM   473  C CA  . ASN A 1 61  ? 24.291  -9.503  -26.697 1.00 98.92  ? 240 ASN A CA  1 
ATOM   474  C C   . ASN A 1 61  ? 24.266  -8.244  -27.550 1.00 101.31 ? 240 ASN A C   1 
ATOM   475  O O   . ASN A 1 61  ? 23.724  -8.327  -28.667 1.00 102.42 ? 240 ASN A O   1 
ATOM   476  C CB  . ASN A 1 61  ? 23.565  -10.491 -27.579 1.00 99.36  ? 240 ASN A CB  1 
ATOM   477  C CG  . ASN A 1 61  ? 24.436  -11.665 -27.963 1.00 102.33 ? 240 ASN A CG  1 
ATOM   478  O OD1 . ASN A 1 61  ? 23.953  -12.685 -28.448 1.00 103.26 ? 240 ASN A OD1 1 
ATOM   479  N ND2 . ASN A 1 61  ? 25.745  -11.531 -27.729 1.00 101.24 ? 240 ASN A ND2 1 
ATOM   480  N N   . PRO A 1 62  ? 24.804  -7.086  -27.084 1.00 103.26 ? 241 PRO A N   1 
ATOM   481  C CA  . PRO A 1 62  ? 24.638  -6.097  -28.154 1.00 103.26 ? 241 PRO A CA  1 
ATOM   482  C C   . PRO A 1 62  ? 25.681  -6.549  -29.154 1.00 103.26 ? 241 PRO A C   1 
ATOM   483  O O   . PRO A 1 62  ? 26.696  -5.882  -29.326 1.00 102.72 ? 241 PRO A O   1 
ATOM   484  C CB  . PRO A 1 62  ? 25.009  -4.747  -27.497 1.00 102.76 ? 241 PRO A CB  1 
ATOM   485  C CG  . PRO A 1 62  ? 25.244  -5.001  -26.051 1.00 103.26 ? 241 PRO A CG  1 
ATOM   486  C CD  . PRO A 1 62  ? 24.927  -6.454  -25.759 1.00 103.26 ? 241 PRO A CD  1 
ATOM   487  N N   . GLN A 1 63  ? 25.434  -7.686  -29.804 1.00 103.26 ? 242 GLN A N   1 
ATOM   488  C CA  . GLN A 1 63  ? 26.367  -8.301  -30.743 1.00 102.91 ? 242 GLN A CA  1 
ATOM   489  C C   . GLN A 1 63  ? 27.786  -8.154  -30.183 1.00 102.76 ? 242 GLN A C   1 
ATOM   490  O O   . GLN A 1 63  ? 28.767  -8.117  -30.935 1.00 103.26 ? 242 GLN A O   1 
ATOM   491  C CB  . GLN A 1 63  ? 26.248  -7.687  -32.149 1.00 103.26 ? 242 GLN A CB  1 
ATOM   492  C CG  . GLN A 1 63  ? 25.077  -8.249  -32.965 1.00 103.26 ? 242 GLN A CG  1 
ATOM   493  C CD  . GLN A 1 63  ? 25.003  -7.675  -34.378 1.00 103.26 ? 242 GLN A CD  1 
ATOM   494  O OE1 . GLN A 1 63  ? 25.994  -7.190  -34.929 1.00 103.26 ? 242 GLN A OE1 1 
ATOM   495  N NE2 . GLN A 1 63  ? 23.818  -7.743  -34.982 1.00 103.26 ? 242 GLN A NE2 1 
ATOM   496  N N   . THR A 1 64  ? 27.883  -8.091  -28.853 1.00 101.63 ? 243 THR A N   1 
ATOM   497  C CA  . THR A 1 64  ? 29.159  -7.952  -28.152 1.00 102.01 ? 243 THR A CA  1 
ATOM   498  C C   . THR A 1 64  ? 29.008  -8.190  -26.641 1.00 101.58 ? 243 THR A C   1 
ATOM   499  O O   . THR A 1 64  ? 28.303  -7.461  -25.953 1.00 103.26 ? 243 THR A O   1 
ATOM   500  C CB  . THR A 1 64  ? 29.788  -6.552  -28.369 1.00 103.26 ? 243 THR A CB  1 
ATOM   501  O OG1 . THR A 1 64  ? 30.230  -6.417  -29.732 1.00 103.26 ? 243 THR A OG1 1 
ATOM   502  C CG2 . THR A 1 64  ? 30.978  -6.338  -27.421 1.00 103.26 ? 243 THR A CG2 1 
ATOM   503  N N   . GLY A 1 65  ? 29.685  -9.228  -26.164 1.00 99.76  ? 244 GLY A N   1 
ATOM   504  C CA  . GLY A 1 65  ? 29.671  -9.635  -24.772 1.00 96.60  ? 244 GLY A CA  1 
ATOM   505  C C   . GLY A 1 65  ? 29.158  -8.684  -23.708 1.00 95.31  ? 244 GLY A C   1 
ATOM   506  O O   . GLY A 1 65  ? 29.922  -8.239  -22.844 1.00 94.63  ? 244 GLY A O   1 
ATOM   507  N N   . ARG A 1 66  ? 27.861  -8.411  -23.742 1.00 95.03  ? 245 ARG A N   1 
ATOM   508  C CA  . ARG A 1 66  ? 27.223  -7.532  -22.782 1.00 93.97  ? 245 ARG A CA  1 
ATOM   509  C C   . ARG A 1 66  ? 25.816  -8.055  -22.498 1.00 91.58  ? 245 ARG A C   1 
ATOM   510  O O   . ARG A 1 66  ? 25.331  -8.965  -23.179 1.00 90.13  ? 245 ARG A O   1 
ATOM   511  C CB  . ARG A 1 66  ? 27.166  -6.100  -23.321 1.00 96.73  ? 245 ARG A CB  1 
ATOM   512  C CG  . ARG A 1 66  ? 28.090  -5.096  -22.602 1.00 97.47  ? 245 ARG A CG  1 
ATOM   513  C CD  . ARG A 1 66  ? 29.552  -5.419  -22.856 1.00 100.25 ? 245 ARG A CD  1 
ATOM   514  N NE  . ARG A 1 66  ? 30.465  -4.569  -22.103 1.00 102.29 ? 245 ARG A NE  1 
ATOM   515  C CZ  . ARG A 1 66  ? 31.780  -4.559  -22.293 1.00 103.26 ? 245 ARG A CZ  1 
ATOM   516  N NH1 . ARG A 1 66  ? 32.336  -5.350  -23.217 1.00 103.26 ? 245 ARG A NH1 1 
ATOM   517  N NH2 . ARG A 1 66  ? 32.542  -3.761  -21.555 1.00 102.96 ? 245 ARG A NH2 1 
ATOM   518  N N   . ARG A 1 67  ? 25.171  -7.472  -21.492 1.00 89.07  ? 246 ARG A N   1 
ATOM   519  C CA  . ARG A 1 67  ? 23.826  -7.873  -21.076 1.00 83.42  ? 246 ARG A CA  1 
ATOM   520  C C   . ARG A 1 67  ? 22.861  -6.680  -21.057 1.00 79.89  ? 246 ARG A C   1 
ATOM   521  O O   . ARG A 1 67  ? 23.280  -5.533  -20.892 1.00 82.76  ? 246 ARG A O   1 
ATOM   522  C CB  . ARG A 1 67  ? 23.879  -8.513  -19.679 1.00 79.99  ? 246 ARG A CB  1 
ATOM   523  C CG  . ARG A 1 67  ? 24.593  -9.876  -19.614 1.00 77.09  ? 246 ARG A CG  1 
ATOM   524  C CD  . ARG A 1 67  ? 24.718  -10.371 -18.176 1.00 72.64  ? 246 ARG A CD  1 
ATOM   525  N NE  . ARG A 1 67  ? 25.228  -11.735 -18.083 1.00 69.96  ? 246 ARG A NE  1 
ATOM   526  C CZ  . ARG A 1 67  ? 24.611  -12.790 -18.600 1.00 67.67  ? 246 ARG A CZ  1 
ATOM   527  N NH1 . ARG A 1 67  ? 23.456  -12.647 -19.256 1.00 67.66  ? 246 ARG A NH1 1 
ATOM   528  N NH2 . ARG A 1 67  ? 25.146  -13.993 -18.451 1.00 65.05  ? 246 ARG A NH2 1 
ATOM   529  N N   . LYS A 1 68  ? 21.571  -6.944  -21.238 1.00 72.63  ? 247 LYS A N   1 
ATOM   530  C CA  . LYS A 1 68  ? 20.580  -5.874  -21.214 1.00 67.50  ? 247 LYS A CA  1 
ATOM   531  C C   . LYS A 1 68  ? 20.514  -5.351  -19.789 1.00 63.27  ? 247 LYS A C   1 
ATOM   532  O O   . LYS A 1 68  ? 20.748  -6.101  -18.850 1.00 61.18  ? 247 LYS A O   1 
ATOM   533  C CB  . LYS A 1 68  ? 19.203  -6.408  -21.611 1.00 68.12  ? 247 LYS A CB  1 
ATOM   534  C CG  . LYS A 1 68  ? 19.147  -7.097  -22.956 1.00 67.43  ? 247 LYS A CG  1 
ATOM   535  C CD  . LYS A 1 68  ? 17.751  -7.613  -23.225 1.00 69.88  ? 247 LYS A CD  1 
ATOM   536  C CE  . LYS A 1 68  ? 17.657  -8.317  -24.566 1.00 70.93  ? 247 LYS A CE  1 
ATOM   537  N NZ  . LYS A 1 68  ? 16.229  -8.620  -24.891 1.00 70.48  ? 247 LYS A NZ  1 
ATOM   538  N N   . THR A 1 69  ? 20.210  -4.069  -19.614 1.00 62.10  ? 248 THR A N   1 
ATOM   539  C CA  . THR A 1 69  ? 20.105  -3.533  -18.263 1.00 62.25  ? 248 THR A CA  1 
ATOM   540  C C   . THR A 1 69  ? 18.726  -3.864  -17.695 1.00 60.77  ? 248 THR A C   1 
ATOM   541  O O   . THR A 1 69  ? 17.735  -3.973  -18.428 1.00 61.43  ? 248 THR A O   1 
ATOM   542  C CB  . THR A 1 69  ? 20.281  -2.000  -18.215 1.00 65.70  ? 248 THR A CB  1 
ATOM   543  O OG1 . THR A 1 69  ? 19.284  -1.377  -19.037 1.00 69.86  ? 248 THR A OG1 1 
ATOM   544  C CG2 . THR A 1 69  ? 21.665  -1.606  -18.689 1.00 66.47  ? 248 THR A CG2 1 
ATOM   545  N N   . LEU A 1 70  ? 18.669  -4.034  -16.383 1.00 57.81  ? 249 LEU A N   1 
ATOM   546  C CA  . LEU A 1 70  ? 17.417  -4.337  -15.714 1.00 57.41  ? 249 LEU A CA  1 
ATOM   547  C C   . LEU A 1 70  ? 16.875  -3.089  -15.027 1.00 56.34  ? 249 LEU A C   1 
ATOM   548  O O   . LEU A 1 70  ? 17.618  -2.339  -14.394 1.00 52.35  ? 249 LEU A O   1 
ATOM   549  C CB  . LEU A 1 70  ? 17.631  -5.455  -14.692 1.00 56.86  ? 249 LEU A CB  1 
ATOM   550  C CG  . LEU A 1 70  ? 17.252  -6.899  -15.061 1.00 52.85  ? 249 LEU A CG  1 
ATOM   551  C CD1 . LEU A 1 70  ? 17.051  -7.060  -16.560 1.00 43.81  ? 249 LEU A CD1 1 
ATOM   552  C CD2 . LEU A 1 70  ? 18.336  -7.829  -14.533 1.00 45.26  ? 249 LEU A CD2 1 
ATOM   553  N N   . GLN A 1 71  ? 15.578  -2.857  -15.176 1.00 56.27  ? 250 GLN A N   1 
ATOM   554  C CA  . GLN A 1 71  ? 14.953  -1.706  -14.549 1.00 57.22  ? 250 GLN A CA  1 
ATOM   555  C C   . GLN A 1 71  ? 13.738  -2.129  -13.754 1.00 57.63  ? 250 GLN A C   1 
ATOM   556  O O   . GLN A 1 71  ? 12.699  -2.471  -14.323 1.00 61.13  ? 250 GLN A O   1 
ATOM   557  C CB  . GLN A 1 71  ? 14.525  -0.676  -15.583 1.00 56.73  ? 250 GLN A CB  1 
ATOM   558  C CG  . GLN A 1 71  ? 14.011  0.612   -14.960 1.00 61.18  ? 250 GLN A CG  1 
ATOM   559  C CD  . GLN A 1 71  ? 13.678  1.665   -15.995 1.00 63.49  ? 250 GLN A CD  1 
ATOM   560  O OE1 . GLN A 1 71  ? 12.652  1.584   -16.676 1.00 66.59  ? 250 GLN A OE1 1 
ATOM   561  N NE2 . GLN A 1 71  ? 14.551  2.657   -16.131 1.00 62.62  ? 250 GLN A NE2 1 
ATOM   562  N N   . PHE A 1 72  ? 13.880  -2.119  -12.435 1.00 52.72  ? 251 PHE A N   1 
ATOM   563  C CA  . PHE A 1 72  ? 12.781  -2.477  -11.570 1.00 48.43  ? 251 PHE A CA  1 
ATOM   564  C C   . PHE A 1 72  ? 11.894  -1.270  -11.307 1.00 48.31  ? 251 PHE A C   1 
ATOM   565  O O   . PHE A 1 72  ? 12.374  -0.166  -11.043 1.00 47.83  ? 251 PHE A O   1 
ATOM   566  C CB  . PHE A 1 72  ? 13.305  -3.029  -10.258 1.00 43.61  ? 251 PHE A CB  1 
ATOM   567  C CG  . PHE A 1 72  ? 14.182  -4.203  -10.431 1.00 41.77  ? 251 PHE A CG  1 
ATOM   568  C CD1 . PHE A 1 72  ? 15.528  -4.031  -10.717 1.00 47.74  ? 251 PHE A CD1 1 
ATOM   569  C CD2 . PHE A 1 72  ? 13.663  -5.484  -10.364 1.00 38.68  ? 251 PHE A CD2 1 
ATOM   570  C CE1 . PHE A 1 72  ? 16.358  -5.119  -10.924 1.00 50.88  ? 251 PHE A CE1 1 
ATOM   571  C CE2 . PHE A 1 72  ? 14.480  -6.580  -10.573 1.00 47.63  ? 251 PHE A CE2 1 
ATOM   572  C CZ  . PHE A 1 72  ? 15.836  -6.396  -10.858 1.00 49.58  ? 251 PHE A CZ  1 
ATOM   573  N N   . VAL A 1 73  ? 10.593  -1.499  -11.390 1.00 43.43  ? 252 VAL A N   1 
ATOM   574  C CA  . VAL A 1 73  ? 9.616   -0.456  -11.163 1.00 39.81  ? 252 VAL A CA  1 
ATOM   575  C C   . VAL A 1 73  ? 8.773   -0.859  -9.954  1.00 40.54  ? 252 VAL A C   1 
ATOM   576  O O   . VAL A 1 73  ? 7.971   -1.789  -10.031 1.00 42.61  ? 252 VAL A O   1 
ATOM   577  C CB  . VAL A 1 73  ? 8.725   -0.296  -12.403 1.00 33.25  ? 252 VAL A CB  1 
ATOM   578  C CG1 . VAL A 1 73  ? 7.752   0.843   -12.208 1.00 31.75  ? 252 VAL A CG1 1 
ATOM   579  C CG2 . VAL A 1 73  ? 9.588   -0.063  -13.604 1.00 26.75  ? 252 VAL A CG2 1 
ATOM   580  N N   . ILE A 1 74  ? 8.965   -0.172  -8.835  1.00 35.41  ? 253 ILE A N   1 
ATOM   581  C CA  . ILE A 1 74  ? 8.216   -0.499  -7.635  1.00 34.09  ? 253 ILE A CA  1 
ATOM   582  C C   . ILE A 1 74  ? 6.708   -0.435  -7.822  1.00 36.16  ? 253 ILE A C   1 
ATOM   583  O O   . ILE A 1 74  ? 6.157   0.565   -8.263  1.00 36.69  ? 253 ILE A O   1 
ATOM   584  C CB  . ILE A 1 74  ? 8.574   0.428   -6.457  1.00 37.27  ? 253 ILE A CB  1 
ATOM   585  C CG1 . ILE A 1 74  ? 9.955   0.087   -5.911  1.00 40.46  ? 253 ILE A CG1 1 
ATOM   586  C CG2 . ILE A 1 74  ? 7.534   0.298   -5.360  1.00 33.48  ? 253 ILE A CG2 1 
ATOM   587  C CD1 . ILE A 1 74  ? 11.072  0.488   -6.814  1.00 48.13  ? 253 ILE A CD1 1 
ATOM   588  N N   . GLN A 1 75  ? 6.048   -1.528  -7.481  1.00 38.26  ? 254 GLN A N   1 
ATOM   589  C CA  . GLN A 1 75  ? 4.602   -1.613  -7.547  1.00 39.75  ? 254 GLN A CA  1 
ATOM   590  C C   . GLN A 1 75  ? 4.230   -2.010  -6.128  1.00 41.14  ? 254 GLN A C   1 
ATOM   591  O O   . GLN A 1 75  ? 4.975   -2.735  -5.469  1.00 42.61  ? 254 GLN A O   1 
ATOM   592  C CB  . GLN A 1 75  ? 4.174   -2.690  -8.542  1.00 44.44  ? 254 GLN A CB  1 
ATOM   593  C CG  . GLN A 1 75  ? 4.751   -2.487  -9.938  1.00 56.86  ? 254 GLN A CG  1 
ATOM   594  C CD  . GLN A 1 75  ? 4.478   -1.095  -10.502 1.00 60.72  ? 254 GLN A CD  1 
ATOM   595  O OE1 . GLN A 1 75  ? 4.747   -0.086  -9.855  1.00 59.25  ? 254 GLN A OE1 1 
ATOM   596  N NE2 . GLN A 1 75  ? 3.944   -1.042  -11.718 1.00 62.62  ? 254 GLN A NE2 1 
ATOM   597  N N   . GLU A 1 76  ? 3.106   -1.527  -5.631  1.00 40.88  ? 255 GLU A N   1 
ATOM   598  C CA  . GLU A 1 76  ? 2.742   -1.892  -4.280  1.00 46.79  ? 255 GLU A CA  1 
ATOM   599  C C   . GLU A 1 76  ? 1.568   -2.872  -4.221  1.00 48.50  ? 255 GLU A C   1 
ATOM   600  O O   . GLU A 1 76  ? 0.499   -2.638  -4.785  1.00 45.50  ? 255 GLU A O   1 
ATOM   601  C CB  . GLU A 1 76  ? 2.496   -0.629  -3.426  1.00 46.93  ? 255 GLU A CB  1 
ATOM   602  C CG  . GLU A 1 76  ? 1.535   0.408   -3.988  1.00 50.20  ? 255 GLU A CG  1 
ATOM   603  C CD  . GLU A 1 76  ? 1.898   1.836   -3.572  1.00 51.14  ? 255 GLU A CD  1 
ATOM   604  O OE1 . GLU A 1 76  ? 1.099   2.759   -3.814  1.00 52.74  ? 255 GLU A OE1 1 
ATOM   605  O OE2 . GLU A 1 76  ? 2.994   2.045   -3.017  1.00 54.15  ? 255 GLU A OE2 1 
ATOM   606  N N   . LYS A 1 77  ? 1.809   -4.001  -3.561  1.00 45.83  ? 256 LYS A N   1 
ATOM   607  C CA  . LYS A 1 77  ? 0.795   -5.024  -3.396  1.00 45.74  ? 256 LYS A CA  1 
ATOM   608  C C   . LYS A 1 77  ? -0.428  -4.393  -2.726  1.00 43.42  ? 256 LYS A C   1 
ATOM   609  O O   . LYS A 1 77  ? -0.307  -3.417  -1.987  1.00 37.47  ? 256 LYS A O   1 
ATOM   610  C CB  . LYS A 1 77  ? 1.339   -6.161  -2.522  1.00 45.87  ? 256 LYS A CB  1 
ATOM   611  C CG  . LYS A 1 77  ? 2.279   -7.117  -3.228  1.00 51.00  ? 256 LYS A CG  1 
ATOM   612  C CD  . LYS A 1 77  ? 2.949   -8.100  -2.262  1.00 56.77  ? 256 LYS A CD  1 
ATOM   613  C CE  . LYS A 1 77  ? 3.993   -7.405  -1.393  1.00 63.49  ? 256 LYS A CE  1 
ATOM   614  N NZ  . LYS A 1 77  ? 4.953   -8.339  -0.714  1.00 63.30  ? 256 LYS A NZ  1 
ATOM   615  N N   . SER A 1 78  ? -1.608  -4.944  -2.986  1.00 45.06  ? 257 SER A N   1 
ATOM   616  C CA  . SER A 1 78  ? -2.809  -4.416  -2.364  1.00 45.84  ? 257 SER A CA  1 
ATOM   617  C C   . SER A 1 78  ? -2.754  -4.783  -0.889  1.00 45.47  ? 257 SER A C   1 
ATOM   618  O O   . SER A 1 78  ? -2.325  -5.876  -0.524  1.00 47.89  ? 257 SER A O   1 
ATOM   619  C CB  . SER A 1 78  ? -4.068  -4.984  -3.019  1.00 48.70  ? 257 SER A CB  1 
ATOM   620  O OG  . SER A 1 78  ? -4.230  -4.476  -4.337  1.00 55.87  ? 257 SER A OG  1 
ATOM   621  N N   . HIS A 1 79  ? -3.155  -3.849  -0.044  1.00 43.88  ? 258 HIS A N   1 
ATOM   622  C CA  . HIS A 1 79  ? -3.161  -4.060  1.390   1.00 41.49  ? 258 HIS A CA  1 
ATOM   623  C C   . HIS A 1 79  ? -4.618  -4.324  1.773   1.00 44.87  ? 258 HIS A C   1 
ATOM   624  O O   . HIS A 1 79  ? -5.538  -3.678  1.270   1.00 45.38  ? 258 HIS A O   1 
ATOM   625  C CB  . HIS A 1 79  ? -2.639  -2.816  2.085   1.00 35.59  ? 258 HIS A CB  1 
ATOM   626  C CG  . HIS A 1 79  ? -2.104  -3.069  3.446   1.00 33.97  ? 258 HIS A CG  1 
ATOM   627  N ND1 . HIS A 1 79  ? -2.916  -3.336  4.529   1.00 43.47  ? 258 HIS A ND1 1 
ATOM   628  C CD2 . HIS A 1 79  ? -0.839  -3.068  3.926   1.00 32.57  ? 258 HIS A CD2 1 
ATOM   629  C CE1 . HIS A 1 79  ? -2.171  -3.479  5.617   1.00 42.36  ? 258 HIS A CE1 1 
ATOM   630  N NE2 . HIS A 1 79  ? -0.914  -3.320  5.269   1.00 36.95  ? 258 HIS A NE2 1 
ATOM   631  N N   . PRO A 1 80  ? -4.835  -5.307  2.650   1.00 44.39  ? 259 PRO A N   1 
ATOM   632  C CA  . PRO A 1 80  ? -6.202  -5.624  3.061   1.00 50.09  ? 259 PRO A CA  1 
ATOM   633  C C   . PRO A 1 80  ? -6.946  -4.470  3.752   1.00 54.36  ? 259 PRO A C   1 
ATOM   634  O O   . PRO A 1 80  ? -8.187  -4.464  3.807   1.00 60.69  ? 259 PRO A O   1 
ATOM   635  C CB  . PRO A 1 80  ? -6.048  -6.833  3.985   1.00 49.63  ? 259 PRO A CB  1 
ATOM   636  C CG  . PRO A 1 80  ? -4.602  -7.094  4.122   1.00 49.58  ? 259 PRO A CG  1 
ATOM   637  C CD  . PRO A 1 80  ? -3.814  -6.149  3.299   1.00 48.20  ? 259 PRO A CD  1 
ATOM   638  N N   . ASN A 1 81  ? -6.195  -3.489  4.247   1.00 50.64  ? 260 ASN A N   1 
ATOM   639  C CA  . ASN A 1 81  ? -6.785  -2.346  4.948   1.00 43.80  ? 260 ASN A CA  1 
ATOM   640  C C   . ASN A 1 81  ? -6.561  -0.978  4.356   1.00 36.56  ? 260 ASN A C   1 
ATOM   641  O O   . ASN A 1 81  ? -7.475  -0.160  4.295   1.00 36.53  ? 260 ASN A O   1 
ATOM   642  C CB  . ASN A 1 81  ? -6.248  -2.274  6.355   1.00 42.82  ? 260 ASN A CB  1 
ATOM   643  C CG  . ASN A 1 81  ? -6.758  -3.370  7.211   1.00 35.38  ? 260 ASN A CG  1 
ATOM   644  O OD1 . ASN A 1 81  ? -7.799  -3.957  6.930   1.00 31.87  ? 260 ASN A OD1 1 
ATOM   645  N ND2 . ASN A 1 81  ? -6.040  -3.658  8.281   1.00 35.26  ? 260 ASN A ND2 1 
ATOM   646  N N   . PHE A 1 82  ? -5.317  -0.731  3.976   1.00 33.95  ? 261 PHE A N   1 
ATOM   647  C CA  . PHE A 1 82  ? -4.898  0.544   3.425   1.00 31.62  ? 261 PHE A CA  1 
ATOM   648  C C   . PHE A 1 82  ? -4.752  0.667   1.915   1.00 36.15  ? 261 PHE A C   1 
ATOM   649  O O   . PHE A 1 82  ? -4.207  -0.203  1.229   1.00 32.57  ? 261 PHE A O   1 
ATOM   650  C CB  . PHE A 1 82  ? -3.595  0.937   4.074   1.00 34.43  ? 261 PHE A CB  1 
ATOM   651  C CG  . PHE A 1 82  ? -3.704  1.118   5.538   1.00 43.59  ? 261 PHE A CG  1 
ATOM   652  C CD1 . PHE A 1 82  ? -4.596  2.053   6.063   1.00 41.59  ? 261 PHE A CD1 1 
ATOM   653  C CD2 . PHE A 1 82  ? -2.912  0.373   6.410   1.00 41.80  ? 261 PHE A CD2 1 
ATOM   654  C CE1 . PHE A 1 82  ? -4.700  2.240   7.422   1.00 41.13  ? 261 PHE A CE1 1 
ATOM   655  C CE2 . PHE A 1 82  ? -3.013  0.563   7.768   1.00 45.38  ? 261 PHE A CE2 1 
ATOM   656  C CZ  . PHE A 1 82  ? -3.907  1.496   8.277   1.00 42.43  ? 261 PHE A CZ  1 
ATOM   657  N N   . LYS A 1 83  ? -5.238  1.801   1.435   1.00 33.30  ? 262 LYS A N   1 
ATOM   658  C CA  . LYS A 1 83  ? -5.199  2.181   0.038   1.00 35.63  ? 262 LYS A CA  1 
ATOM   659  C C   . LYS A 1 83  ? -4.312  3.422   0.120   1.00 37.22  ? 262 LYS A C   1 
ATOM   660  O O   . LYS A 1 83  ? -4.524  4.273   0.980   1.00 39.41  ? 262 LYS A O   1 
ATOM   661  C CB  . LYS A 1 83  ? -6.604  2.542   -0.395  1.00 36.62  ? 262 LYS A CB  1 
ATOM   662  C CG  . LYS A 1 83  ? -6.805  2.844   -1.835  1.00 36.00  ? 262 LYS A CG  1 
ATOM   663  C CD  . LYS A 1 83  ? -8.175  3.517   -1.987  1.00 50.66  ? 262 LYS A CD  1 
ATOM   664  C CE  . LYS A 1 83  ? -9.293  2.730   -1.273  1.00 48.84  ? 262 LYS A CE  1 
ATOM   665  N NZ  . LYS A 1 83  ? -10.508 3.567   -1.057  1.00 48.85  ? 262 LYS A NZ  1 
ATOM   666  N N   . ARG A 1 84  ? -3.313  3.521   -0.747  1.00 34.88  ? 263 ARG A N   1 
ATOM   667  C CA  . ARG A 1 84  ? -2.402  4.650   -0.696  1.00 34.98  ? 263 ARG A CA  1 
ATOM   668  C C   . ARG A 1 84  ? -2.688  5.734   -1.726  1.00 36.08  ? 263 ARG A C   1 
ATOM   669  O O   . ARG A 1 84  ? -2.999  5.448   -2.874  1.00 41.63  ? 263 ARG A O   1 
ATOM   670  C CB  . ARG A 1 84  ? -0.962  4.165   -0.856  1.00 28.23  ? 263 ARG A CB  1 
ATOM   671  C CG  . ARG A 1 84  ? 0.061   5.244   -0.579  1.00 35.16  ? 263 ARG A CG  1 
ATOM   672  C CD  . ARG A 1 84  ? 1.383   4.895   -1.183  1.00 34.16  ? 263 ARG A CD  1 
ATOM   673  N NE  . ARG A 1 84  ? 2.468   5.705   -0.649  1.00 38.98  ? 263 ARG A NE  1 
ATOM   674  C CZ  . ARG A 1 84  ? 3.742   5.544   -0.992  1.00 46.41  ? 263 ARG A CZ  1 
ATOM   675  N NH1 . ARG A 1 84  ? 4.081   4.609   -1.872  1.00 46.61  ? 263 ARG A NH1 1 
ATOM   676  N NH2 . ARG A 1 84  ? 4.682   6.294   -0.438  1.00 50.28  ? 263 ARG A NH2 1 
ATOM   677  N N   . ASP A 1 85  ? -2.573  6.982   -1.293  1.00 34.44  ? 264 ASP A N   1 
ATOM   678  C CA  . ASP A 1 85  ? -2.802  8.128   -2.153  1.00 36.59  ? 264 ASP A CA  1 
ATOM   679  C C   . ASP A 1 85  ? -1.747  9.183   -1.850  1.00 40.23  ? 264 ASP A C   1 
ATOM   680  O O   . ASP A 1 85  ? -1.940  10.026  -0.983  1.00 42.70  ? 264 ASP A O   1 
ATOM   681  C CB  . ASP A 1 85  ? -4.182  8.724   -1.907  1.00 40.31  ? 264 ASP A CB  1 
ATOM   682  C CG  . ASP A 1 85  ? -4.477  9.893   -2.829  1.00 51.26  ? 264 ASP A CG  1 
ATOM   683  O OD1 . ASP A 1 85  ? -3.523  10.400  -3.463  1.00 51.47  ? 264 ASP A OD1 1 
ATOM   684  O OD2 . ASP A 1 85  ? -5.653  10.310  -2.917  1.00 52.07  ? 264 ASP A OD2 1 
ATOM   685  N N   . GLY A 1 86  ? -0.630  9.125   -2.562  1.00 42.70  ? 265 GLY A N   1 
ATOM   686  C CA  . GLY A 1 86  ? 0.431   10.084  -2.338  1.00 38.08  ? 265 GLY A CA  1 
ATOM   687  C C   . GLY A 1 86  ? 1.170   9.760   -1.059  1.00 44.31  ? 265 GLY A C   1 
ATOM   688  O O   . GLY A 1 86  ? 1.787   8.700   -0.948  1.00 48.55  ? 265 GLY A O   1 
ATOM   689  N N   . ASP A 1 87  ? 1.099   10.661  -0.082  1.00 43.79  ? 266 ASP A N   1 
ATOM   690  C CA  . ASP A 1 87  ? 1.783   10.461  1.189   1.00 40.55  ? 266 ASP A CA  1 
ATOM   691  C C   . ASP A 1 87  ? 0.861   9.858   2.227   1.00 38.38  ? 266 ASP A C   1 
ATOM   692  O O   . ASP A 1 87  ? 1.296   9.538   3.333   1.00 32.43  ? 266 ASP A O   1 
ATOM   693  C CB  . ASP A 1 87  ? 2.312   11.784  1.743   1.00 40.86  ? 266 ASP A CB  1 
ATOM   694  C CG  . ASP A 1 87  ? 3.182   12.511  0.771   1.00 44.79  ? 266 ASP A CG  1 
ATOM   695  O OD1 . ASP A 1 87  ? 4.222   11.943  0.369   1.00 48.07  ? 266 ASP A OD1 1 
ATOM   696  O OD2 . ASP A 1 87  ? 2.820   13.652  0.411   1.00 47.32  ? 266 ASP A OD2 1 
ATOM   697  N N   . ASP A 1 88  ? -0.415  9.714   1.907   1.00 34.56  ? 267 ASP A N   1 
ATOM   698  C CA  . ASP A 1 88  ? -1.251  9.149   2.933   1.00 41.89  ? 267 ASP A CA  1 
ATOM   699  C C   . ASP A 1 88  ? -2.036  7.902   2.627   1.00 40.26  ? 267 ASP A C   1 
ATOM   700  O O   . ASP A 1 88  ? -2.142  7.461   1.485   1.00 46.07  ? 267 ASP A O   1 
ATOM   701  C CB  . ASP A 1 88  ? -2.147  10.227  3.556   1.00 52.39  ? 267 ASP A CB  1 
ATOM   702  C CG  . ASP A 1 88  ? -2.916  11.021  2.550   1.00 53.09  ? 267 ASP A CG  1 
ATOM   703  O OD1 . ASP A 1 88  ? -3.694  10.410  1.789   1.00 57.25  ? 267 ASP A OD1 1 
ATOM   704  O OD2 . ASP A 1 88  ? -2.748  12.261  2.549   1.00 39.60  ? 267 ASP A OD2 1 
ATOM   705  N N   . LEU A 1 89  ? -2.550  7.317   3.697   1.00 34.67  ? 268 LEU A N   1 
ATOM   706  C CA  . LEU A 1 89  ? -3.300  6.083   3.639   1.00 31.42  ? 268 LEU A CA  1 
ATOM   707  C C   . LEU A 1 89  ? -4.775  6.284   3.877   1.00 30.23  ? 268 LEU A C   1 
ATOM   708  O O   . LEU A 1 89  ? -5.163  7.008   4.789   1.00 35.20  ? 268 LEU A O   1 
ATOM   709  C CB  . LEU A 1 89  ? -2.740  5.132   4.679   1.00 30.85  ? 268 LEU A CB  1 
ATOM   710  C CG  . LEU A 1 89  ? -1.243  4.926   4.483   1.00 30.72  ? 268 LEU A CG  1 
ATOM   711  C CD1 . LEU A 1 89  ? -0.646  4.148   5.648   1.00 34.07  ? 268 LEU A CD1 1 
ATOM   712  C CD2 . LEU A 1 89  ? -1.038  4.188   3.178   1.00 32.07  ? 268 LEU A CD2 1 
ATOM   713  N N   . ILE A 1 90  ? -5.587  5.636   3.043   1.00 32.43  ? 269 ILE A N   1 
ATOM   714  C CA  . ILE A 1 90  ? -7.039  5.706   3.136   1.00 29.68  ? 269 ILE A CA  1 
ATOM   715  C C   . ILE A 1 90  ? -7.546  4.378   3.627   1.00 32.79  ? 269 ILE A C   1 
ATOM   716  O O   . ILE A 1 90  ? -7.245  3.343   3.043   1.00 38.52  ? 269 ILE A O   1 
ATOM   717  C CB  . ILE A 1 90  ? -7.653  5.998   1.786   1.00 30.96  ? 269 ILE A CB  1 
ATOM   718  C CG1 . ILE A 1 90  ? -7.127  7.343   1.281   1.00 24.69  ? 269 ILE A CG1 1 
ATOM   719  C CG2 . ILE A 1 90  ? -9.178  5.988   1.889   1.00 20.54  ? 269 ILE A CG2 1 
ATOM   720  C CD1 . ILE A 1 90  ? -7.273  7.499   -0.205  1.00 28.79  ? 269 ILE A CD1 1 
ATOM   721  N N   . TYR A 1 91  ? -8.312  4.405   4.711   1.00 35.64  ? 270 TYR A N   1 
ATOM   722  C CA  . TYR A 1 91  ? -8.833  3.173   5.299   1.00 35.85  ? 270 TYR A CA  1 
ATOM   723  C C   . TYR A 1 91  ? -10.360 3.222   5.471   1.00 35.67  ? 270 TYR A C   1 
ATOM   724  O O   . TYR A 1 91  ? -10.914 4.221   5.938   1.00 34.26  ? 270 TYR A O   1 
ATOM   725  C CB  . TYR A 1 91  ? -8.108  2.917   6.632   1.00 36.84  ? 270 TYR A CB  1 
ATOM   726  C CG  . TYR A 1 91  ? -8.799  1.950   7.545   1.00 44.79  ? 270 TYR A CG  1 
ATOM   727  C CD1 . TYR A 1 91  ? -9.894  2.348   8.304   1.00 44.73  ? 270 TYR A CD1 1 
ATOM   728  C CD2 . TYR A 1 91  ? -8.405  0.614   7.606   1.00 52.18  ? 270 TYR A CD2 1 
ATOM   729  C CE1 . TYR A 1 91  ? -10.586 1.446   9.093   1.00 48.05  ? 270 TYR A CE1 1 
ATOM   730  C CE2 . TYR A 1 91  ? -9.095  -0.300  8.401   1.00 51.98  ? 270 TYR A CE2 1 
ATOM   731  C CZ  . TYR A 1 91  ? -10.184 0.129   9.134   1.00 50.31  ? 270 TYR A CZ  1 
ATOM   732  O OH  . TYR A 1 91  ? -10.886 -0.751  9.912   1.00 59.95  ? 270 TYR A OH  1 
ATOM   733  N N   . THR A 1 92  ? -11.034 2.140   5.082   1.00 33.93  ? 271 THR A N   1 
ATOM   734  C CA  . THR A 1 92  ? -12.487 2.078   5.181   1.00 36.17  ? 271 THR A CA  1 
ATOM   735  C C   . THR A 1 92  ? -12.952 1.269   6.375   1.00 39.13  ? 271 THR A C   1 
ATOM   736  O O   . THR A 1 92  ? -12.727 0.064   6.458   1.00 37.72  ? 271 THR A O   1 
ATOM   737  C CB  . THR A 1 92  ? -13.116 1.464   3.927   1.00 37.22  ? 271 THR A CB  1 
ATOM   738  O OG1 . THR A 1 92  ? -12.439 1.957   2.765   1.00 48.66  ? 271 THR A OG1 1 
ATOM   739  C CG2 . THR A 1 92  ? -14.587 1.854   3.840   1.00 32.29  ? 271 THR A CG2 1 
ATOM   740  N N   . LEU A 1 93  ? -13.629 1.947   7.290   1.00 40.64  ? 272 LEU A N   1 
ATOM   741  C CA  . LEU A 1 93  ? -14.116 1.321   8.498   1.00 36.94  ? 272 LEU A CA  1 
ATOM   742  C C   . LEU A 1 93  ? -15.553 0.793   8.403   1.00 35.45  ? 272 LEU A C   1 
ATOM   743  O O   . LEU A 1 93  ? -16.502 1.556   8.254   1.00 31.77  ? 272 LEU A O   1 
ATOM   744  C CB  . LEU A 1 93  ? -14.000 2.328   9.646   1.00 33.60  ? 272 LEU A CB  1 
ATOM   745  C CG  . LEU A 1 93  ? -14.304 1.843   11.069  1.00 36.17  ? 272 LEU A CG  1 
ATOM   746  C CD1 . LEU A 1 93  ? -13.436 0.631   11.412  1.00 29.96  ? 272 LEU A CD1 1 
ATOM   747  C CD2 . LEU A 1 93  ? -14.070 2.992   12.049  1.00 26.27  ? 272 LEU A CD2 1 
ATOM   748  N N   . PRO A 1 94  ? -15.729 -0.530  8.474   1.00 36.25  ? 273 PRO A N   1 
ATOM   749  C CA  . PRO A 1 94  ? -17.098 -1.047  8.399   1.00 36.93  ? 273 PRO A CA  1 
ATOM   750  C C   . PRO A 1 94  ? -17.875 -0.773  9.678   1.00 39.81  ? 273 PRO A C   1 
ATOM   751  O O   . PRO A 1 94  ? -17.610 -1.370  10.711  1.00 42.96  ? 273 PRO A O   1 
ATOM   752  C CB  . PRO A 1 94  ? -16.905 -2.540  8.150   1.00 34.76  ? 273 PRO A CB  1 
ATOM   753  C CG  . PRO A 1 94  ? -15.557 -2.831  8.724   1.00 41.13  ? 273 PRO A CG  1 
ATOM   754  C CD  . PRO A 1 94  ? -14.743 -1.619  8.344   1.00 42.73  ? 273 PRO A CD  1 
ATOM   755  N N   . LEU A 1 95  ? -18.823 0.153   9.600   1.00 43.80  ? 274 LEU A N   1 
ATOM   756  C CA  . LEU A 1 95  ? -19.665 0.511   10.736  1.00 45.02  ? 274 LEU A CA  1 
ATOM   757  C C   . LEU A 1 95  ? -20.968 -0.267  10.589  1.00 49.15  ? 274 LEU A C   1 
ATOM   758  O O   . LEU A 1 95  ? -21.268 -0.782  9.521   1.00 53.97  ? 274 LEU A O   1 
ATOM   759  C CB  . LEU A 1 95  ? -19.959 2.009   10.708  1.00 38.39  ? 274 LEU A CB  1 
ATOM   760  C CG  . LEU A 1 95  ? -19.381 2.960   11.757  1.00 40.21  ? 274 LEU A CG  1 
ATOM   761  C CD1 . LEU A 1 95  ? -17.978 2.564   12.153  1.00 42.04  ? 274 LEU A CD1 1 
ATOM   762  C CD2 . LEU A 1 95  ? -19.409 4.369   11.195  1.00 30.54  ? 274 LEU A CD2 1 
ATOM   763  N N   . SER A 1 96  ? -21.735 -0.378  11.663  1.00 52.29  ? 275 SER A N   1 
ATOM   764  C CA  . SER A 1 96  ? -23.007 -1.081  11.595  1.00 51.97  ? 275 SER A CA  1 
ATOM   765  C C   . SER A 1 96  ? -24.054 0.020   11.634  1.00 53.40  ? 275 SER A C   1 
ATOM   766  O O   . SER A 1 96  ? -23.787 1.117   12.128  1.00 48.51  ? 275 SER A O   1 
ATOM   767  C CB  . SER A 1 96  ? -23.183 -2.027  12.795  1.00 50.60  ? 275 SER A CB  1 
ATOM   768  O OG  . SER A 1 96  ? -23.358 -1.310  14.014  1.00 49.11  ? 275 SER A OG  1 
ATOM   769  N N   . PHE A 1 97  ? -25.240 -0.257  11.107  1.00 59.23  ? 276 PHE A N   1 
ATOM   770  C CA  . PHE A 1 97  ? -26.295 0.746   11.111  1.00 64.65  ? 276 PHE A CA  1 
ATOM   771  C C   . PHE A 1 97  ? -26.362 1.399   12.492  1.00 65.32  ? 276 PHE A C   1 
ATOM   772  O O   . PHE A 1 97  ? -26.388 2.622   12.609  1.00 64.33  ? 276 PHE A O   1 
ATOM   773  C CB  . PHE A 1 97  ? -27.634 0.102   10.740  1.00 67.66  ? 276 PHE A CB  1 
ATOM   774  C CG  . PHE A 1 97  ? -28.825 0.993   10.969  1.00 72.87  ? 276 PHE A CG  1 
ATOM   775  C CD1 . PHE A 1 97  ? -28.863 2.281   10.450  1.00 73.70  ? 276 PHE A CD1 1 
ATOM   776  C CD2 . PHE A 1 97  ? -29.905 0.547   11.721  1.00 72.91  ? 276 PHE A CD2 1 
ATOM   777  C CE1 . PHE A 1 97  ? -29.968 3.110   10.679  1.00 73.40  ? 276 PHE A CE1 1 
ATOM   778  C CE2 . PHE A 1 97  ? -31.009 1.369   11.951  1.00 72.52  ? 276 PHE A CE2 1 
ATOM   779  C CZ  . PHE A 1 97  ? -31.038 2.651   11.435  1.00 69.55  ? 276 PHE A CZ  1 
ATOM   780  N N   . LYS A 1 98  ? -26.349 0.581   13.538  1.00 67.62  ? 277 LYS A N   1 
ATOM   781  C CA  . LYS A 1 98  ? -26.409 1.099   14.898  1.00 72.13  ? 277 LYS A CA  1 
ATOM   782  C C   . LYS A 1 98  ? -25.307 2.099   15.255  1.00 69.66  ? 277 LYS A C   1 
ATOM   783  O O   . LYS A 1 98  ? -25.599 3.223   15.663  1.00 67.72  ? 277 LYS A O   1 
ATOM   784  C CB  . LYS A 1 98  ? -26.394 -0.055  15.903  1.00 81.11  ? 277 LYS A CB  1 
ATOM   785  C CG  . LYS A 1 98  ? -27.705 -0.826  15.966  1.00 91.20  ? 277 LYS A CG  1 
ATOM   786  C CD  . LYS A 1 98  ? -27.772 -1.722  17.199  1.00 97.05  ? 277 LYS A CD  1 
ATOM   787  C CE  . LYS A 1 98  ? -29.162 -2.328  17.365  1.00 98.48  ? 277 LYS A CE  1 
ATOM   788  N NZ  . LYS A 1 98  ? -29.232 -3.208  18.562  1.00 100.52 ? 277 LYS A NZ  1 
ATOM   789  N N   . GLU A 1 99  ? -24.047 1.698   15.102  1.00 65.40  ? 278 GLU A N   1 
ATOM   790  C CA  . GLU A 1 99  ? -22.938 2.586   15.440  1.00 62.55  ? 278 GLU A CA  1 
ATOM   791  C C   . GLU A 1 99  ? -22.726 3.750   14.477  1.00 60.31  ? 278 GLU A C   1 
ATOM   792  O O   . GLU A 1 99  ? -22.033 4.722   14.800  1.00 57.83  ? 278 GLU A O   1 
ATOM   793  C CB  . GLU A 1 99  ? -21.653 1.777   15.586  1.00 66.54  ? 278 GLU A CB  1 
ATOM   794  C CG  . GLU A 1 99  ? -21.489 0.679   14.572  1.00 68.47  ? 278 GLU A CG  1 
ATOM   795  C CD  . GLU A 1 99  ? -20.453 -0.337  14.999  1.00 68.91  ? 278 GLU A CD  1 
ATOM   796  O OE1 . GLU A 1 99  ? -19.299 0.051   15.265  1.00 72.08  ? 278 GLU A OE1 1 
ATOM   797  O OE2 . GLU A 1 99  ? -20.799 -1.531  15.074  1.00 71.92  ? 278 GLU A OE2 1 
ATOM   798  N N   . SER A 1 100 ? -23.331 3.655   13.300  1.00 57.24  ? 279 SER A N   1 
ATOM   799  C CA  . SER A 1 100 ? -23.223 4.720   12.309  1.00 56.71  ? 279 SER A CA  1 
ATOM   800  C C   . SER A 1 100 ? -24.035 5.910   12.805  1.00 54.49  ? 279 SER A C   1 
ATOM   801  O O   . SER A 1 100 ? -23.807 7.048   12.396  1.00 56.62  ? 279 SER A O   1 
ATOM   802  C CB  . SER A 1 100 ? -23.782 4.262   10.962  1.00 58.64  ? 279 SER A CB  1 
ATOM   803  O OG  . SER A 1 100 ? -25.187 4.061   11.036  1.00 55.80  ? 279 SER A OG  1 
ATOM   804  N N   . LEU A 1 101 ? -24.988 5.626   13.687  1.00 51.75  ? 280 LEU A N   1 
ATOM   805  C CA  . LEU A 1 101 ? -25.857 6.644   14.253  1.00 50.61  ? 280 LEU A CA  1 
ATOM   806  C C   . LEU A 1 101 ? -25.564 6.915   15.716  1.00 54.11  ? 280 LEU A C   1 
ATOM   807  O O   . LEU A 1 101 ? -25.514 8.066   16.146  1.00 54.36  ? 280 LEU A O   1 
ATOM   808  C CB  . LEU A 1 101 ? -27.314 6.211   14.114  1.00 50.90  ? 280 LEU A CB  1 
ATOM   809  C CG  . LEU A 1 101 ? -27.956 6.425   12.745  1.00 52.20  ? 280 LEU A CG  1 
ATOM   810  C CD1 . LEU A 1 101 ? -29.263 5.679   12.667  1.00 49.09  ? 280 LEU A CD1 1 
ATOM   811  C CD2 . LEU A 1 101 ? -28.161 7.926   12.510  1.00 51.79  ? 280 LEU A CD2 1 
ATOM   812  N N   . LEU A 1 102 ? -25.351 5.842   16.470  1.00 60.27  ? 281 LEU A N   1 
ATOM   813  C CA  . LEU A 1 102 ? -25.097 5.930   17.904  1.00 66.43  ? 281 LEU A CA  1 
ATOM   814  C C   . LEU A 1 102 ? -23.678 6.304   18.319  1.00 67.09  ? 281 LEU A C   1 
ATOM   815  O O   . LEU A 1 102 ? -23.480 7.061   19.270  1.00 70.89  ? 281 LEU A O   1 
ATOM   816  C CB  . LEU A 1 102 ? -25.492 4.605   18.564  1.00 71.50  ? 281 LEU A CB  1 
ATOM   817  C CG  . LEU A 1 102 ? -26.971 4.215   18.387  1.00 76.60  ? 281 LEU A CG  1 
ATOM   818  C CD1 . LEU A 1 102 ? -27.220 2.799   18.919  1.00 75.26  ? 281 LEU A CD1 1 
ATOM   819  C CD2 . LEU A 1 102 ? -27.856 5.236   19.102  1.00 75.17  ? 281 LEU A CD2 1 
ATOM   820  N N   . GLY A 1 103 ? -22.689 5.782   17.608  1.00 65.89  ? 282 GLY A N   1 
ATOM   821  C CA  . GLY A 1 103 ? -21.314 6.084   17.959  1.00 56.78  ? 282 GLY A CA  1 
ATOM   822  C C   . GLY A 1 103 ? -20.563 4.779   18.059  1.00 54.21  ? 282 GLY A C   1 
ATOM   823  O O   . GLY A 1 103 ? -21.175 3.713   18.178  1.00 51.06  ? 282 GLY A O   1 
ATOM   824  N N   . PHE A 1 104 ? -19.238 4.844   18.030  1.00 50.08  ? 283 PHE A N   1 
ATOM   825  C CA  . PHE A 1 104 ? -18.465 3.625   18.087  1.00 48.61  ? 283 PHE A CA  1 
ATOM   826  C C   . PHE A 1 104 ? -17.115 3.759   18.776  1.00 52.41  ? 283 PHE A C   1 
ATOM   827  O O   . PHE A 1 104 ? -16.583 4.866   18.965  1.00 50.84  ? 283 PHE A O   1 
ATOM   828  C CB  . PHE A 1 104 ? -18.272 3.088   16.658  1.00 50.68  ? 283 PHE A CB  1 
ATOM   829  C CG  . PHE A 1 104 ? -17.690 4.099   15.703  1.00 43.28  ? 283 PHE A CG  1 
ATOM   830  C CD1 . PHE A 1 104 ? -16.353 4.488   15.801  1.00 44.15  ? 283 PHE A CD1 1 
ATOM   831  C CD2 . PHE A 1 104 ? -18.500 4.735   14.773  1.00 42.14  ? 283 PHE A CD2 1 
ATOM   832  C CE1 . PHE A 1 104 ? -15.832 5.515   14.996  1.00 41.60  ? 283 PHE A CE1 1 
ATOM   833  C CE2 . PHE A 1 104 ? -17.992 5.760   13.965  1.00 44.19  ? 283 PHE A CE2 1 
ATOM   834  C CZ  . PHE A 1 104 ? -16.655 6.153   14.078  1.00 40.37  ? 283 PHE A CZ  1 
ATOM   835  N N   . SER A 1 105 ? -16.576 2.600   19.148  1.00 52.91  ? 284 SER A N   1 
ATOM   836  C CA  . SER A 1 105 ? -15.272 2.495   19.780  1.00 53.28  ? 284 SER A CA  1 
ATOM   837  C C   . SER A 1 105 ? -14.567 1.371   19.034  1.00 53.75  ? 284 SER A C   1 
ATOM   838  O O   . SER A 1 105 ? -14.790 0.182   19.290  1.00 54.67  ? 284 SER A O   1 
ATOM   839  C CB  . SER A 1 105 ? -15.400 2.130   21.258  1.00 55.85  ? 284 SER A CB  1 
ATOM   840  O OG  . SER A 1 105 ? -16.227 3.053   21.944  1.00 62.19  ? 284 SER A OG  1 
ATOM   841  N N   . LYS A 1 106 ? -13.733 1.757   18.080  1.00 50.63  ? 285 LYS A N   1 
ATOM   842  C CA  . LYS A 1 106 ? -12.990 0.791   17.295  1.00 46.63  ? 285 LYS A CA  1 
ATOM   843  C C   . LYS A 1 106 ? -11.501 1.047   17.483  1.00 46.26  ? 285 LYS A C   1 
ATOM   844  O O   . LYS A 1 106 ? -11.084 2.149   17.833  1.00 40.43  ? 285 LYS A O   1 
ATOM   845  C CB  . LYS A 1 106 ? -13.346 0.933   15.809  1.00 43.40  ? 285 LYS A CB  1 
ATOM   846  C CG  . LYS A 1 106 ? -14.770 0.554   15.431  1.00 39.58  ? 285 LYS A CG  1 
ATOM   847  C CD  . LYS A 1 106 ? -15.004 -0.936  15.630  1.00 42.25  ? 285 LYS A CD  1 
ATOM   848  C CE  . LYS A 1 106 ? -16.289 -1.424  14.980  1.00 36.80  ? 285 LYS A CE  1 
ATOM   849  N NZ  . LYS A 1 106 ? -16.082 -1.750  13.543  1.00 31.87  ? 285 LYS A NZ  1 
ATOM   850  N N   . THR A 1 107 ? -10.708 0.011   17.263  1.00 48.91  ? 286 THR A N   1 
ATOM   851  C CA  . THR A 1 107 ? -9.259  0.126   17.355  1.00 52.10  ? 286 THR A CA  1 
ATOM   852  C C   . THR A 1 107 ? -8.726  -0.632  16.151  1.00 53.45  ? 286 THR A C   1 
ATOM   853  O O   . THR A 1 107 ? -9.034  -1.813  15.970  1.00 53.55  ? 286 THR A O   1 
ATOM   854  C CB  . THR A 1 107 ? -8.697  -0.512  18.643  1.00 52.95  ? 286 THR A CB  1 
ATOM   855  O OG1 . THR A 1 107 ? -9.543  -0.183  19.747  1.00 55.34  ? 286 THR A OG1 1 
ATOM   856  C CG2 . THR A 1 107 ? -7.288  0.019   18.931  1.00 48.83  ? 286 THR A CG2 1 
ATOM   857  N N   . ILE A 1 108 ? -7.954  0.058   15.317  1.00 56.32  ? 287 ILE A N   1 
ATOM   858  C CA  . ILE A 1 108 ? -7.388  -0.547  14.118  1.00 54.95  ? 287 ILE A CA  1 
ATOM   859  C C   . ILE A 1 108 ? -5.866  -0.498  14.129  1.00 52.31  ? 287 ILE A C   1 
ATOM   860  O O   . ILE A 1 108 ? -5.264  0.328   14.811  1.00 48.28  ? 287 ILE A O   1 
ATOM   861  C CB  . ILE A 1 108 ? -7.908  0.159   12.841  1.00 58.11  ? 287 ILE A CB  1 
ATOM   862  C CG1 . ILE A 1 108 ? -7.447  -0.606  11.583  1.00 65.10  ? 287 ILE A CG1 1 
ATOM   863  C CG2 . ILE A 1 108 ? -7.383  1.600   12.794  1.00 53.11  ? 287 ILE A CG2 1 
ATOM   864  C CD1 . ILE A 1 108 ? -7.817  -2.103  11.553  1.00 64.47  ? 287 ILE A CD1 1 
ATOM   865  N N   . GLN A 1 109 ? -5.257  -1.394  13.359  1.00 56.42  ? 288 GLN A N   1 
ATOM   866  C CA  . GLN A 1 109 ? -3.803  -1.493  13.246  1.00 59.33  ? 288 GLN A CA  1 
ATOM   867  C C   . GLN A 1 109 ? -3.238  -0.493  12.223  1.00 59.06  ? 288 GLN A C   1 
ATOM   868  O O   . GLN A 1 109 ? -3.486  -0.620  11.020  1.00 52.31  ? 288 GLN A O   1 
ATOM   869  C CB  . GLN A 1 109 ? -3.425  -2.915  12.814  1.00 67.33  ? 288 GLN A CB  1 
ATOM   870  C CG  . GLN A 1 109 ? -2.266  -3.545  13.583  1.00 74.23  ? 288 GLN A CG  1 
ATOM   871  C CD  . GLN A 1 109 ? -1.120  -2.581  13.806  1.00 79.45  ? 288 GLN A CD  1 
ATOM   872  O OE1 . GLN A 1 109 ? -1.251  -1.621  14.566  1.00 81.22  ? 288 GLN A OE1 1 
ATOM   873  N NE2 . GLN A 1 109 ? 0.011   -2.830  13.142  1.00 77.71  ? 288 GLN A NE2 1 
ATOM   874  N N   . THR A 1 110 ? -2.471  0.490   12.692  1.00 56.48  ? 289 THR A N   1 
ATOM   875  C CA  . THR A 1 110 ? -1.889  1.467   11.788  1.00 58.11  ? 289 THR A CA  1 
ATOM   876  C C   . THR A 1 110 ? -0.845  0.831   10.870  1.00 57.79  ? 289 THR A C   1 
ATOM   877  O O   . THR A 1 110 ? -0.678  -0.387  10.868  1.00 58.99  ? 289 THR A O   1 
ATOM   878  C CB  . THR A 1 110 ? -1.269  2.640   12.550  1.00 62.52  ? 289 THR A CB  1 
ATOM   879  O OG1 . THR A 1 110 ? -0.341  2.149   13.519  1.00 64.45  ? 289 THR A OG1 1 
ATOM   880  C CG2 . THR A 1 110 ? -2.350  3.437   13.242  1.00 63.57  ? 289 THR A CG2 1 
ATOM   881  N N   . ILE A 1 111 ? -0.149  1.655   10.090  1.00 53.10  ? 290 ILE A N   1 
ATOM   882  C CA  . ILE A 1 111 ? 0.831   1.159   9.121   1.00 52.67  ? 290 ILE A CA  1 
ATOM   883  C C   . ILE A 1 111 ? 2.229   0.922   9.710   1.00 56.65  ? 290 ILE A C   1 
ATOM   884  O O   . ILE A 1 111 ? 3.040   0.181   9.145   1.00 50.04  ? 290 ILE A O   1 
ATOM   885  C CB  . ILE A 1 111 ? 0.913   2.145   7.899   1.00 47.22  ? 290 ILE A CB  1 
ATOM   886  C CG1 . ILE A 1 111 ? 1.041   1.379   6.563   1.00 38.39  ? 290 ILE A CG1 1 
ATOM   887  C CG2 . ILE A 1 111 ? 1.999   3.176   8.135   1.00 41.56  ? 290 ILE A CG2 1 
ATOM   888  C CD1 . ILE A 1 111 ? 2.199   0.437   6.404   1.00 22.91  ? 290 ILE A CD1 1 
ATOM   889  N N   . ASP A 1 112 ? 2.509   1.550   10.847  1.00 59.44  ? 291 ASP A N   1 
ATOM   890  C CA  . ASP A 1 112 ? 3.807   1.383   11.477  1.00 63.23  ? 291 ASP A CA  1 
ATOM   891  C C   . ASP A 1 112 ? 3.838   0.167   12.400  1.00 66.94  ? 291 ASP A C   1 
ATOM   892  O O   . ASP A 1 112 ? 4.806   -0.595  12.400  1.00 68.19  ? 291 ASP A O   1 
ATOM   893  C CB  . ASP A 1 112 ? 4.194   2.643   12.252  1.00 62.35  ? 291 ASP A CB  1 
ATOM   894  C CG  . ASP A 1 112 ? 3.050   3.208   13.067  1.00 62.51  ? 291 ASP A CG  1 
ATOM   895  O OD1 . ASP A 1 112 ? 2.237   2.417   13.583  1.00 59.62  ? 291 ASP A OD1 1 
ATOM   896  O OD2 . ASP A 1 112 ? 2.978   4.448   13.204  1.00 61.16  ? 291 ASP A OD2 1 
ATOM   897  N N   . GLY A 1 113 ? 2.774   -0.016  13.174  1.00 69.23  ? 292 GLY A N   1 
ATOM   898  C CA  . GLY A 1 113 ? 2.712   -1.143  14.087  1.00 72.28  ? 292 GLY A CA  1 
ATOM   899  C C   . GLY A 1 113 ? 1.894   -0.811  15.320  1.00 72.59  ? 292 GLY A C   1 
ATOM   900  O O   . GLY A 1 113 ? 1.320   -1.698  15.954  1.00 74.05  ? 292 GLY A O   1 
ATOM   901  N N   . ARG A 1 114 ? 1.855   0.473   15.663  1.00 70.71  ? 293 ARG A N   1 
ATOM   902  C CA  . ARG A 1 114 ? 1.091   0.955   16.812  1.00 69.71  ? 293 ARG A CA  1 
ATOM   903  C C   . ARG A 1 114 ? -0.396  0.810   16.504  1.00 63.61  ? 293 ARG A C   1 
ATOM   904  O O   . ARG A 1 114 ? -0.767  0.516   15.376  1.00 65.33  ? 293 ARG A O   1 
ATOM   905  C CB  . ARG A 1 114 ? 1.398   2.435   17.068  1.00 75.84  ? 293 ARG A CB  1 
ATOM   906  C CG  . ARG A 1 114 ? 2.572   2.719   17.982  1.00 77.04  ? 293 ARG A CG  1 
ATOM   907  C CD  . ARG A 1 114 ? 2.100   3.571   19.156  1.00 84.63  ? 293 ARG A CD  1 
ATOM   908  N NE  . ARG A 1 114 ? 3.186   3.943   20.059  1.00 92.95  ? 293 ARG A NE  1 
ATOM   909  C CZ  . ARG A 1 114 ? 3.032   4.667   21.165  1.00 94.18  ? 293 ARG A CZ  1 
ATOM   910  N NH1 . ARG A 1 114 ? 1.827   5.102   21.514  1.00 95.41  ? 293 ARG A NH1 1 
ATOM   911  N NH2 . ARG A 1 114 ? 4.085   4.958   21.922  1.00 92.12  ? 293 ARG A NH2 1 
ATOM   912  N N   . THR A 1 115 ? -1.252  1.009   17.499  1.00 59.00  ? 294 THR A N   1 
ATOM   913  C CA  . THR A 1 115 ? -2.685  0.914   17.242  1.00 52.96  ? 294 THR A CA  1 
ATOM   914  C C   . THR A 1 115 ? -3.342  2.259   17.492  1.00 51.72  ? 294 THR A C   1 
ATOM   915  O O   . THR A 1 115 ? -3.058  2.954   18.473  1.00 43.90  ? 294 THR A O   1 
ATOM   916  C CB  . THR A 1 115 ? -3.400  -0.137  18.115  1.00 51.41  ? 294 THR A CB  1 
ATOM   917  O OG1 . THR A 1 115 ? -3.547  0.369   19.448  1.00 42.10  ? 294 THR A OG1 1 
ATOM   918  C CG2 . THR A 1 115 ? -2.624  -1.451  18.116  1.00 47.05  ? 294 THR A CG2 1 
ATOM   919  N N   . LEU A 1 116 ? -4.228  2.614   16.577  1.00 51.60  ? 295 LEU A N   1 
ATOM   920  C CA  . LEU A 1 116 ? -4.940  3.871   16.655  1.00 51.47  ? 295 LEU A CA  1 
ATOM   921  C C   . LEU A 1 116 ? -6.400  3.583   16.922  1.00 48.88  ? 295 LEU A C   1 
ATOM   922  O O   . LEU A 1 116 ? -7.039  2.849   16.174  1.00 45.61  ? 295 LEU A O   1 
ATOM   923  C CB  . LEU A 1 116 ? -4.797  4.622   15.332  1.00 52.10  ? 295 LEU A CB  1 
ATOM   924  C CG  . LEU A 1 116 ? -5.482  5.974   15.187  1.00 51.49  ? 295 LEU A CG  1 
ATOM   925  C CD1 . LEU A 1 116 ? -4.757  6.996   16.058  1.00 49.24  ? 295 LEU A CD1 1 
ATOM   926  C CD2 . LEU A 1 116 ? -5.480  6.392   13.707  1.00 46.15  ? 295 LEU A CD2 1 
ATOM   927  N N   . PRO A 1 117 ? -6.939  4.122   18.024  1.00 50.22  ? 296 PRO A N   1 
ATOM   928  C CA  . PRO A 1 117 ? -8.348  3.883   18.321  1.00 51.94  ? 296 PRO A CA  1 
ATOM   929  C C   . PRO A 1 117 ? -9.198  4.916   17.596  1.00 51.96  ? 296 PRO A C   1 
ATOM   930  O O   . PRO A 1 117 ? -8.847  6.096   17.535  1.00 56.52  ? 296 PRO A O   1 
ATOM   931  C CB  . PRO A 1 117 ? -8.412  4.035   19.837  1.00 49.98  ? 296 PRO A CB  1 
ATOM   932  C CG  . PRO A 1 117 ? -7.409  5.080   20.095  1.00 52.03  ? 296 PRO A CG  1 
ATOM   933  C CD  . PRO A 1 117 ? -6.249  4.673   19.204  1.00 53.02  ? 296 PRO A CD  1 
ATOM   934  N N   . LEU A 1 118 ? -10.294 4.457   17.010  1.00 48.66  ? 297 LEU A N   1 
ATOM   935  C CA  . LEU A 1 118 ? -11.212 5.342   16.313  1.00 44.44  ? 297 LEU A CA  1 
ATOM   936  C C   . LEU A 1 118 ? -12.452 5.332   17.205  1.00 45.44  ? 297 LEU A C   1 
ATOM   937  O O   . LEU A 1 118 ? -13.026 4.281   17.482  1.00 40.75  ? 297 LEU A O   1 
ATOM   938  C CB  . LEU A 1 118 ? -11.500 4.799   14.908  1.00 36.79  ? 297 LEU A CB  1 
ATOM   939  C CG  . LEU A 1 118 ? -10.260 4.765   13.996  1.00 30.65  ? 297 LEU A CG  1 
ATOM   940  C CD1 . LEU A 1 118 ? -10.421 3.829   12.803  1.00 22.88  ? 297 LEU A CD1 1 
ATOM   941  C CD2 . LEU A 1 118 ? -9.998  6.166   13.528  1.00 36.97  ? 297 LEU A CD2 1 
ATOM   942  N N   . SER A 1 119 ? -12.825 6.506   17.691  1.00 49.03  ? 298 SER A N   1 
ATOM   943  C CA  . SER A 1 119 ? -13.963 6.637   18.582  1.00 54.41  ? 298 SER A CA  1 
ATOM   944  C C   . SER A 1 119 ? -14.865 7.754   18.120  1.00 56.02  ? 298 SER A C   1 
ATOM   945  O O   . SER A 1 119 ? -14.409 8.721   17.505  1.00 58.03  ? 298 SER A O   1 
ATOM   946  C CB  . SER A 1 119 ? -13.485 6.946   20.001  1.00 58.70  ? 298 SER A CB  1 
ATOM   947  O OG  . SER A 1 119 ? -12.753 5.862   20.543  1.00 65.71  ? 298 SER A OG  1 
ATOM   948  N N   . ARG A 1 120 ? -16.148 7.625   18.426  1.00 54.84  ? 299 ARG A N   1 
ATOM   949  C CA  . ARG A 1 120 ? -17.100 8.651   18.041  1.00 52.98  ? 299 ARG A CA  1 
ATOM   950  C C   . ARG A 1 120 ? -18.405 8.397   18.767  1.00 53.67  ? 299 ARG A C   1 
ATOM   951  O O   . ARG A 1 120 ? -18.849 7.256   18.897  1.00 50.95  ? 299 ARG A O   1 
ATOM   952  C CB  . ARG A 1 120 ? -17.305 8.611   16.536  1.00 50.96  ? 299 ARG A CB  1 
ATOM   953  C CG  . ARG A 1 120 ? -17.654 9.930   15.912  1.00 51.67  ? 299 ARG A CG  1 
ATOM   954  C CD  . ARG A 1 120 ? -17.438 9.845   14.410  1.00 54.68  ? 299 ARG A CD  1 
ATOM   955  N NE  . ARG A 1 120 ? -17.670 11.110  13.723  1.00 49.24  ? 299 ARG A NE  1 
ATOM   956  C CZ  . ARG A 1 120 ? -18.870 11.591  13.430  1.00 49.65  ? 299 ARG A CZ  1 
ATOM   957  N NH1 . ARG A 1 120 ? -19.960 10.909  13.760  1.00 47.34  ? 299 ARG A NH1 1 
ATOM   958  N NH2 . ARG A 1 120 ? -18.975 12.758  12.809  1.00 50.52  ? 299 ARG A NH2 1 
ATOM   959  N N   . VAL A 1 121 ? -19.016 9.466   19.254  1.00 55.55  ? 300 VAL A N   1 
ATOM   960  C CA  . VAL A 1 121 ? -20.269 9.328   19.970  1.00 61.28  ? 300 VAL A CA  1 
ATOM   961  C C   . VAL A 1 121 ? -21.445 9.814   19.115  1.00 64.28  ? 300 VAL A C   1 
ATOM   962  O O   . VAL A 1 121 ? -22.589 9.383   19.309  1.00 63.54  ? 300 VAL A O   1 
ATOM   963  C CB  . VAL A 1 121 ? -20.212 10.100  21.304  1.00 60.00  ? 300 VAL A CB  1 
ATOM   964  C CG1 . VAL A 1 121 ? -19.934 11.577  21.033  1.00 60.07  ? 300 VAL A CG1 1 
ATOM   965  C CG2 . VAL A 1 121 ? -21.515 9.906   22.083  1.00 59.77  ? 300 VAL A CG2 1 
ATOM   966  N N   . GLN A 1 122 ? -21.156 10.699  18.161  1.00 65.50  ? 301 GLN A N   1 
ATOM   967  C CA  . GLN A 1 122 ? -22.188 11.231  17.268  1.00 68.84  ? 301 GLN A CA  1 
ATOM   968  C C   . GLN A 1 122 ? -22.406 10.399  16.005  1.00 67.69  ? 301 GLN A C   1 
ATOM   969  O O   . GLN A 1 122 ? -21.529 9.634   15.583  1.00 67.61  ? 301 GLN A O   1 
ATOM   970  C CB  . GLN A 1 122 ? -21.857 12.666  16.844  1.00 70.63  ? 301 GLN A CB  1 
ATOM   971  C CG  . GLN A 1 122 ? -21.957 13.697  17.956  1.00 78.23  ? 301 GLN A CG  1 
ATOM   972  C CD  . GLN A 1 122 ? -23.332 13.755  18.617  1.00 79.48  ? 301 GLN A CD  1 
ATOM   973  O OE1 . GLN A 1 122 ? -23.561 14.576  19.499  1.00 82.53  ? 301 GLN A OE1 1 
ATOM   974  N NE2 . GLN A 1 122 ? -24.245 12.885  18.198  1.00 77.56  ? 301 GLN A NE2 1 
ATOM   975  N N   . PRO A 1 123 ? -23.592 10.540  15.385  1.00 67.24  ? 302 PRO A N   1 
ATOM   976  C CA  . PRO A 1 123 ? -23.923 9.806   14.162  1.00 63.89  ? 302 PRO A CA  1 
ATOM   977  C C   . PRO A 1 123 ? -22.903 10.170  13.086  1.00 62.52  ? 302 PRO A C   1 
ATOM   978  O O   . PRO A 1 123 ? -22.473 11.319  12.990  1.00 62.30  ? 302 PRO A O   1 
ATOM   979  C CB  . PRO A 1 123 ? -25.321 10.308  13.839  1.00 65.39  ? 302 PRO A CB  1 
ATOM   980  C CG  . PRO A 1 123 ? -25.289 11.716  14.372  1.00 65.24  ? 302 PRO A CG  1 
ATOM   981  C CD  . PRO A 1 123 ? -24.652 11.510  15.705  1.00 65.48  ? 302 PRO A CD  1 
ATOM   982  N N   . VAL A 1 124 ? -22.514 9.197   12.277  1.00 61.57  ? 303 VAL A N   1 
ATOM   983  C CA  . VAL A 1 124 ? -21.519 9.444   11.243  1.00 62.82  ? 303 VAL A CA  1 
ATOM   984  C C   . VAL A 1 124 ? -22.126 9.583   9.864   1.00 61.79  ? 303 VAL A C   1 
ATOM   985  O O   . VAL A 1 124 ? -22.884 8.712   9.431   1.00 63.66  ? 303 VAL A O   1 
ATOM   986  C CB  . VAL A 1 124 ? -20.496 8.296   11.193  1.00 62.97  ? 303 VAL A CB  1 
ATOM   987  C CG1 . VAL A 1 124 ? -19.380 8.623   10.222  1.00 62.81  ? 303 VAL A CG1 1 
ATOM   988  C CG2 . VAL A 1 124 ? -19.945 8.050   12.582  1.00 70.42  ? 303 VAL A CG2 1 
ATOM   989  N N   . GLN A 1 125 ? -21.797 10.673  9.176   1.00 56.61  ? 304 GLN A N   1 
ATOM   990  C CA  . GLN A 1 125 ? -22.305 10.873  7.823   1.00 57.01  ? 304 GLN A CA  1 
ATOM   991  C C   . GLN A 1 125 ? -21.643 9.812   6.966   1.00 54.85  ? 304 GLN A C   1 
ATOM   992  O O   . GLN A 1 125 ? -20.424 9.800   6.807   1.00 57.43  ? 304 GLN A O   1 
ATOM   993  C CB  . GLN A 1 125 ? -21.948 12.261  7.292   1.00 57.24  ? 304 GLN A CB  1 
ATOM   994  C CG  . GLN A 1 125 ? -23.134 12.991  6.700   1.00 64.00  ? 304 GLN A CG  1 
ATOM   995  C CD  . GLN A 1 125 ? -24.200 13.316  7.737   1.00 71.97  ? 304 GLN A CD  1 
ATOM   996  O OE1 . GLN A 1 125 ? -25.280 13.790  7.400   1.00 80.41  ? 304 GLN A OE1 1 
ATOM   997  N NE2 . GLN A 1 125 ? -23.895 13.070  9.006   1.00 77.10  ? 304 GLN A NE2 1 
ATOM   998  N N   . PRO A 1 126 ? -22.440 8.904   6.398   1.00 53.03  ? 305 PRO A N   1 
ATOM   999  C CA  . PRO A 1 126 ? -21.942 7.815   5.551   1.00 52.10  ? 305 PRO A CA  1 
ATOM   1000 C C   . PRO A 1 126 ? -20.905 8.194   4.493   1.00 48.73  ? 305 PRO A C   1 
ATOM   1001 O O   . PRO A 1 126 ? -20.023 7.405   4.190   1.00 53.31  ? 305 PRO A O   1 
ATOM   1002 C CB  . PRO A 1 126 ? -23.222 7.252   4.935   1.00 53.52  ? 305 PRO A CB  1 
ATOM   1003 C CG  . PRO A 1 126 ? -24.236 7.495   6.016   1.00 53.36  ? 305 PRO A CG  1 
ATOM   1004 C CD  . PRO A 1 126 ? -23.910 8.903   6.439   1.00 49.30  ? 305 PRO A CD  1 
ATOM   1005 N N   . SER A 1 127 ? -21.008 9.392   3.935   1.00 47.60  ? 306 SER A N   1 
ATOM   1006 C CA  . SER A 1 127 ? -20.080 9.825   2.895   1.00 48.87  ? 306 SER A CA  1 
ATOM   1007 C C   . SER A 1 127 ? -18.965 10.701  3.445   1.00 50.62  ? 306 SER A C   1 
ATOM   1008 O O   . SER A 1 127 ? -18.165 11.258  2.695   1.00 48.59  ? 306 SER A O   1 
ATOM   1009 C CB  . SER A 1 127 ? -20.835 10.587  1.805   1.00 49.90  ? 306 SER A CB  1 
ATOM   1010 O OG  . SER A 1 127 ? -21.437 11.757  2.328   1.00 54.32  ? 306 SER A OG  1 
ATOM   1011 N N   . GLN A 1 128 ? -18.916 10.806  4.765   1.00 53.99  ? 307 GLN A N   1 
ATOM   1012 C CA  . GLN A 1 128 ? -17.916 11.615  5.447   1.00 50.74  ? 307 GLN A CA  1 
ATOM   1013 C C   . GLN A 1 128 ? -16.572 10.925  5.572   1.00 48.43  ? 307 GLN A C   1 
ATOM   1014 O O   . GLN A 1 128 ? -16.496 9.695   5.600   1.00 45.04  ? 307 GLN A O   1 
ATOM   1015 C CB  . GLN A 1 128 ? -18.413 11.951  6.845   1.00 57.31  ? 307 GLN A CB  1 
ATOM   1016 C CG  . GLN A 1 128 ? -17.444 12.756  7.676   1.00 65.36  ? 307 GLN A CG  1 
ATOM   1017 C CD  . GLN A 1 128 ? -17.874 12.811  9.116   1.00 70.45  ? 307 GLN A CD  1 
ATOM   1018 O OE1 . GLN A 1 128 ? -17.200 13.405  9.961   1.00 78.99  ? 307 GLN A OE1 1 
ATOM   1019 N NE2 . GLN A 1 128 ? -19.006 12.182  9.414   1.00 70.37  ? 307 GLN A NE2 1 
ATOM   1020 N N   . THR A 1 129 ? -15.517 11.734  5.649   1.00 45.38  ? 308 THR A N   1 
ATOM   1021 C CA  . THR A 1 129 ? -14.160 11.240  5.817   1.00 45.48  ? 308 THR A CA  1 
ATOM   1022 C C   . THR A 1 129 ? -13.580 11.934  7.035   1.00 46.23  ? 308 THR A C   1 
ATOM   1023 O O   . THR A 1 129 ? -13.805 13.128  7.240   1.00 46.91  ? 308 THR A O   1 
ATOM   1024 C CB  . THR A 1 129 ? -13.246 11.591  4.624   1.00 47.60  ? 308 THR A CB  1 
ATOM   1025 O OG1 . THR A 1 129 ? -13.157 13.014  4.497   1.00 50.79  ? 308 THR A OG1 1 
ATOM   1026 C CG2 . THR A 1 129 ? -13.774 11.007  3.342   1.00 44.75  ? 308 THR A CG2 1 
ATOM   1027 N N   . SER A 1 130 ? -12.841 11.183  7.844   1.00 45.68  ? 309 SER A N   1 
ATOM   1028 C CA  . SER A 1 130 ? -12.186 11.737  9.026   1.00 40.28  ? 309 SER A CA  1 
ATOM   1029 C C   . SER A 1 130 ? -10.700 11.682  8.743   1.00 36.84  ? 309 SER A C   1 
ATOM   1030 O O   . SER A 1 130 ? -10.215 10.723  8.175   1.00 38.26  ? 309 SER A O   1 
ATOM   1031 C CB  . SER A 1 130 ? -12.519 10.910  10.255  1.00 41.03  ? 309 SER A CB  1 
ATOM   1032 O OG  . SER A 1 130 ? -13.907 10.964  10.491  1.00 47.10  ? 309 SER A OG  1 
ATOM   1033 N N   . THR A 1 131 ? -9.969  12.705  9.140   1.00 38.25  ? 310 THR A N   1 
ATOM   1034 C CA  . THR A 1 131 ? -8.549  12.741  8.857   1.00 39.49  ? 310 THR A CA  1 
ATOM   1035 C C   . THR A 1 131 ? -7.649  12.756  10.107  1.00 42.01  ? 310 THR A C   1 
ATOM   1036 O O   . THR A 1 131 ? -7.835  13.561  11.012  1.00 42.95  ? 310 THR A O   1 
ATOM   1037 C CB  . THR A 1 131 ? -8.286  13.936  7.938   1.00 36.41  ? 310 THR A CB  1 
ATOM   1038 O OG1 . THR A 1 131 ? -6.910  14.322  7.994   1.00 44.39  ? 310 THR A OG1 1 
ATOM   1039 C CG2 . THR A 1 131 ? -9.177  15.085  8.340   1.00 46.24  ? 310 THR A CG2 1 
ATOM   1040 N N   . TYR A 1 132 ? -6.679  11.844  10.147  1.00 40.86  ? 311 TYR A N   1 
ATOM   1041 C CA  . TYR A 1 132 ? -5.758  11.720  11.281  1.00 38.51  ? 311 TYR A CA  1 
ATOM   1042 C C   . TYR A 1 132 ? -4.355  12.073  10.837  1.00 40.49  ? 311 TYR A C   1 
ATOM   1043 O O   . TYR A 1 132 ? -3.588  11.203  10.434  1.00 43.79  ? 311 TYR A O   1 
ATOM   1044 C CB  . TYR A 1 132 ? -5.782  10.285  11.826  1.00 33.83  ? 311 TYR A CB  1 
ATOM   1045 C CG  . TYR A 1 132 ? -7.119  9.893   12.395  1.00 36.40  ? 311 TYR A CG  1 
ATOM   1046 C CD1 . TYR A 1 132 ? -7.329  9.870   13.772  1.00 41.79  ? 311 TYR A CD1 1 
ATOM   1047 C CD2 . TYR A 1 132 ? -8.211  9.642   11.555  1.00 40.15  ? 311 TYR A CD2 1 
ATOM   1048 C CE1 . TYR A 1 132 ? -8.596  9.617   14.308  1.00 39.46  ? 311 TYR A CE1 1 
ATOM   1049 C CE2 . TYR A 1 132 ? -9.486  9.389   12.074  1.00 39.91  ? 311 TYR A CE2 1 
ATOM   1050 C CZ  . TYR A 1 132 ? -9.668  9.383   13.455  1.00 42.11  ? 311 TYR A CZ  1 
ATOM   1051 O OH  . TYR A 1 132 ? -10.919 9.160   13.977  1.00 44.46  ? 311 TYR A OH  1 
ATOM   1052 N N   . PRO A 1 133 ? -3.995  13.362  10.919  1.00 44.07  ? 312 PRO A N   1 
ATOM   1053 C CA  . PRO A 1 133 ? -2.673  13.852  10.517  1.00 39.52  ? 312 PRO A CA  1 
ATOM   1054 C C   . PRO A 1 133 ? -1.509  13.022  11.020  1.00 39.86  ? 312 PRO A C   1 
ATOM   1055 O O   . PRO A 1 133 ? -1.511  12.551  12.155  1.00 40.49  ? 312 PRO A O   1 
ATOM   1056 C CB  . PRO A 1 133 ? -2.643  15.269  11.075  1.00 39.42  ? 312 PRO A CB  1 
ATOM   1057 C CG  . PRO A 1 133 ? -4.081  15.685  11.022  1.00 38.25  ? 312 PRO A CG  1 
ATOM   1058 C CD  . PRO A 1 133 ? -4.796  14.450  11.516  1.00 42.85  ? 312 PRO A CD  1 
ATOM   1059 N N   . GLY A 1 134 ? -0.523  12.843  10.149  1.00 40.58  ? 313 GLY A N   1 
ATOM   1060 C CA  . GLY A 1 134 ? 0.672   12.104  10.494  1.00 38.11  ? 313 GLY A CA  1 
ATOM   1061 C C   . GLY A 1 134 ? 0.597   10.593  10.557  1.00 42.93  ? 313 GLY A C   1 
ATOM   1062 O O   . GLY A 1 134 ? 1.575   9.963   10.959  1.00 44.27  ? 313 GLY A O   1 
ATOM   1063 N N   . GLN A 1 135 ? -0.531  9.999   10.174  1.00 42.83  ? 314 GLN A N   1 
ATOM   1064 C CA  . GLN A 1 135 ? -0.645  8.542   10.223  1.00 42.14  ? 314 GLN A CA  1 
ATOM   1065 C C   . GLN A 1 135 ? -0.539  7.865   8.864   1.00 40.21  ? 314 GLN A C   1 
ATOM   1066 O O   . GLN A 1 135 ? -0.823  6.679   8.744   1.00 40.64  ? 314 GLN A O   1 
ATOM   1067 C CB  . GLN A 1 135 ? -1.951  8.131   10.894  1.00 42.98  ? 314 GLN A CB  1 
ATOM   1068 C CG  . GLN A 1 135 ? -2.165  8.789   12.238  1.00 46.04  ? 314 GLN A CG  1 
ATOM   1069 C CD  . GLN A 1 135 ? -0.952  8.694   13.139  1.00 48.55  ? 314 GLN A CD  1 
ATOM   1070 O OE1 . GLN A 1 135 ? -0.612  7.621   13.638  1.00 45.20  ? 314 GLN A OE1 1 
ATOM   1071 N NE2 . GLN A 1 135 ? -0.287  9.826   13.350  1.00 49.05  ? 314 GLN A NE2 1 
ATOM   1072 N N   . GLY A 1 136 ? -0.126  8.622   7.854   1.00 36.40  ? 315 GLY A N   1 
ATOM   1073 C CA  . GLY A 1 136 ? 0.033   8.074   6.519   1.00 34.37  ? 315 GLY A CA  1 
ATOM   1074 C C   . GLY A 1 136 ? 1.442   7.575   6.253   1.00 31.86  ? 315 GLY A C   1 
ATOM   1075 O O   . GLY A 1 136 ? 2.138   7.152   7.160   1.00 36.42  ? 315 GLY A O   1 
ATOM   1076 N N   . MET A 1 137 ? 1.869   7.619   5.002   1.00 34.40  ? 316 MET A N   1 
ATOM   1077 C CA  . MET A 1 137 ? 3.201   7.141   4.635   1.00 40.39  ? 316 MET A CA  1 
ATOM   1078 C C   . MET A 1 137 ? 4.251   8.208   4.868   1.00 44.80  ? 316 MET A C   1 
ATOM   1079 O O   . MET A 1 137 ? 3.940   9.399   4.881   1.00 46.85  ? 316 MET A O   1 
ATOM   1080 C CB  . MET A 1 137 ? 3.249   6.754   3.153   1.00 38.04  ? 316 MET A CB  1 
ATOM   1081 C CG  . MET A 1 137 ? 2.342   5.617   2.765   1.00 29.92  ? 316 MET A CG  1 
ATOM   1082 S SD  . MET A 1 137 ? 2.880   4.093   3.509   1.00 37.15  ? 316 MET A SD  1 
ATOM   1083 C CE  . MET A 1 137 ? 4.188   3.664   2.427   1.00 24.28  ? 316 MET A CE  1 
ATOM   1084 N N   . PRO A 1 138 ? 5.512   7.792   5.081   1.00 47.02  ? 317 PRO A N   1 
ATOM   1085 C CA  . PRO A 1 138 ? 6.555   8.796   5.297   1.00 46.04  ? 317 PRO A CA  1 
ATOM   1086 C C   . PRO A 1 138 ? 6.800   9.510   3.977   1.00 44.08  ? 317 PRO A C   1 
ATOM   1087 O O   . PRO A 1 138 ? 6.587   8.934   2.912   1.00 45.40  ? 317 PRO A O   1 
ATOM   1088 C CB  . PRO A 1 138 ? 7.748   7.966   5.769   1.00 45.25  ? 317 PRO A CB  1 
ATOM   1089 C CG  . PRO A 1 138 ? 7.490   6.610   5.187   1.00 45.89  ? 317 PRO A CG  1 
ATOM   1090 C CD  . PRO A 1 138 ? 6.017   6.439   5.369   1.00 43.65  ? 317 PRO A CD  1 
ATOM   1091 N N   . THR A 1 139 ? 7.202   10.773  4.041   1.00 45.38  ? 318 THR A N   1 
ATOM   1092 C CA  . THR A 1 139 ? 7.458   11.532  2.828   1.00 49.42  ? 318 THR A CA  1 
ATOM   1093 C C   . THR A 1 139 ? 8.880   11.218  2.383   1.00 54.43  ? 318 THR A C   1 
ATOM   1094 O O   . THR A 1 139 ? 9.829   11.412  3.136   1.00 58.14  ? 318 THR A O   1 
ATOM   1095 C CB  . THR A 1 139 ? 7.266   13.036  3.068   1.00 49.00  ? 318 THR A CB  1 
ATOM   1096 O OG1 . THR A 1 139 ? 8.176   13.493  4.077   1.00 54.24  ? 318 THR A OG1 1 
ATOM   1097 C CG2 . THR A 1 139 ? 5.842   13.307  3.525   1.00 44.85  ? 318 THR A CG2 1 
ATOM   1098 N N   . PRO A 1 140 ? 9.040   10.712  1.148   1.00 56.80  ? 319 PRO A N   1 
ATOM   1099 C CA  . PRO A 1 140 ? 10.334  10.343  0.568   1.00 59.25  ? 319 PRO A CA  1 
ATOM   1100 C C   . PRO A 1 140 ? 11.439  11.350  0.836   1.00 61.75  ? 319 PRO A C   1 
ATOM   1101 O O   . PRO A 1 140 ? 12.571  10.960  1.114   1.00 65.26  ? 319 PRO A O   1 
ATOM   1102 C CB  . PRO A 1 140 ? 10.018  10.209  -0.918  1.00 59.64  ? 319 PRO A CB  1 
ATOM   1103 C CG  . PRO A 1 140 ? 8.600   9.784   -0.919  1.00 60.48  ? 319 PRO A CG  1 
ATOM   1104 C CD  . PRO A 1 140 ? 7.990   10.686  0.118   1.00 56.48  ? 319 PRO A CD  1 
ATOM   1105 N N   . LYS A 1 141 ? 11.101  12.637  0.732   1.00 63.58  ? 320 LYS A N   1 
ATOM   1106 C CA  . LYS A 1 141 ? 12.035  13.739  0.978   1.00 66.07  ? 320 LYS A CA  1 
ATOM   1107 C C   . LYS A 1 141 ? 12.528  13.714  2.427   1.00 67.24  ? 320 LYS A C   1 
ATOM   1108 O O   . LYS A 1 141 ? 13.728  13.598  2.697   1.00 64.78  ? 320 LYS A O   1 
ATOM   1109 C CB  . LYS A 1 141 ? 11.332  15.074  0.706   1.00 69.42  ? 320 LYS A CB  1 
ATOM   1110 C CG  . LYS A 1 141 ? 11.911  16.288  1.443   1.00 68.25  ? 320 LYS A CG  1 
ATOM   1111 C CD  . LYS A 1 141 ? 10.882  17.428  1.467   1.00 73.42  ? 320 LYS A CD  1 
ATOM   1112 C CE  . LYS A 1 141 ? 11.353  18.659  2.242   1.00 70.58  ? 320 LYS A CE  1 
ATOM   1113 N NZ  . LYS A 1 141 ? 12.334  19.502  1.496   1.00 74.29  ? 320 LYS A NZ  1 
ATOM   1114 N N   . ASN A 1 142 ? 11.585  13.837  3.355   1.00 63.51  ? 321 ASN A N   1 
ATOM   1115 C CA  . ASN A 1 142 ? 11.906  13.830  4.768   1.00 62.81  ? 321 ASN A CA  1 
ATOM   1116 C C   . ASN A 1 142 ? 11.054  12.757  5.437   1.00 61.95  ? 321 ASN A C   1 
ATOM   1117 O O   . ASN A 1 142 ? 10.023  13.053  6.044   1.00 61.16  ? 321 ASN A O   1 
ATOM   1118 C CB  . ASN A 1 142 ? 11.626  15.216  5.361   1.00 65.19  ? 321 ASN A CB  1 
ATOM   1119 C CG  . ASN A 1 142 ? 11.969  15.305  6.840   1.00 69.93  ? 321 ASN A CG  1 
ATOM   1120 O OD1 . ASN A 1 142 ? 12.836  14.579  7.337   1.00 67.07  ? 321 ASN A OD1 1 
ATOM   1121 N ND2 . ASN A 1 142 ? 11.298  16.212  7.548   1.00 69.49  ? 321 ASN A ND2 1 
ATOM   1122 N N   . PRO A 1 143 ? 11.483  11.485  5.329   1.00 59.31  ? 322 PRO A N   1 
ATOM   1123 C CA  . PRO A 1 143 ? 10.775  10.341  5.911   1.00 59.95  ? 322 PRO A CA  1 
ATOM   1124 C C   . PRO A 1 143 ? 10.299  10.573  7.342   1.00 62.80  ? 322 PRO A C   1 
ATOM   1125 O O   . PRO A 1 143 ? 9.382   9.897   7.813   1.00 65.07  ? 322 PRO A O   1 
ATOM   1126 C CB  . PRO A 1 143 ? 11.796  9.208   5.797   1.00 57.88  ? 322 PRO A CB  1 
ATOM   1127 C CG  . PRO A 1 143 ? 13.115  9.925   5.764   1.00 52.79  ? 322 PRO A CG  1 
ATOM   1128 C CD  . PRO A 1 143 ? 12.817  11.077  4.860   1.00 55.41  ? 322 PRO A CD  1 
ATOM   1129 N N   . SER A 1 144 ? 10.926  11.529  8.023   1.00 62.74  ? 323 SER A N   1 
ATOM   1130 C CA  . SER A 1 144 ? 10.560  11.876  9.394   1.00 63.65  ? 323 SER A CA  1 
ATOM   1131 C C   . SER A 1 144 ? 9.118   12.393  9.377   1.00 61.91  ? 323 SER A C   1 
ATOM   1132 O O   . SER A 1 144 ? 8.374   12.246  10.351  1.00 57.84  ? 323 SER A O   1 
ATOM   1133 C CB  . SER A 1 144 ? 11.490  12.974  9.925   1.00 68.05  ? 323 SER A CB  1 
ATOM   1134 O OG  . SER A 1 144 ? 12.851  12.676  9.663   1.00 72.43  ? 323 SER A OG  1 
ATOM   1135 N N   . GLN A 1 145 ? 8.744   13.013  8.260   1.00 58.93  ? 324 GLN A N   1 
ATOM   1136 C CA  . GLN A 1 145 ? 7.399   13.542  8.073   1.00 54.96  ? 324 GLN A CA  1 
ATOM   1137 C C   . GLN A 1 145 ? 6.528   12.500  7.389   1.00 50.69  ? 324 GLN A C   1 
ATOM   1138 O O   . GLN A 1 145 ? 6.944   11.865  6.430   1.00 53.06  ? 324 GLN A O   1 
ATOM   1139 C CB  . GLN A 1 145 ? 7.430   14.813  7.226   1.00 55.86  ? 324 GLN A CB  1 
ATOM   1140 C CG  . GLN A 1 145 ? 7.839   16.049  7.992   1.00 64.19  ? 324 GLN A CG  1 
ATOM   1141 C CD  . GLN A 1 145 ? 6.864   16.376  9.105   1.00 69.30  ? 324 GLN A CD  1 
ATOM   1142 O OE1 . GLN A 1 145 ? 7.206   16.315  10.290  1.00 70.91  ? 324 GLN A OE1 1 
ATOM   1143 N NE2 . GLN A 1 145 ? 5.635   16.719  8.728   1.00 67.37  ? 324 GLN A NE2 1 
ATOM   1144 N N   . ARG A 1 146 ? 5.318   12.330  7.899   1.00 45.34  ? 325 ARG A N   1 
ATOM   1145 C CA  . ARG A 1 146 ? 4.380   11.376  7.355   1.00 38.33  ? 325 ARG A CA  1 
ATOM   1146 C C   . ARG A 1 146 ? 3.133   12.071  6.811   1.00 35.31  ? 325 ARG A C   1 
ATOM   1147 O O   . ARG A 1 146 ? 2.747   13.148  7.264   1.00 33.94  ? 325 ARG A O   1 
ATOM   1148 C CB  . ARG A 1 146 ? 3.962   10.382  8.442   1.00 40.24  ? 325 ARG A CB  1 
ATOM   1149 C CG  . ARG A 1 146 ? 5.016   9.389   8.860   1.00 35.48  ? 325 ARG A CG  1 
ATOM   1150 C CD  . ARG A 1 146 ? 4.390   7.998   8.934   1.00 40.72  ? 325 ARG A CD  1 
ATOM   1151 N NE  . ARG A 1 146 ? 3.762   7.669   10.216  1.00 37.27  ? 325 ARG A NE  1 
ATOM   1152 C CZ  . ARG A 1 146 ? 2.696   6.876   10.345  1.00 43.36  ? 325 ARG A CZ  1 
ATOM   1153 N NH1 . ARG A 1 146 ? 2.119   6.339   9.279   1.00 30.83  ? 325 ARG A NH1 1 
ATOM   1154 N NH2 . ARG A 1 146 ? 2.223   6.581   11.547  1.00 39.68  ? 325 ARG A NH2 1 
ATOM   1155 N N   . GLY A 1 147 ? 2.501   11.439  5.832   1.00 31.53  ? 326 GLY A N   1 
ATOM   1156 C CA  . GLY A 1 147 ? 1.278   11.984  5.279   1.00 24.27  ? 326 GLY A CA  1 
ATOM   1157 C C   . GLY A 1 147 ? 0.234   11.686  6.325   1.00 21.87  ? 326 GLY A C   1 
ATOM   1158 O O   . GLY A 1 147 ? 0.588   11.270  7.413   1.00 21.83  ? 326 GLY A O   1 
ATOM   1159 N N   . ASN A 1 148 ? -1.039  11.863  5.991   1.00 27.46  ? 327 ASN A N   1 
ATOM   1160 C CA  . ASN A 1 148 ? -2.127  11.640  6.941   1.00 30.68  ? 327 ASN A CA  1 
ATOM   1161 C C   . ASN A 1 148 ? -2.852  10.320  6.714   1.00 31.93  ? 327 ASN A C   1 
ATOM   1162 O O   . ASN A 1 148 ? -2.433  9.518   5.914   1.00 32.04  ? 327 ASN A O   1 
ATOM   1163 C CB  . ASN A 1 148 ? -3.115  12.808  6.862   1.00 39.08  ? 327 ASN A CB  1 
ATOM   1164 C CG  . ASN A 1 148 ? -2.437  14.165  7.062   1.00 44.65  ? 327 ASN A CG  1 
ATOM   1165 O OD1 . ASN A 1 148 ? -2.764  15.144  6.389   1.00 37.03  ? 327 ASN A OD1 1 
ATOM   1166 N ND2 . ASN A 1 148 ? -1.491  14.223  7.989   1.00 42.86  ? 327 ASN A ND2 1 
ATOM   1167 N N   . LEU A 1 149 ? -3.916  10.077  7.464   1.00 32.95  ? 328 LEU A N   1 
ATOM   1168 C CA  . LEU A 1 149 ? -4.694  8.857   7.306   1.00 30.29  ? 328 LEU A CA  1 
ATOM   1169 C C   . LEU A 1 149 ? -6.138  9.280   7.110   1.00 35.46  ? 328 LEU A C   1 
ATOM   1170 O O   . LEU A 1 149 ? -6.653  10.103  7.884   1.00 34.89  ? 328 LEU A O   1 
ATOM   1171 C CB  . LEU A 1 149 ? -4.601  7.974   8.553   1.00 29.48  ? 328 LEU A CB  1 
ATOM   1172 C CG  . LEU A 1 149 ? -5.693  6.893   8.634   1.00 33.28  ? 328 LEU A CG  1 
ATOM   1173 C CD1 . LEU A 1 149 ? -5.429  5.827   7.612   1.00 32.78  ? 328 LEU A CD1 1 
ATOM   1174 C CD2 . LEU A 1 149 ? -5.734  6.277   9.991   1.00 32.65  ? 328 LEU A CD2 1 
ATOM   1175 N N   . ILE A 1 150 ? -6.778  8.755   6.068   1.00 32.25  ? 329 ILE A N   1 
ATOM   1176 C CA  . ILE A 1 150 ? -8.158  9.088   5.843   1.00 31.80  ? 329 ILE A CA  1 
ATOM   1177 C C   . ILE A 1 150 ? -8.990  7.884   6.127   1.00 36.01  ? 329 ILE A C   1 
ATOM   1178 O O   . ILE A 1 150 ? -8.671  6.787   5.664   1.00 41.61  ? 329 ILE A O   1 
ATOM   1179 C CB  . ILE A 1 150 ? -8.442  9.520   4.412   1.00 35.79  ? 329 ILE A CB  1 
ATOM   1180 C CG1 . ILE A 1 150 ? -7.372  10.506  3.928   1.00 36.50  ? 329 ILE A CG1 1 
ATOM   1181 C CG2 . ILE A 1 150 ? -9.827  10.170  4.374   1.00 33.48  ? 329 ILE A CG2 1 
ATOM   1182 C CD1 . ILE A 1 150 ? -7.323  11.777  4.741   1.00 41.26  ? 329 ILE A CD1 1 
ATOM   1183 N N   . VAL A 1 151 ? -10.001 8.075   6.961   1.00 34.51  ? 330 VAL A N   1 
ATOM   1184 C CA  . VAL A 1 151 ? -10.904 7.007   7.298   1.00 34.83  ? 330 VAL A CA  1 
ATOM   1185 C C   . VAL A 1 151 ? -12.255 7.284   6.660   1.00 39.19  ? 330 VAL A C   1 
ATOM   1186 O O   . VAL A 1 151 ? -12.742 8.417   6.660   1.00 35.00  ? 330 VAL A O   1 
ATOM   1187 C CB  . VAL A 1 151 ? -11.090 6.873   8.821   1.00 35.70  ? 330 VAL A CB  1 
ATOM   1188 C CG1 . VAL A 1 151 ? -12.091 5.741   9.161   1.00 25.50  ? 330 VAL A CG1 1 
ATOM   1189 C CG2 . VAL A 1 151 ? -9.756  6.612   9.458   1.00 35.53  ? 330 VAL A CG2 1 
ATOM   1190 N N   . LYS A 1 152 ? -12.804 6.254   6.044   1.00 40.46  ? 331 LYS A N   1 
ATOM   1191 C CA  . LYS A 1 152 ? -14.104 6.329   5.414   1.00 41.37  ? 331 LYS A CA  1 
ATOM   1192 C C   . LYS A 1 152 ? -14.854 5.257   6.166   1.00 41.58  ? 331 LYS A C   1 
ATOM   1193 O O   . LYS A 1 152 ? -14.231 4.405   6.800   1.00 45.36  ? 331 LYS A O   1 
ATOM   1194 C CB  . LYS A 1 152 ? -14.009 6.024   3.914   1.00 41.10  ? 331 LYS A CB  1 
ATOM   1195 C CG  . LYS A 1 152 ? -13.500 7.202   3.113   1.00 46.38  ? 331 LYS A CG  1 
ATOM   1196 C CD  . LYS A 1 152 ? -13.098 6.835   1.695   1.00 47.69  ? 331 LYS A CD  1 
ATOM   1197 C CE  . LYS A 1 152 ? -12.641 8.078   0.914   1.00 45.08  ? 331 LYS A CE  1 
ATOM   1198 N NZ  . LYS A 1 152 ? -12.054 7.733   -0.416  1.00 38.31  ? 331 LYS A NZ  1 
ATOM   1199 N N   . TYR A 1 153 ? -16.173 5.298   6.121   1.00 39.24  ? 332 TYR A N   1 
ATOM   1200 C CA  . TYR A 1 153 ? -16.953 4.333   6.872   1.00 38.61  ? 332 TYR A CA  1 
ATOM   1201 C C   . TYR A 1 153 ? -17.875 3.625   5.893   1.00 37.82  ? 332 TYR A C   1 
ATOM   1202 O O   . TYR A 1 153 ? -18.337 4.241   4.957   1.00 34.69  ? 332 TYR A O   1 
ATOM   1203 C CB  . TYR A 1 153 ? -17.765 5.063   7.947   1.00 32.21  ? 332 TYR A CB  1 
ATOM   1204 C CG  . TYR A 1 153 ? -16.953 6.040   8.779   1.00 30.34  ? 332 TYR A CG  1 
ATOM   1205 C CD1 . TYR A 1 153 ? -16.220 5.616   9.884   1.00 34.52  ? 332 TYR A CD1 1 
ATOM   1206 C CD2 . TYR A 1 153 ? -16.889 7.386   8.431   1.00 30.09  ? 332 TYR A CD2 1 
ATOM   1207 C CE1 . TYR A 1 153 ? -15.442 6.513   10.616  1.00 34.93  ? 332 TYR A CE1 1 
ATOM   1208 C CE2 . TYR A 1 153 ? -16.121 8.279   9.148   1.00 35.16  ? 332 TYR A CE2 1 
ATOM   1209 C CZ  . TYR A 1 153 ? -15.402 7.836   10.236  1.00 32.96  ? 332 TYR A CZ  1 
ATOM   1210 O OH  . TYR A 1 153 ? -14.624 8.713   10.939  1.00 31.77  ? 332 TYR A OH  1 
ATOM   1211 N N   . LYS A 1 154 ? -18.105 2.330   6.081   1.00 39.29  ? 333 LYS A N   1 
ATOM   1212 C CA  . LYS A 1 154 ? -19.001 1.587   5.207   1.00 44.37  ? 333 LYS A CA  1 
ATOM   1213 C C   . LYS A 1 154 ? -20.147 1.153   6.087   1.00 47.68  ? 333 LYS A C   1 
ATOM   1214 O O   . LYS A 1 154 ? -20.208 -0.001  6.519   1.00 48.27  ? 333 LYS A O   1 
ATOM   1215 C CB  . LYS A 1 154 ? -18.317 0.362   4.606   1.00 50.96  ? 333 LYS A CB  1 
ATOM   1216 C CG  . LYS A 1 154 ? -19.243 -0.539  3.801   1.00 51.59  ? 333 LYS A CG  1 
ATOM   1217 C CD  . LYS A 1 154 ? -19.165 -0.255  2.320   1.00 58.07  ? 333 LYS A CD  1 
ATOM   1218 C CE  . LYS A 1 154 ? -19.995 -1.277  1.541   1.00 63.47  ? 333 LYS A CE  1 
ATOM   1219 N NZ  . LYS A 1 154 ? -19.614 -2.690  1.867   1.00 67.61  ? 333 LYS A NZ  1 
ATOM   1220 N N   . VAL A 1 155 ? -21.032 2.105   6.375   1.00 48.83  ? 334 VAL A N   1 
ATOM   1221 C CA  . VAL A 1 155 ? -22.196 1.869   7.208   1.00 48.73  ? 334 VAL A CA  1 
ATOM   1222 C C   . VAL A 1 155 ? -23.145 0.828   6.625   1.00 48.94  ? 334 VAL A C   1 
ATOM   1223 O O   . VAL A 1 155 ? -23.817 1.055   5.618   1.00 49.28  ? 334 VAL A O   1 
ATOM   1224 C CB  . VAL A 1 155 ? -22.951 3.194   7.472   1.00 44.50  ? 334 VAL A CB  1 
ATOM   1225 C CG1 . VAL A 1 155 ? -22.923 4.059   6.236   1.00 52.04  ? 334 VAL A CG1 1 
ATOM   1226 C CG2 . VAL A 1 155 ? -24.387 2.905   7.914   1.00 50.04  ? 334 VAL A CG2 1 
ATOM   1227 N N   . ASP A 1 156 ? -23.180 -0.333  7.264   1.00 52.19  ? 335 ASP A N   1 
ATOM   1228 C CA  . ASP A 1 156 ? -24.035 -1.426  6.826   1.00 56.29  ? 335 ASP A CA  1 
ATOM   1229 C C   . ASP A 1 156 ? -25.490 -1.150  7.176   1.00 55.33  ? 335 ASP A C   1 
ATOM   1230 O O   . ASP A 1 156 ? -25.824 -0.833  8.323   1.00 58.08  ? 335 ASP A O   1 
ATOM   1231 C CB  . ASP A 1 156 ? -23.571 -2.734  7.468   1.00 61.03  ? 335 ASP A CB  1 
ATOM   1232 C CG  . ASP A 1 156 ? -24.718 -3.650  7.808   1.00 69.34  ? 335 ASP A CG  1 
ATOM   1233 O OD1 . ASP A 1 156 ? -25.294 -3.491  8.910   1.00 74.13  ? 335 ASP A OD1 1 
ATOM   1234 O OD2 . ASP A 1 156 ? -25.055 -4.516  6.971   1.00 74.62  ? 335 ASP A OD2 1 
ATOM   1235 N N   . TYR A 1 157 ? -26.355 -1.265  6.172   1.00 53.89  ? 336 TYR A N   1 
ATOM   1236 C CA  . TYR A 1 157 ? -27.786 -1.016  6.339   1.00 52.23  ? 336 TYR A CA  1 
ATOM   1237 C C   . TYR A 1 157 ? -28.629 -2.282  6.427   1.00 53.10  ? 336 TYR A C   1 
ATOM   1238 O O   . TYR A 1 157 ? -28.280 -3.330  5.870   1.00 48.11  ? 336 TYR A O   1 
ATOM   1239 C CB  . TYR A 1 157 ? -28.314 -0.154  5.186   1.00 49.98  ? 336 TYR A CB  1 
ATOM   1240 C CG  . TYR A 1 157 ? -28.609 1.280   5.562   1.00 46.51  ? 336 TYR A CG  1 
ATOM   1241 C CD1 . TYR A 1 157 ? -27.712 2.011   6.321   1.00 46.65  ? 336 TYR A CD1 1 
ATOM   1242 C CD2 . TYR A 1 157 ? -29.760 1.925   5.109   1.00 47.09  ? 336 TYR A CD2 1 
ATOM   1243 C CE1 . TYR A 1 157 ? -27.939 3.353   6.619   1.00 50.69  ? 336 TYR A CE1 1 
ATOM   1244 C CE2 . TYR A 1 157 ? -30.000 3.277   5.399   1.00 45.37  ? 336 TYR A CE2 1 
ATOM   1245 C CZ  . TYR A 1 157 ? -29.080 3.981   6.157   1.00 48.20  ? 336 TYR A CZ  1 
ATOM   1246 O OH  . TYR A 1 157 ? -29.280 5.317   6.460   1.00 44.09  ? 336 TYR A OH  1 
ATOM   1247 N N   . PRO A 1 158 ? -29.761 -2.190  7.148   1.00 54.03  ? 337 PRO A N   1 
ATOM   1248 C CA  . PRO A 1 158 ? -30.711 -3.286  7.350   1.00 54.88  ? 337 PRO A CA  1 
ATOM   1249 C C   . PRO A 1 158 ? -31.388 -3.562  6.010   1.00 55.98  ? 337 PRO A C   1 
ATOM   1250 O O   . PRO A 1 158 ? -31.985 -2.659  5.434   1.00 53.43  ? 337 PRO A O   1 
ATOM   1251 C CB  . PRO A 1 158 ? -31.670 -2.755  8.413   1.00 54.62  ? 337 PRO A CB  1 
ATOM   1252 C CG  . PRO A 1 158 ? -31.279 -1.399  8.720   1.00 50.52  ? 337 PRO A CG  1 
ATOM   1253 C CD  . PRO A 1 158 ? -30.126 -0.978  7.899   1.00 52.92  ? 337 PRO A CD  1 
ATOM   1254 N N   . ILE A 1 159 ? -31.247 -4.782  5.499   1.00 59.28  ? 338 ILE A N   1 
ATOM   1255 C CA  . ILE A 1 159 ? -31.826 -5.159  4.208   1.00 64.11  ? 338 ILE A CA  1 
ATOM   1256 C C   . ILE A 1 159 ? -33.361 -5.114  4.169   1.00 69.79  ? 338 ILE A C   1 
ATOM   1257 O O   . ILE A 1 159 ? -33.952 -4.598  3.227   1.00 74.17  ? 338 ILE A O   1 
ATOM   1258 C CB  . ILE A 1 159 ? -31.384 -6.581  3.811   1.00 64.59  ? 338 ILE A CB  1 
ATOM   1259 C CG1 . ILE A 1 159 ? -29.854 -6.658  3.807   1.00 64.90  ? 338 ILE A CG1 1 
ATOM   1260 C CG2 . ILE A 1 159 ? -31.913 -6.931  2.428   1.00 67.46  ? 338 ILE A CG2 1 
ATOM   1261 C CD1 . ILE A 1 159 ? -29.282 -8.018  3.512   1.00 60.36  ? 338 ILE A CD1 1 
ATOM   1262 N N   . SER A 1 160 ? -33.995 -5.670  5.188   1.00 71.43  ? 339 SER A N   1 
ATOM   1263 C CA  . SER A 1 160 ? -35.449 -5.693  5.271   1.00 73.95  ? 339 SER A CA  1 
ATOM   1264 C C   . SER A 1 160 ? -35.727 -5.251  6.690   1.00 75.09  ? 339 SER A C   1 
ATOM   1265 O O   . SER A 1 160 ? -35.598 -6.049  7.603   1.00 76.08  ? 339 SER A O   1 
ATOM   1266 C CB  . SER A 1 160 ? -35.986 -7.112  5.114   1.00 71.29  ? 339 SER A CB  1 
ATOM   1267 O OG  . SER A 1 160 ? -36.253 -7.701  6.392   1.00 63.98  ? 339 SER A OG  1 
ATOM   1268 N N   . LEU A 1 161 ? -36.056 -3.997  6.936   1.00 76.81  ? 340 LEU A N   1 
ATOM   1269 C CA  . LEU A 1 161 ? -36.339 -3.766  8.329   1.00 82.03  ? 340 LEU A CA  1 
ATOM   1270 C C   . LEU A 1 161 ? -37.639 -4.555  8.433   1.00 85.16  ? 340 LEU A C   1 
ATOM   1271 O O   . LEU A 1 161 ? -38.531 -4.369  7.611   1.00 89.67  ? 340 LEU A O   1 
ATOM   1272 C CB  . LEU A 1 161 ? -36.547 -2.296  8.653   1.00 78.38  ? 340 LEU A CB  1 
ATOM   1273 C CG  . LEU A 1 161 ? -36.608 -1.360  7.484   1.00 80.45  ? 340 LEU A CG  1 
ATOM   1274 C CD1 . LEU A 1 161 ? -37.968 -0.763  7.439   1.00 75.72  ? 340 LEU A CD1 1 
ATOM   1275 C CD2 . LEU A 1 161 ? -35.537 -0.325  7.663   1.00 82.15  ? 340 LEU A CD2 1 
ATOM   1276 N N   . ASN A 1 162 ? -37.712 -5.501  9.362   1.00 86.48  ? 341 ASN A N   1 
ATOM   1277 C CA  . ASN A 1 162 ? -38.943 -6.276  9.505   1.00 88.16  ? 341 ASN A CA  1 
ATOM   1278 C C   . ASN A 1 162 ? -40.072 -5.295  9.850   1.00 88.53  ? 341 ASN A C   1 
ATOM   1279 O O   . ASN A 1 162 ? -39.944 -4.094  9.608   1.00 87.02  ? 341 ASN A O   1 
ATOM   1280 C CB  . ASN A 1 162 ? -38.815 -7.342  10.613  1.00 87.40  ? 341 ASN A CB  1 
ATOM   1281 C CG  . ASN A 1 162 ? -38.397 -6.759  11.950  1.00 86.10  ? 341 ASN A CG  1 
ATOM   1282 O OD1 . ASN A 1 162 ? -38.908 -5.728  12.398  1.00 86.79  ? 341 ASN A OD1 1 
ATOM   1283 N ND2 . ASN A 1 162 ? -37.468 -7.431  12.607  1.00 82.46  ? 341 ASN A ND2 1 
ATOM   1284 N N   . ASP A 1 163 ? -41.164 -5.809  10.405  1.00 90.50  ? 342 ASP A N   1 
ATOM   1285 C CA  . ASP A 1 163 ? -42.314 -4.998  10.794  1.00 91.51  ? 342 ASP A CA  1 
ATOM   1286 C C   . ASP A 1 163 ? -41.910 -3.935  11.829  1.00 89.98  ? 342 ASP A C   1 
ATOM   1287 O O   . ASP A 1 163 ? -41.768 -2.753  11.516  1.00 89.60  ? 342 ASP A O   1 
ATOM   1288 C CB  . ASP A 1 163 ? -43.379 -5.910  11.395  1.00 91.63  ? 342 ASP A CB  1 
ATOM   1289 C CG  . ASP A 1 163 ? -44.749 -5.661  10.821  1.00 92.16  ? 342 ASP A CG  1 
ATOM   1290 O OD1 . ASP A 1 163 ? -45.197 -4.495  10.841  1.00 92.27  ? 342 ASP A OD1 1 
ATOM   1291 O OD2 . ASP A 1 163 ? -45.370 -6.638  10.359  1.00 93.00  ? 342 ASP A OD2 1 
ATOM   1292 N N   . ALA A 1 164 ? -41.718 -4.380  13.065  1.00 89.98  ? 343 ALA A N   1 
ATOM   1293 C CA  . ALA A 1 164 ? -41.330 -3.515  14.172  1.00 89.96  ? 343 ALA A CA  1 
ATOM   1294 C C   . ALA A 1 164 ? -40.243 -2.536  13.760  1.00 89.12  ? 343 ALA A C   1 
ATOM   1295 O O   . ALA A 1 164 ? -40.285 -1.356  14.112  1.00 88.49  ? 343 ALA A O   1 
ATOM   1296 C CB  . ALA A 1 164 ? -40.848 -4.365  15.331  1.00 90.95  ? 343 ALA A CB  1 
ATOM   1297 N N   . GLN A 1 165 ? -39.268 -3.044  13.017  1.00 87.84  ? 344 GLN A N   1 
ATOM   1298 C CA  . GLN A 1 165 ? -38.151 -2.248  12.532  1.00 87.13  ? 344 GLN A CA  1 
ATOM   1299 C C   . GLN A 1 165 ? -38.668 -1.157  11.604  1.00 86.21  ? 344 GLN A C   1 
ATOM   1300 O O   . GLN A 1 165 ? -38.349 0.025   11.772  1.00 86.28  ? 344 GLN A O   1 
ATOM   1301 C CB  . GLN A 1 165 ? -37.169 -3.141  11.763  1.00 85.04  ? 344 GLN A CB  1 
ATOM   1302 C CG  . GLN A 1 165 ? -36.241 -3.953  12.638  1.00 85.66  ? 344 GLN A CG  1 
ATOM   1303 C CD  . GLN A 1 165 ? -35.493 -5.021  11.862  1.00 84.13  ? 344 GLN A CD  1 
ATOM   1304 O OE1 . GLN A 1 165 ? -35.019 -4.806  10.745  1.00 83.81  ? 344 GLN A OE1 1 
ATOM   1305 N NE2 . GLN A 1 165 ? -35.368 -6.192  12.467  1.00 82.19  ? 344 GLN A NE2 1 
ATOM   1306 N N   . LYS A 1 166 ? -39.482 -1.570  10.635  1.00 83.69  ? 345 LYS A N   1 
ATOM   1307 C CA  . LYS A 1 166 ? -40.048 -0.675  9.629   1.00 83.15  ? 345 LYS A CA  1 
ATOM   1308 C C   . LYS A 1 166 ? -40.935 0.412   10.201  1.00 82.72  ? 345 LYS A C   1 
ATOM   1309 O O   . LYS A 1 166 ? -41.580 1.144   9.455   1.00 80.89  ? 345 LYS A O   1 
ATOM   1310 C CB  . LYS A 1 166 ? -40.832 -1.488  8.586   1.00 82.37  ? 345 LYS A CB  1 
ATOM   1311 C CG  . LYS A 1 166 ? -41.297 -0.697  7.363   1.00 79.99  ? 345 LYS A CG  1 
ATOM   1312 C CD  . LYS A 1 166 ? -41.575 -1.600  6.172   1.00 76.51  ? 345 LYS A CD  1 
ATOM   1313 C CE  . LYS A 1 166 ? -41.933 -0.773  4.945   1.00 76.12  ? 345 LYS A CE  1 
ATOM   1314 N NZ  . LYS A 1 166 ? -42.062 -1.601  3.707   1.00 74.36  ? 345 LYS A NZ  1 
ATOM   1315 N N   . ARG A 1 167 ? -40.938 0.547   11.520  1.00 85.39  ? 346 ARG A N   1 
ATOM   1316 C CA  . ARG A 1 167 ? -41.777 1.539   12.171  1.00 88.26  ? 346 ARG A CA  1 
ATOM   1317 C C   . ARG A 1 167 ? -40.983 2.670   12.797  1.00 91.37  ? 346 ARG A C   1 
ATOM   1318 O O   . ARG A 1 167 ? -41.016 3.811   12.318  1.00 90.43  ? 346 ARG A O   1 
ATOM   1319 C CB  . ARG A 1 167 ? -42.633 0.846   13.232  1.00 85.31  ? 346 ARG A CB  1 
ATOM   1320 C CG  . ARG A 1 167 ? -43.600 -0.178  12.649  1.00 83.78  ? 346 ARG A CG  1 
ATOM   1321 C CD  . ARG A 1 167 ? -44.063 -1.199  13.681  1.00 85.41  ? 346 ARG A CD  1 
ATOM   1322 N NE  . ARG A 1 167 ? -45.030 -2.144  13.116  1.00 85.97  ? 346 ARG A NE  1 
ATOM   1323 C CZ  . ARG A 1 167 ? -45.484 -3.237  13.733  1.00 84.13  ? 346 ARG A CZ  1 
ATOM   1324 N NH1 . ARG A 1 167 ? -45.067 -3.553  14.955  1.00 79.94  ? 346 ARG A NH1 1 
ATOM   1325 N NH2 . ARG A 1 167 ? -46.364 -4.019  13.124  1.00 82.21  ? 346 ARG A NH2 1 
ATOM   1326 N N   . ALA A 1 168 ? -40.278 2.336   13.872  1.00 94.46  ? 347 ALA A N   1 
ATOM   1327 C CA  . ALA A 1 168 ? -39.469 3.283   14.628  1.00 98.56  ? 347 ALA A CA  1 
ATOM   1328 C C   . ALA A 1 168 ? -38.819 4.356   13.768  1.00 100.29 ? 347 ALA A C   1 
ATOM   1329 O O   . ALA A 1 168 ? -38.854 5.541   14.104  1.00 102.13 ? 347 ALA A O   1 
ATOM   1330 C CB  . ALA A 1 168 ? -38.401 2.530   15.404  1.00 100.07 ? 347 ALA A CB  1 
ATOM   1331 N N   . ILE A 1 169 ? -38.223 3.927   12.661  1.00 101.36 ? 348 ILE A N   1 
ATOM   1332 C CA  . ILE A 1 169 ? -37.542 4.824   11.734  1.00 100.96 ? 348 ILE A CA  1 
ATOM   1333 C C   . ILE A 1 169 ? -38.246 6.162   11.572  1.00 100.48 ? 348 ILE A C   1 
ATOM   1334 O O   . ILE A 1 169 ? -37.625 7.219   11.698  1.00 99.28  ? 348 ILE A O   1 
ATOM   1335 C CB  . ILE A 1 169 ? -37.416 4.180   10.340  1.00 101.33 ? 348 ILE A CB  1 
ATOM   1336 C CG1 . ILE A 1 169 ? -36.695 2.838   10.450  1.00 101.51 ? 348 ILE A CG1 1 
ATOM   1337 C CG2 . ILE A 1 169 ? -36.658 5.108   9.402   1.00 101.00 ? 348 ILE A CG2 1 
ATOM   1338 C CD1 . ILE A 1 169 ? -36.674 2.075   9.166   1.00 102.58 ? 348 ILE A CD1 1 
ATOM   1339 N N   . ASP A 1 170 ? -39.547 6.111   11.299  1.00 101.68 ? 349 ASP A N   1 
ATOM   1340 C CA  . ASP A 1 170 ? -40.324 7.326   11.095  1.00 102.91 ? 349 ASP A CA  1 
ATOM   1341 C C   . ASP A 1 170 ? -40.570 8.105   12.381  1.00 103.26 ? 349 ASP A C   1 
ATOM   1342 O O   . ASP A 1 170 ? -40.519 9.352   12.290  1.00 103.26 ? 349 ASP A O   1 
ATOM   1343 C CB  . ASP A 1 170 ? -41.661 6.993   10.437  1.00 103.00 ? 349 ASP A CB  1 
ATOM   1344 C CG  . ASP A 1 170 ? -42.303 8.205   9.797   1.00 103.26 ? 349 ASP A CG  1 
ATOM   1345 O OD1 . ASP A 1 170 ? -42.535 9.203   10.513  1.00 102.18 ? 349 ASP A OD1 1 
ATOM   1346 O OD2 . ASP A 1 170 ? -42.572 8.161   8.579   1.00 101.57 ? 349 ASP A OD2 1 
HETATM 1347 O O   . HOH B 2 .   ? 23.578  1.728   -31.793 1.00 57.37  ? 1   HOH A O   1 
HETATM 1348 O O   . HOH B 2 .   ? 19.324  4.051   -25.284 1.00 79.16  ? 2   HOH A O   1 
HETATM 1349 O O   . HOH B 2 .   ? 20.066  1.667   -27.712 1.00 68.72  ? 3   HOH A O   1 
HETATM 1350 O O   . HOH B 2 .   ? 15.932  2.803   -28.563 1.00 68.51  ? 4   HOH A O   1 
HETATM 1351 O O   . HOH B 2 .   ? 15.885  0.060   -26.700 1.00 46.60  ? 5   HOH A O   1 
HETATM 1352 O O   . HOH B 2 .   ? 11.791  -9.138  -30.827 1.00 78.85  ? 6   HOH A O   1 
HETATM 1353 O O   . HOH B 2 .   ? 10.625  -3.514  -21.225 1.00 57.92  ? 7   HOH A O   1 
HETATM 1354 O O   . HOH B 2 .   ? 26.873  -11.982 -11.889 1.00 72.30  ? 8   HOH A O   1 
HETATM 1355 O O   . HOH B 2 .   ? 32.748  -14.083 -15.139 1.00 74.47  ? 9   HOH A O   1 
HETATM 1356 O O   . HOH B 2 .   ? 28.986  -13.863 -15.366 1.00 69.79  ? 10  HOH A O   1 
HETATM 1357 O O   . HOH B 2 .   ? 20.226  3.875   6.618   1.00 51.20  ? 11  HOH A O   1 
HETATM 1358 O O   . HOH B 2 .   ? 11.541  4.235   -19.091 1.00 72.55  ? 12  HOH A O   1 
HETATM 1359 O O   . HOH B 2 .   ? 24.337  -3.540  -23.162 1.00 67.85  ? 13  HOH A O   1 
HETATM 1360 O O   . HOH B 2 .   ? 33.489  -1.649  -20.504 1.00 70.47  ? 14  HOH A O   1 
HETATM 1361 O O   . HOH B 2 .   ? 31.931  -7.411  -24.484 1.00 84.52  ? 15  HOH A O   1 
HETATM 1362 O O   . HOH B 2 .   ? -9.966  -7.596  6.776   1.00 51.52  ? 16  HOH A O   1 
HETATM 1363 O O   . HOH B 2 .   ? -16.837 -9.125  3.345   1.00 67.71  ? 17  HOH A O   1 
HETATM 1364 O O   . HOH B 2 .   ? -15.683 -7.299  0.535   1.00 59.28  ? 18  HOH A O   1 
HETATM 1365 O O   . HOH B 2 .   ? -13.564 -8.527  -3.348  1.00 95.83  ? 19  HOH A O   1 
HETATM 1366 O O   . HOH B 2 .   ? -4.029  -2.775  9.476   1.00 46.42  ? 20  HOH A O   1 
HETATM 1367 O O   . HOH B 2 .   ? -1.596  -4.494  9.037   1.00 67.64  ? 21  HOH A O   1 
HETATM 1368 O O   . HOH B 2 .   ? 1.039   14.057  -2.122  1.00 66.93  ? 22  HOH A O   1 
HETATM 1369 O O   . HOH B 2 .   ? -15.837 -1.013  0.991   1.00 66.41  ? 23  HOH A O   1 
HETATM 1370 O O   . HOH B 2 .   ? -28.335 -4.319  10.615  1.00 58.55  ? 24  HOH A O   1 
HETATM 1371 O O   . HOH B 2 .   ? -24.569 -3.889  15.620  1.00 56.66  ? 25  HOH A O   1 
HETATM 1372 O O   . HOH B 2 .   ? 0.205   -4.624  18.010  1.00 54.08  ? 26  HOH A O   1 
HETATM 1373 O O   . HOH B 2 .   ? -16.743 14.283  4.383   1.00 75.58  ? 27  HOH A O   1 
HETATM 1374 O O   . HOH B 2 .   ? -13.747 13.001  12.699  1.00 58.36  ? 28  HOH A O   1 
HETATM 1375 O O   . HOH B 2 .   ? -9.747  18.463  6.631   1.00 52.60  ? 29  HOH A O   1 
HETATM 1376 O O   . HOH B 2 .   ? -7.176  15.501  4.803   1.00 84.16  ? 30  HOH A O   1 
HETATM 1377 O O   . HOH B 2 .   ? 7.046   9.789   16.199  1.00 56.19  ? 31  HOH A O   1 
HETATM 1378 O O   . HOH B 2 .   ? 10.230  9.896   12.664  1.00 48.97  ? 32  HOH A O   1 
HETATM 1379 O O   . HOH B 2 .   ? -37.465 13.322  11.780  1.00 69.19  ? 33  HOH A O   1 
# 
